data_6S32
#
_entry.id   6S32
#
_cell.length_a   49.658
_cell.length_b   78.172
_cell.length_c   108.685
_cell.angle_alpha   104.23
_cell.angle_beta   99.98
_cell.angle_gamma   90.04
#
_symmetry.space_group_name_H-M   'P 1'
#
loop_
_entity.id
_entity.type
_entity.pdbx_description
1 polymer 'NADH:flavin oxidoreductase/NADH oxidase'
2 non-polymer 'ACETATE ION'
3 non-polymer BENZAMIDINE
4 non-polymer 'FLAVIN MONONUCLEOTIDE'
5 water water
#
_entity_poly.entity_id   1
_entity_poly.type   'polypeptide(L)'
_entity_poly.pdbx_seq_one_letter_code
;MGSSHHHHHHSSGLVPRGSHMNTNIDLFSPVRLGRYELPNRMVMAPLTRNRAGEGNVPRELNAEYYAQRVSAGLIITEAT
QVSPQGLGYPFTPGIHSQEQVEGWRLVTKAVHDRGGKIFLQLWHVGRISHPDLQVDGALPVAPSAIAPSEGMAATYEGEK
PYVTPRALETAEIPGIVEQYRQGAKNALAAGFDGVEIHSANGYLLDQFLHDGSNHRTDEYGGSIENRARLLMEVTEAVVS
VWGADRVGVRLSPSGTFGSVYDSDLKALFTYVVDALNQFELAYLHLVEPRVAGNETVENPTSELSSKYFRPIYKGTLISA
GGYDRESGNAVLASGDADLVAYGRLFISNPDLPQRFALNAQLNPYDRSSFYGGDKRGYTDYPSLELQAAG
;
_entity_poly.pdbx_strand_id   A,B,C,D
#
loop_
_chem_comp.id
_chem_comp.type
_chem_comp.name
_chem_comp.formula
ACT non-polymer 'ACETATE ION' 'C2 H3 O2 -1'
BEN non-polymer BENZAMIDINE 'C7 H8 N2'
FMN non-polymer 'FLAVIN MONONUCLEOTIDE' 'C17 H21 N4 O9 P'
#
# COMPACT_ATOMS: atom_id res chain seq x y z
N ILE A 25 35.95 -15.37 -23.54
CA ILE A 25 35.01 -14.50 -24.36
C ILE A 25 35.61 -14.17 -25.70
N ASP A 26 34.83 -14.34 -26.77
CA ASP A 26 35.29 -13.93 -28.09
C ASP A 26 34.13 -13.31 -28.85
N LEU A 27 34.31 -13.03 -30.16
CA LEU A 27 33.30 -12.29 -30.91
C LEU A 27 31.98 -13.08 -30.94
N PHE A 28 32.06 -14.43 -30.81
CA PHE A 28 30.95 -15.33 -31.01
C PHE A 28 30.19 -15.64 -29.70
N SER A 29 30.75 -15.23 -28.56
CA SER A 29 30.18 -15.44 -27.23
C SER A 29 28.92 -14.60 -27.07
N PRO A 30 27.83 -15.13 -26.44
CA PRO A 30 26.64 -14.34 -26.13
C PRO A 30 26.99 -13.24 -25.13
N VAL A 31 26.12 -12.22 -25.04
CA VAL A 31 26.35 -11.15 -24.08
C VAL A 31 24.99 -10.56 -23.73
N ARG A 32 24.87 -10.06 -22.50
CA ARG A 32 23.70 -9.27 -22.10
C ARG A 32 23.89 -7.79 -22.48
N LEU A 33 22.88 -7.23 -23.13
CA LEU A 33 22.91 -5.80 -23.41
C LEU A 33 21.60 -5.17 -22.98
N GLY A 34 21.64 -4.43 -21.89
CA GLY A 34 20.46 -3.86 -21.27
C GLY A 34 19.46 -4.99 -21.08
N ARG A 35 18.24 -4.79 -21.60
CA ARG A 35 17.14 -5.78 -21.41
C ARG A 35 17.19 -6.89 -22.46
N TYR A 36 18.33 -7.15 -23.11
CA TYR A 36 18.35 -8.23 -24.11
C TYR A 36 19.50 -9.20 -23.90
N GLU A 37 19.27 -10.42 -24.36
CA GLU A 37 20.32 -11.43 -24.39
C GLU A 37 20.70 -11.58 -25.85
N LEU A 38 21.90 -11.10 -26.21
CA LEU A 38 22.32 -11.20 -27.60
C LEU A 38 23.13 -12.47 -27.83
N PRO A 39 23.06 -13.04 -29.05
CA PRO A 39 23.72 -14.30 -29.35
C PRO A 39 25.23 -14.22 -29.67
N ASN A 40 25.72 -12.99 -29.89
CA ASN A 40 27.14 -12.75 -30.16
C ASN A 40 27.47 -11.30 -29.80
N ARG A 41 28.76 -10.95 -29.92
CA ARG A 41 29.24 -9.65 -29.49
C ARG A 41 29.62 -8.80 -30.67
N MET A 42 29.09 -9.15 -31.84
CA MET A 42 29.33 -8.34 -33.02
C MET A 42 28.20 -7.37 -33.32
N VAL A 43 28.50 -6.10 -33.45
CA VAL A 43 27.48 -5.06 -33.68
C VAL A 43 27.68 -4.52 -35.10
N MET A 44 26.55 -4.34 -35.80
CA MET A 44 26.63 -3.57 -37.03
C MET A 44 26.60 -2.10 -36.64
N ALA A 45 27.74 -1.42 -36.90
CA ALA A 45 27.90 0.00 -36.54
C ALA A 45 26.86 0.80 -37.31
N PRO A 46 26.52 2.01 -36.82
CA PRO A 46 25.60 2.90 -37.52
C PRO A 46 26.30 3.39 -38.77
N LEU A 47 25.57 3.32 -39.91
CA LEU A 47 26.20 3.66 -41.17
C LEU A 47 25.26 4.43 -42.07
N THR A 48 25.51 5.73 -42.20
CA THR A 48 24.80 6.55 -43.18
C THR A 48 25.04 6.01 -44.59
N ARG A 49 23.92 5.76 -45.29
CA ARG A 49 23.93 5.19 -46.67
C ARG A 49 23.23 6.11 -47.68
N ASN A 50 22.50 7.14 -47.21
CA ASN A 50 21.82 8.08 -48.10
C ASN A 50 20.90 7.38 -49.12
N ARG A 51 20.03 6.48 -48.62
CA ARG A 51 19.12 5.72 -49.51
C ARG A 51 17.66 5.85 -49.06
N ALA A 52 17.27 6.96 -48.42
CA ALA A 52 15.89 7.13 -48.01
C ALA A 52 15.00 7.51 -49.22
N GLY A 53 13.68 7.24 -49.05
CA GLY A 53 12.69 7.59 -50.07
C GLY A 53 12.14 9.01 -49.88
N GLU A 54 11.00 9.29 -50.51
CA GLU A 54 10.41 10.62 -50.48
C GLU A 54 10.12 11.00 -49.04
N GLY A 55 10.33 12.29 -48.74
CA GLY A 55 10.14 12.82 -47.40
C GLY A 55 10.99 12.12 -46.34
N ASN A 56 12.17 11.63 -46.75
CA ASN A 56 13.12 11.04 -45.82
C ASN A 56 12.50 9.84 -45.12
N VAL A 57 11.66 9.13 -45.85
CA VAL A 57 10.99 7.97 -45.29
C VAL A 57 11.73 6.70 -45.69
N PRO A 58 12.13 5.80 -44.76
CA PRO A 58 12.65 4.49 -45.14
C PRO A 58 11.71 3.72 -46.04
N ARG A 59 12.31 2.84 -46.83
CA ARG A 59 11.61 2.15 -47.89
C ARG A 59 12.01 0.68 -47.93
N GLU A 60 11.32 -0.08 -48.80
CA GLU A 60 11.44 -1.53 -48.75
C GLU A 60 12.91 -1.97 -48.95
N LEU A 61 13.65 -1.23 -49.79
CA LEU A 61 15.04 -1.54 -50.08
C LEU A 61 15.87 -1.46 -48.80
N ASN A 62 15.61 -0.44 -47.97
CA ASN A 62 16.33 -0.31 -46.71
C ASN A 62 16.02 -1.47 -45.77
N ALA A 63 14.76 -1.95 -45.77
CA ALA A 63 14.39 -3.08 -44.93
C ALA A 63 15.12 -4.35 -45.36
N GLU A 64 15.28 -4.53 -46.69
CA GLU A 64 16.05 -5.66 -47.22
C GLU A 64 17.46 -5.61 -46.70
N TYR A 65 18.07 -4.45 -46.86
CA TYR A 65 19.43 -4.25 -46.42
C TYR A 65 19.67 -4.65 -44.96
N TYR A 66 18.86 -4.16 -44.03
CA TYR A 66 19.07 -4.43 -42.62
C TYR A 66 18.80 -5.92 -42.40
N ALA A 67 17.74 -6.46 -43.06
CA ALA A 67 17.43 -7.87 -42.90
C ALA A 67 18.58 -8.80 -43.30
N GLN A 68 19.39 -8.40 -44.30
CA GLN A 68 20.48 -9.24 -44.75
C GLN A 68 21.54 -9.33 -43.64
N ARG A 69 21.52 -8.41 -42.66
CA ARG A 69 22.58 -8.26 -41.69
C ARG A 69 22.19 -8.71 -40.27
N VAL A 70 21.06 -9.43 -40.16
CA VAL A 70 20.46 -9.78 -38.87
C VAL A 70 21.34 -10.73 -38.06
N SER A 71 22.38 -11.32 -38.69
CA SER A 71 23.23 -12.15 -37.86
C SER A 71 24.12 -11.34 -36.91
N ALA A 72 24.17 -10.00 -37.06
CA ALA A 72 24.82 -9.19 -36.03
C ALA A 72 24.07 -9.42 -34.72
N GLY A 73 24.77 -9.53 -33.61
CA GLY A 73 24.10 -9.55 -32.32
C GLY A 73 23.17 -8.31 -32.09
N LEU A 74 23.59 -7.16 -32.59
CA LEU A 74 22.79 -5.92 -32.52
C LEU A 74 23.13 -5.13 -33.76
N ILE A 75 22.09 -4.58 -34.40
CA ILE A 75 22.22 -3.60 -35.47
C ILE A 75 21.93 -2.21 -34.87
N ILE A 76 22.76 -1.22 -35.20
CA ILE A 76 22.43 0.18 -34.95
C ILE A 76 22.13 0.76 -36.33
N THR A 77 21.05 1.53 -36.45
CA THR A 77 20.67 2.11 -37.73
C THR A 77 21.70 3.20 -38.07
N GLU A 78 21.74 3.50 -39.34
CA GLU A 78 22.22 4.81 -39.81
C GLU A 78 21.68 5.96 -38.99
N ALA A 79 22.51 7.00 -38.83
CA ALA A 79 22.02 8.20 -38.16
C ALA A 79 20.73 8.69 -38.79
N THR A 80 19.78 9.07 -37.95
CA THR A 80 18.42 9.35 -38.40
C THR A 80 17.99 10.67 -37.77
N GLN A 81 17.71 11.73 -38.55
CA GLN A 81 17.46 13.06 -37.96
C GLN A 81 16.16 13.13 -37.22
N VAL A 82 16.18 13.85 -36.10
CA VAL A 82 15.02 14.05 -35.23
C VAL A 82 14.15 15.24 -35.68
N SER A 83 14.53 15.90 -36.77
CA SER A 83 13.85 17.07 -37.31
C SER A 83 14.42 17.40 -38.68
N PRO A 84 13.66 18.14 -39.54
CA PRO A 84 14.29 18.66 -40.75
C PRO A 84 15.47 19.58 -40.43
N GLN A 85 15.33 20.35 -39.32
CA GLN A 85 16.43 21.23 -38.91
C GLN A 85 17.73 20.43 -38.73
N GLY A 86 17.59 19.20 -38.24
CA GLY A 86 18.73 18.36 -37.88
C GLY A 86 19.30 17.53 -39.03
N LEU A 87 18.92 17.78 -40.27
CA LEU A 87 19.52 17.03 -41.38
C LEU A 87 20.63 17.82 -42.09
N GLY A 88 21.63 17.06 -42.59
CA GLY A 88 22.83 17.65 -43.16
C GLY A 88 23.40 17.00 -44.39
N TYR A 89 22.71 15.96 -44.91
CA TYR A 89 23.18 15.27 -46.08
C TYR A 89 21.97 14.85 -46.88
N PRO A 90 22.11 14.54 -48.20
CA PRO A 90 20.99 14.11 -49.03
C PRO A 90 20.49 12.72 -48.61
N PHE A 91 19.17 12.54 -48.75
CA PHE A 91 18.49 11.24 -48.66
C PHE A 91 18.75 10.44 -47.37
N THR A 92 18.92 11.14 -46.27
CA THR A 92 19.00 10.47 -44.97
C THR A 92 17.60 10.37 -44.38
N PRO A 93 17.28 9.25 -43.71
CA PRO A 93 15.95 9.08 -43.14
C PRO A 93 15.75 9.92 -41.86
N GLY A 94 14.50 10.27 -41.57
CA GLY A 94 14.15 10.95 -40.34
C GLY A 94 13.29 10.06 -39.43
N ILE A 95 13.04 10.56 -38.22
CA ILE A 95 12.13 9.90 -37.26
C ILE A 95 11.14 10.89 -36.62
N HIS A 96 10.92 12.02 -37.29
CA HIS A 96 10.02 13.02 -36.76
C HIS A 96 8.55 12.91 -37.26
N SER A 97 8.33 12.30 -38.41
CA SER A 97 6.99 12.25 -39.01
C SER A 97 6.29 10.88 -38.86
N GLN A 98 4.93 10.85 -38.91
CA GLN A 98 4.24 9.56 -38.89
C GLN A 98 4.62 8.74 -40.13
N GLU A 99 4.83 9.38 -41.30
CA GLU A 99 5.17 8.59 -42.50
C GLU A 99 6.51 7.91 -42.28
N GLN A 100 7.44 8.60 -41.59
CA GLN A 100 8.74 8.02 -41.33
C GLN A 100 8.62 6.85 -40.32
N VAL A 101 7.77 6.99 -39.33
CA VAL A 101 7.43 5.91 -38.38
C VAL A 101 6.99 4.65 -39.14
N GLU A 102 6.08 4.82 -40.11
CA GLU A 102 5.56 3.70 -40.87
C GLU A 102 6.63 3.11 -41.80
N GLY A 103 7.52 3.94 -42.38
CA GLY A 103 8.63 3.42 -43.18
C GLY A 103 9.57 2.59 -42.30
N TRP A 104 9.92 3.10 -41.11
CA TRP A 104 10.82 2.32 -40.24
C TRP A 104 10.17 1.04 -39.76
N ARG A 105 8.85 1.01 -39.66
CA ARG A 105 8.20 -0.25 -39.28
C ARG A 105 8.50 -1.37 -40.29
N LEU A 106 8.72 -1.02 -41.56
CA LEU A 106 9.14 -2.02 -42.53
C LEU A 106 10.44 -2.70 -42.05
N VAL A 107 11.35 -1.87 -41.57
CA VAL A 107 12.69 -2.27 -41.21
C VAL A 107 12.62 -3.10 -39.94
N THR A 108 11.88 -2.61 -38.92
CA THR A 108 11.81 -3.33 -37.65
C THR A 108 11.13 -4.69 -37.85
N LYS A 109 10.09 -4.73 -38.70
CA LYS A 109 9.39 -5.97 -38.94
C LYS A 109 10.38 -6.93 -39.62
N ALA A 110 11.07 -6.46 -40.67
CA ALA A 110 11.95 -7.37 -41.41
C ALA A 110 13.02 -7.97 -40.50
N VAL A 111 13.61 -7.13 -39.63
CA VAL A 111 14.64 -7.58 -38.72
C VAL A 111 14.07 -8.57 -37.70
N HIS A 112 12.92 -8.24 -37.12
CA HIS A 112 12.32 -9.06 -36.09
C HIS A 112 11.74 -10.38 -36.62
N ASP A 113 11.33 -10.40 -37.89
CA ASP A 113 10.93 -11.63 -38.53
C ASP A 113 12.08 -12.62 -38.58
N ARG A 114 13.34 -12.17 -38.58
CA ARG A 114 14.48 -13.05 -38.67
C ARG A 114 15.21 -13.13 -37.32
N GLY A 115 14.55 -12.61 -36.29
CA GLY A 115 14.99 -12.77 -34.91
C GLY A 115 16.11 -11.80 -34.51
N GLY A 116 16.31 -10.67 -35.21
CA GLY A 116 17.41 -9.78 -34.90
C GLY A 116 16.99 -8.65 -33.94
N LYS A 117 18.00 -7.91 -33.48
CA LYS A 117 17.79 -6.76 -32.58
C LYS A 117 18.32 -5.49 -33.26
N ILE A 118 17.55 -4.40 -33.10
CA ILE A 118 17.91 -3.15 -33.80
C ILE A 118 17.55 -1.94 -32.94
N PHE A 119 18.55 -1.02 -32.89
CA PHE A 119 18.38 0.24 -32.19
C PHE A 119 18.49 1.35 -33.24
N LEU A 120 17.64 2.37 -33.09
CA LEU A 120 17.67 3.51 -34.03
C LEU A 120 18.59 4.64 -33.51
N GLN A 121 19.53 5.12 -34.31
CA GLN A 121 20.48 6.15 -33.92
C GLN A 121 19.84 7.54 -34.13
N LEU A 122 19.54 8.22 -33.01
CA LEU A 122 18.89 9.56 -33.04
C LEU A 122 19.96 10.62 -33.36
N TRP A 123 19.67 11.42 -34.37
CA TRP A 123 20.62 12.36 -34.94
C TRP A 123 20.13 13.82 -34.92
N HIS A 124 21.10 14.76 -34.78
CA HIS A 124 20.93 16.15 -35.18
C HIS A 124 22.30 16.62 -35.62
N VAL A 125 22.42 17.07 -36.87
CA VAL A 125 23.70 17.50 -37.41
C VAL A 125 24.23 18.81 -36.83
N GLY A 126 23.36 19.66 -36.28
CA GLY A 126 23.77 21.01 -35.86
C GLY A 126 24.33 21.78 -37.04
N ARG A 127 25.55 22.36 -36.91
CA ARG A 127 26.14 23.22 -37.93
C ARG A 127 26.58 22.46 -39.19
N ILE A 128 26.65 21.13 -39.17
CA ILE A 128 27.11 20.32 -40.33
C ILE A 128 25.96 20.10 -41.33
N SER A 129 25.60 21.20 -42.00
CA SER A 129 24.46 21.25 -42.89
C SER A 129 24.66 22.49 -43.77
N HIS A 130 23.59 22.91 -44.43
CA HIS A 130 23.73 24.04 -45.33
C HIS A 130 22.33 24.63 -45.53
N PRO A 131 22.17 25.96 -45.74
CA PRO A 131 20.84 26.51 -46.05
C PRO A 131 20.08 25.81 -47.18
N ASP A 132 20.79 25.23 -48.17
CA ASP A 132 20.14 24.55 -49.28
C ASP A 132 19.49 23.23 -48.89
N LEU A 133 19.85 22.67 -47.71
CA LEU A 133 19.30 21.44 -47.17
C LEU A 133 18.18 21.76 -46.16
N GLN A 134 18.12 23.05 -45.82
CA GLN A 134 17.20 23.58 -44.85
C GLN A 134 15.90 24.10 -45.49
N VAL A 135 14.81 23.94 -44.75
CA VAL A 135 13.59 24.50 -45.28
C VAL A 135 13.64 26.03 -45.28
N ASP A 136 13.31 26.62 -46.44
CA ASP A 136 13.21 28.09 -46.67
C ASP A 136 14.58 28.75 -46.56
N GLY A 137 15.63 27.93 -46.61
CA GLY A 137 16.99 28.47 -46.54
C GLY A 137 17.38 28.96 -45.14
N ALA A 138 16.71 28.41 -44.10
CA ALA A 138 17.08 28.68 -42.71
C ALA A 138 18.55 28.35 -42.48
N LEU A 139 19.26 29.17 -41.65
CA LEU A 139 20.62 28.74 -41.27
C LEU A 139 20.55 27.50 -40.40
N PRO A 140 21.50 26.56 -40.58
CA PRO A 140 21.71 25.54 -39.57
C PRO A 140 21.91 26.15 -38.21
N VAL A 141 21.57 25.36 -37.18
CA VAL A 141 21.68 25.78 -35.81
C VAL A 141 22.83 25.05 -35.12
N ALA A 142 23.31 25.65 -33.99
CA ALA A 142 24.56 25.26 -33.36
C ALA A 142 24.61 25.86 -31.98
N PRO A 143 25.60 25.46 -31.15
CA PRO A 143 25.72 26.13 -29.87
C PRO A 143 26.18 27.59 -30.07
N SER A 144 27.03 27.84 -31.09
CA SER A 144 27.63 29.13 -31.31
C SER A 144 27.69 29.37 -32.80
N ALA A 145 27.78 30.67 -33.16
CA ALA A 145 27.85 31.10 -34.56
C ALA A 145 29.30 31.01 -35.04
N ILE A 146 29.76 29.75 -35.28
CA ILE A 146 31.15 29.38 -35.61
C ILE A 146 31.03 28.31 -36.67
N ALA A 147 31.45 28.65 -37.89
CA ALA A 147 31.47 27.66 -38.96
C ALA A 147 32.55 26.60 -38.72
N PRO A 148 32.37 25.36 -39.22
CA PRO A 148 33.47 24.39 -39.18
C PRO A 148 34.63 24.98 -40.00
N SER A 149 35.88 24.76 -39.55
N SER A 149 35.87 24.84 -39.50
CA SER A 149 37.07 25.36 -40.15
CA SER A 149 37.04 25.37 -40.17
C SER A 149 37.64 24.45 -41.24
C SER A 149 37.29 24.57 -41.44
N GLU A 150 37.04 23.26 -41.37
CA GLU A 150 37.44 22.31 -42.42
C GLU A 150 36.20 21.75 -43.09
N GLY A 151 36.39 21.24 -44.31
CA GLY A 151 35.38 20.46 -45.00
C GLY A 151 34.38 21.33 -45.77
N MET A 152 33.33 20.67 -46.31
CA MET A 152 32.35 21.33 -47.15
C MET A 152 31.00 20.68 -46.85
N ALA A 153 29.93 21.48 -46.97
CA ALA A 153 28.61 20.90 -46.83
C ALA A 153 28.26 20.02 -48.04
N ALA A 154 27.46 18.96 -47.82
CA ALA A 154 27.05 18.03 -48.87
C ALA A 154 25.59 18.29 -49.25
N THR A 155 25.40 19.12 -50.27
CA THR A 155 24.05 19.54 -50.65
C THR A 155 23.59 18.67 -51.80
N TYR A 156 22.33 18.83 -52.18
CA TYR A 156 21.80 17.99 -53.25
C TYR A 156 22.48 18.29 -54.59
N GLU A 157 23.03 19.54 -54.73
CA GLU A 157 23.66 20.06 -55.94
C GLU A 157 25.14 19.69 -55.96
N GLY A 158 25.68 19.23 -54.81
CA GLY A 158 27.12 19.03 -54.70
C GLY A 158 27.73 19.71 -53.46
N GLU A 159 29.05 19.67 -53.37
CA GLU A 159 29.67 20.26 -52.21
C GLU A 159 29.58 21.77 -52.31
N LYS A 160 29.37 22.41 -51.17
CA LYS A 160 29.36 23.87 -51.04
C LYS A 160 29.99 24.26 -49.71
N PRO A 161 30.65 25.43 -49.64
CA PRO A 161 31.26 25.88 -48.39
C PRO A 161 30.19 26.00 -47.30
N TYR A 162 30.57 25.61 -46.08
CA TYR A 162 29.70 25.85 -44.92
C TYR A 162 29.50 27.34 -44.73
N VAL A 163 28.32 27.66 -44.22
CA VAL A 163 28.00 29.01 -43.77
C VAL A 163 28.10 28.99 -42.26
N THR A 164 28.14 30.18 -41.68
CA THR A 164 28.16 30.25 -40.24
C THR A 164 26.75 29.92 -39.77
N PRO A 165 26.63 29.05 -38.73
CA PRO A 165 25.31 28.66 -38.27
C PRO A 165 24.72 29.76 -37.38
N ARG A 166 23.45 29.57 -36.99
CA ARG A 166 22.81 30.47 -36.05
C ARG A 166 22.98 29.85 -34.66
N ALA A 167 23.45 30.65 -33.69
CA ALA A 167 23.49 30.21 -32.30
C ALA A 167 22.07 30.05 -31.72
N LEU A 168 21.77 28.89 -31.10
CA LEU A 168 20.49 28.68 -30.47
C LEU A 168 20.31 29.64 -29.31
N GLU A 169 19.11 30.17 -29.21
CA GLU A 169 18.80 30.95 -28.04
C GLU A 169 18.65 30.03 -26.84
N THR A 170 18.90 30.58 -25.64
CA THR A 170 18.75 29.78 -24.43
C THR A 170 17.34 29.12 -24.35
N ALA A 171 16.29 29.87 -24.73
CA ALA A 171 14.91 29.40 -24.62
C ALA A 171 14.59 28.45 -25.77
N GLU A 172 15.50 28.26 -26.74
CA GLU A 172 15.35 27.22 -27.77
C GLU A 172 15.85 25.85 -27.33
N ILE A 173 16.58 25.78 -26.21
CA ILE A 173 17.21 24.51 -25.82
C ILE A 173 16.13 23.50 -25.46
N PRO A 174 15.07 23.87 -24.72
CA PRO A 174 13.97 22.92 -24.49
C PRO A 174 13.43 22.31 -25.78
N GLY A 175 13.25 23.09 -26.84
CA GLY A 175 12.82 22.61 -28.15
C GLY A 175 13.73 21.53 -28.71
N ILE A 176 15.05 21.69 -28.55
CA ILE A 176 15.96 20.66 -28.99
C ILE A 176 15.71 19.38 -28.20
N VAL A 177 15.64 19.50 -26.88
CA VAL A 177 15.37 18.32 -26.07
C VAL A 177 14.05 17.67 -26.52
N GLU A 178 13.07 18.49 -26.87
CA GLU A 178 11.78 17.90 -27.26
C GLU A 178 11.91 17.20 -28.63
N GLN A 179 12.79 17.66 -29.51
CA GLN A 179 12.96 16.95 -30.78
C GLN A 179 13.46 15.52 -30.51
N TYR A 180 14.37 15.39 -29.56
CA TYR A 180 14.93 14.08 -29.19
C TYR A 180 13.86 13.24 -28.46
N ARG A 181 13.12 13.87 -27.56
CA ARG A 181 12.05 13.17 -26.82
C ARG A 181 11.04 12.59 -27.80
N GLN A 182 10.49 13.44 -28.69
CA GLN A 182 9.51 13.00 -29.69
C GLN A 182 10.11 11.96 -30.63
N GLY A 183 11.38 12.15 -31.09
CA GLY A 183 11.99 11.16 -31.96
C GLY A 183 12.14 9.82 -31.25
N ALA A 184 12.47 9.86 -29.94
CA ALA A 184 12.55 8.62 -29.17
C ALA A 184 11.15 7.98 -29.10
N LYS A 185 10.08 8.77 -28.87
CA LYS A 185 8.72 8.20 -28.80
C LYS A 185 8.35 7.59 -30.17
N ASN A 186 8.75 8.22 -31.29
CA ASN A 186 8.45 7.78 -32.64
C ASN A 186 9.22 6.49 -32.90
N ALA A 187 10.49 6.42 -32.50
CA ALA A 187 11.20 5.15 -32.61
C ALA A 187 10.48 4.01 -31.87
N LEU A 188 10.04 4.33 -30.66
CA LEU A 188 9.33 3.33 -29.85
C LEU A 188 8.06 2.84 -30.57
N ALA A 189 7.28 3.75 -31.14
CA ALA A 189 6.09 3.42 -31.91
C ALA A 189 6.43 2.61 -33.15
N ALA A 190 7.65 2.79 -33.72
CA ALA A 190 8.04 2.10 -34.93
C ALA A 190 8.47 0.65 -34.63
N GLY A 191 8.62 0.30 -33.34
CA GLY A 191 8.97 -1.10 -33.00
C GLY A 191 10.46 -1.38 -32.80
N PHE A 192 11.31 -0.36 -32.65
CA PHE A 192 12.71 -0.62 -32.33
C PHE A 192 12.89 -1.29 -30.99
N ASP A 193 14.05 -1.96 -30.80
CA ASP A 193 14.42 -2.53 -29.52
C ASP A 193 15.04 -1.52 -28.59
N GLY A 194 15.32 -0.33 -29.12
CA GLY A 194 15.95 0.69 -28.30
C GLY A 194 16.44 1.82 -29.21
N VAL A 195 17.13 2.79 -28.62
CA VAL A 195 17.72 3.92 -29.34
C VAL A 195 19.15 4.14 -28.89
N GLU A 196 19.92 4.72 -29.80
CA GLU A 196 21.28 5.22 -29.51
C GLU A 196 21.28 6.73 -29.74
N ILE A 197 21.75 7.48 -28.74
CA ILE A 197 21.88 8.93 -28.90
C ILE A 197 23.23 9.19 -29.55
N HIS A 198 23.22 9.75 -30.76
CA HIS A 198 24.45 10.12 -31.44
C HIS A 198 25.07 11.40 -30.86
N SER A 199 26.07 11.22 -30.00
CA SER A 199 26.76 12.35 -29.40
C SER A 199 28.21 12.42 -29.84
N ALA A 200 28.43 11.94 -31.06
CA ALA A 200 29.75 11.74 -31.64
C ALA A 200 29.93 12.49 -32.96
N ASN A 201 31.20 12.45 -33.47
CA ASN A 201 31.50 12.73 -34.87
C ASN A 201 31.18 14.17 -35.22
N GLY A 202 31.20 15.09 -34.26
CA GLY A 202 31.12 16.52 -34.56
C GLY A 202 29.72 17.03 -34.89
N TYR A 203 28.68 16.28 -34.50
CA TYR A 203 27.32 16.71 -34.72
C TYR A 203 26.82 17.63 -33.58
N LEU A 204 25.50 17.90 -33.48
CA LEU A 204 25.06 18.98 -32.59
C LEU A 204 25.52 18.73 -31.15
N LEU A 205 25.32 17.51 -30.56
CA LEU A 205 25.66 17.33 -29.14
C LEU A 205 27.17 17.49 -28.96
N ASP A 206 27.92 16.84 -29.86
CA ASP A 206 29.36 17.01 -29.83
C ASP A 206 29.85 18.46 -30.03
N GLN A 207 29.08 19.26 -30.79
CA GLN A 207 29.45 20.66 -30.93
C GLN A 207 29.27 21.38 -29.59
N PHE A 208 28.20 21.09 -28.85
CA PHE A 208 28.09 21.53 -27.46
C PHE A 208 29.26 21.12 -26.56
N LEU A 209 29.70 19.87 -26.74
CA LEU A 209 30.68 19.40 -25.80
C LEU A 209 32.04 20.15 -25.95
N HIS A 210 32.43 20.49 -27.17
CA HIS A 210 33.79 21.01 -27.44
C HIS A 210 33.89 22.52 -27.24
N ASP A 211 34.92 23.00 -26.49
CA ASP A 211 35.01 24.44 -26.29
C ASP A 211 35.57 25.18 -27.54
N GLY A 212 35.93 24.47 -28.64
CA GLY A 212 36.27 25.17 -29.87
C GLY A 212 35.05 25.54 -30.71
N SER A 213 33.93 24.82 -30.47
CA SER A 213 32.71 25.00 -31.24
C SER A 213 31.60 25.61 -30.34
N ASN A 214 31.78 25.55 -29.00
CA ASN A 214 30.82 26.07 -28.05
C ASN A 214 31.49 27.22 -27.28
N HIS A 215 31.02 28.44 -27.52
CA HIS A 215 31.52 29.63 -26.82
C HIS A 215 30.38 30.29 -26.06
N ARG A 216 29.37 29.46 -25.74
CA ARG A 216 28.24 30.04 -25.03
C ARG A 216 28.58 30.54 -23.62
N THR A 217 27.76 31.50 -23.14
CA THR A 217 27.98 31.99 -21.79
C THR A 217 26.75 31.80 -20.89
N ASP A 218 25.74 31.06 -21.37
CA ASP A 218 24.63 30.62 -20.53
C ASP A 218 24.99 29.28 -19.85
N GLU A 219 23.95 28.56 -19.37
CA GLU A 219 24.26 27.34 -18.64
C GLU A 219 24.62 26.15 -19.57
N TYR A 220 24.64 26.36 -20.90
CA TYR A 220 25.09 25.34 -21.83
C TYR A 220 26.49 25.58 -22.39
N GLY A 221 27.24 26.54 -21.86
CA GLY A 221 28.62 26.72 -22.24
C GLY A 221 29.45 27.14 -21.05
N GLY A 222 30.78 27.27 -21.29
CA GLY A 222 31.66 27.65 -20.20
C GLY A 222 32.36 26.48 -19.52
N SER A 223 31.79 26.06 -18.37
CA SER A 223 32.39 24.92 -17.67
C SER A 223 32.19 23.62 -18.42
N ILE A 224 32.97 22.59 -18.08
CA ILE A 224 32.78 21.29 -18.67
C ILE A 224 31.36 20.80 -18.35
N GLU A 225 30.95 20.91 -17.10
CA GLU A 225 29.59 20.54 -16.72
C GLU A 225 28.59 21.21 -17.68
N ASN A 226 28.70 22.51 -17.91
CA ASN A 226 27.74 23.18 -18.74
C ASN A 226 27.83 22.67 -20.18
N ARG A 227 29.01 22.45 -20.78
CA ARG A 227 29.10 21.98 -22.15
C ARG A 227 28.48 20.57 -22.30
N ALA A 228 28.51 19.79 -21.24
CA ALA A 228 27.90 18.44 -21.22
C ALA A 228 26.40 18.49 -20.94
N ARG A 229 25.84 19.66 -20.55
CA ARG A 229 24.49 19.68 -19.99
C ARG A 229 23.45 19.26 -21.03
N LEU A 230 23.57 19.69 -22.31
CA LEU A 230 22.55 19.31 -23.30
C LEU A 230 22.53 17.79 -23.48
N LEU A 231 23.74 17.18 -23.59
CA LEU A 231 23.77 15.72 -23.70
C LEU A 231 23.06 15.09 -22.52
N MET A 232 23.32 15.57 -21.25
CA MET A 232 22.68 14.97 -20.07
C MET A 232 21.16 15.10 -20.11
N GLU A 233 20.69 16.27 -20.55
CA GLU A 233 19.23 16.56 -20.63
C GLU A 233 18.60 15.65 -21.71
N VAL A 234 19.26 15.54 -22.87
CA VAL A 234 18.75 14.72 -23.95
C VAL A 234 18.70 13.27 -23.47
N THR A 235 19.73 12.81 -22.76
CA THR A 235 19.78 11.43 -22.32
C THR A 235 18.66 11.20 -21.30
N GLU A 236 18.49 12.14 -20.36
CA GLU A 236 17.43 11.97 -19.38
C GLU A 236 16.06 11.84 -20.07
N ALA A 237 15.78 12.70 -21.06
CA ALA A 237 14.50 12.75 -21.77
C ALA A 237 14.28 11.41 -22.50
N VAL A 238 15.34 10.91 -23.15
CA VAL A 238 15.24 9.69 -23.96
C VAL A 238 15.03 8.47 -23.07
N VAL A 239 15.74 8.44 -21.93
CA VAL A 239 15.58 7.38 -20.95
C VAL A 239 14.14 7.38 -20.42
N SER A 240 13.55 8.57 -20.25
CA SER A 240 12.23 8.57 -19.64
C SER A 240 11.23 7.89 -20.56
N VAL A 241 11.47 7.96 -21.86
CA VAL A 241 10.58 7.39 -22.87
C VAL A 241 10.75 5.86 -22.93
N TRP A 242 11.98 5.38 -22.93
CA TRP A 242 12.32 4.01 -23.28
C TRP A 242 12.61 3.10 -22.09
N GLY A 243 13.06 3.66 -20.98
CA GLY A 243 13.72 2.82 -19.98
C GLY A 243 15.23 2.87 -20.31
N ALA A 244 16.06 2.97 -19.29
CA ALA A 244 17.52 3.16 -19.49
C ALA A 244 18.18 1.93 -20.12
N ASP A 245 17.59 0.76 -19.87
CA ASP A 245 18.12 -0.52 -20.42
C ASP A 245 17.73 -0.74 -21.89
N ARG A 246 17.18 0.28 -22.52
CA ARG A 246 16.94 0.27 -23.99
C ARG A 246 17.55 1.53 -24.62
N VAL A 247 18.51 2.17 -23.92
CA VAL A 247 19.17 3.41 -24.42
C VAL A 247 20.69 3.29 -24.37
N GLY A 248 21.32 3.65 -25.48
CA GLY A 248 22.78 3.78 -25.53
C GLY A 248 23.19 5.19 -25.93
N VAL A 249 24.45 5.52 -25.68
CA VAL A 249 25.06 6.82 -26.09
C VAL A 249 26.37 6.51 -26.83
N ARG A 250 26.65 7.18 -27.93
CA ARG A 250 27.93 7.05 -28.68
C ARG A 250 28.70 8.36 -28.62
N LEU A 251 30.00 8.29 -28.31
CA LEU A 251 30.85 9.51 -28.21
C LEU A 251 32.17 9.27 -28.96
N SER A 252 32.99 10.32 -29.11
CA SER A 252 34.28 10.21 -29.83
C SER A 252 35.34 11.04 -29.09
N PRO A 253 35.94 10.54 -27.97
CA PRO A 253 36.95 11.28 -27.23
C PRO A 253 38.08 11.77 -28.15
N SER A 254 38.59 10.89 -29.02
CA SER A 254 39.69 11.25 -29.96
C SER A 254 39.11 11.63 -31.32
N GLY A 255 37.79 11.87 -31.38
CA GLY A 255 37.12 12.25 -32.63
C GLY A 255 37.23 13.74 -32.91
N THR A 256 37.83 14.11 -34.04
CA THR A 256 38.01 15.54 -34.41
C THR A 256 37.18 15.84 -35.67
N PHE A 257 36.53 14.82 -36.22
CA PHE A 257 35.69 14.97 -37.45
C PHE A 257 34.62 16.03 -37.20
N GLY A 258 34.49 16.99 -38.12
CA GLY A 258 33.49 18.07 -38.00
C GLY A 258 34.10 19.34 -37.43
N SER A 259 35.42 19.48 -37.56
CA SER A 259 36.15 20.67 -37.04
C SER A 259 35.76 20.93 -35.58
N VAL A 260 35.89 19.91 -34.73
CA VAL A 260 35.54 20.04 -33.28
C VAL A 260 36.81 19.80 -32.45
N TYR A 261 37.30 20.84 -31.78
CA TYR A 261 38.51 20.74 -30.93
C TYR A 261 38.20 21.24 -29.52
N ASP A 262 39.03 20.83 -28.54
CA ASP A 262 38.83 21.25 -27.13
C ASP A 262 40.20 21.36 -26.44
N SER A 263 40.30 22.25 -25.45
CA SER A 263 41.59 22.45 -24.71
C SER A 263 41.97 21.16 -23.99
N ASP A 264 41.07 20.62 -23.16
CA ASP A 264 41.32 19.37 -22.41
C ASP A 264 40.29 18.31 -22.84
N LEU A 265 40.54 17.64 -23.97
CA LEU A 265 39.62 16.60 -24.49
C LEU A 265 39.49 15.47 -23.48
N LYS A 266 40.61 15.08 -22.86
CA LYS A 266 40.62 13.98 -21.85
C LYS A 266 39.66 14.31 -20.71
N ALA A 267 39.97 15.34 -19.93
CA ALA A 267 39.13 15.77 -18.78
C ALA A 267 37.67 15.91 -19.22
N LEU A 268 37.43 16.63 -20.32
CA LEU A 268 36.05 16.85 -20.83
C LEU A 268 35.33 15.51 -21.00
N PHE A 269 35.98 14.54 -21.64
CA PHE A 269 35.38 13.19 -21.86
C PHE A 269 35.46 12.36 -20.59
N THR A 270 36.37 12.73 -19.68
CA THR A 270 36.55 11.99 -18.39
C THR A 270 35.35 12.23 -17.49
N TYR A 271 34.76 13.43 -17.56
CA TYR A 271 33.58 13.79 -16.73
C TYR A 271 32.30 13.34 -17.43
N VAL A 272 32.26 13.48 -18.77
CA VAL A 272 31.07 13.10 -19.58
C VAL A 272 30.84 11.58 -19.42
N VAL A 273 31.92 10.80 -19.43
CA VAL A 273 31.83 9.32 -19.30
C VAL A 273 31.48 8.98 -17.85
N ASP A 274 31.91 9.82 -16.89
CA ASP A 274 31.62 9.59 -15.46
C ASP A 274 30.21 10.06 -15.13
N ALA A 275 29.63 10.91 -15.99
CA ALA A 275 28.26 11.44 -15.78
C ALA A 275 27.25 10.51 -16.46
N LEU A 276 27.77 9.64 -17.29
CA LEU A 276 26.76 8.74 -17.86
C LEU A 276 26.51 7.52 -16.95
N ASN A 277 27.30 7.27 -15.88
CA ASN A 277 27.23 6.10 -14.97
C ASN A 277 26.03 6.26 -14.02
N GLN A 278 25.43 7.46 -13.99
CA GLN A 278 24.27 7.74 -13.11
C GLN A 278 22.98 7.49 -13.90
N PHE A 279 23.09 7.33 -15.22
CA PHE A 279 21.90 7.07 -16.08
C PHE A 279 21.71 5.56 -16.25
N GLU A 280 22.78 4.79 -16.06
CA GLU A 280 22.74 3.30 -16.19
C GLU A 280 22.09 2.93 -17.52
N LEU A 281 22.66 3.41 -18.63
CA LEU A 281 22.12 3.12 -19.99
C LEU A 281 22.54 1.71 -20.42
N ALA A 282 21.85 1.14 -21.40
CA ALA A 282 22.16 -0.22 -21.91
C ALA A 282 23.66 -0.33 -22.23
N TYR A 283 24.23 0.73 -22.83
CA TYR A 283 25.65 0.74 -23.18
C TYR A 283 26.09 2.16 -23.46
N LEU A 284 27.43 2.29 -23.46
CA LEU A 284 28.20 3.39 -24.00
C LEU A 284 28.99 2.83 -25.17
N HIS A 285 28.86 3.49 -26.32
CA HIS A 285 29.49 3.14 -27.56
C HIS A 285 30.59 4.15 -27.89
N LEU A 286 31.82 3.68 -27.93
CA LEU A 286 32.96 4.53 -28.18
C LEU A 286 33.58 4.31 -29.55
N VAL A 287 33.88 5.43 -30.22
CA VAL A 287 34.72 5.38 -31.41
C VAL A 287 36.17 5.49 -30.94
N GLU A 288 36.99 4.49 -31.25
CA GLU A 288 38.36 4.39 -30.76
C GLU A 288 39.23 5.41 -31.51
N PRO A 289 40.41 5.79 -30.97
CA PRO A 289 41.38 6.59 -31.72
C PRO A 289 41.89 5.95 -33.01
N THR A 301 49.61 8.03 -30.64
CA THR A 301 48.12 7.91 -30.75
C THR A 301 47.50 8.27 -29.40
N SER A 302 46.34 8.93 -29.45
CA SER A 302 45.51 9.35 -28.32
C SER A 302 45.31 8.23 -27.30
N GLU A 303 45.34 8.62 -26.02
CA GLU A 303 45.15 7.81 -24.85
C GLU A 303 43.68 7.45 -24.66
N LEU A 304 42.79 8.20 -25.33
CA LEU A 304 41.37 8.11 -25.00
C LEU A 304 40.69 6.94 -25.70
N SER A 305 41.21 5.73 -25.40
CA SER A 305 40.67 4.51 -25.95
C SER A 305 39.74 3.88 -24.90
N SER A 306 39.12 2.74 -25.25
CA SER A 306 38.41 1.91 -24.25
C SER A 306 39.31 1.39 -23.13
N LYS A 307 40.63 1.28 -23.36
CA LYS A 307 41.48 0.87 -22.24
C LYS A 307 41.46 1.97 -21.17
N TYR A 308 41.45 3.25 -21.59
CA TYR A 308 41.39 4.35 -20.64
C TYR A 308 40.03 4.42 -19.97
N PHE A 309 38.95 4.32 -20.78
CA PHE A 309 37.61 4.51 -20.23
C PHE A 309 37.07 3.30 -19.48
N ARG A 310 37.66 2.09 -19.62
CA ARG A 310 37.04 0.92 -18.96
C ARG A 310 36.88 1.12 -17.44
N PRO A 311 37.88 1.65 -16.71
CA PRO A 311 37.74 1.80 -15.27
C PRO A 311 36.90 3.02 -14.93
N ILE A 312 36.50 3.86 -15.92
CA ILE A 312 35.76 5.08 -15.65
C ILE A 312 34.26 4.80 -15.87
N TYR A 313 33.93 4.12 -16.99
CA TYR A 313 32.55 3.75 -17.25
C TYR A 313 32.25 2.48 -16.45
N LYS A 314 31.00 2.36 -15.98
CA LYS A 314 30.64 1.23 -15.12
C LYS A 314 29.55 0.34 -15.68
N GLY A 315 29.32 0.38 -17.00
CA GLY A 315 28.29 -0.41 -17.65
C GLY A 315 28.94 -1.24 -18.78
N THR A 316 28.14 -1.44 -19.81
CA THR A 316 28.55 -2.20 -20.98
C THR A 316 29.17 -1.27 -22.02
N LEU A 317 30.30 -1.68 -22.61
CA LEU A 317 31.03 -0.89 -23.57
C LEU A 317 31.03 -1.53 -24.92
N ILE A 318 30.61 -0.77 -25.92
CA ILE A 318 30.76 -1.18 -27.32
C ILE A 318 31.93 -0.37 -27.89
N SER A 319 32.86 -1.05 -28.53
CA SER A 319 34.04 -0.42 -29.13
C SER A 319 33.98 -0.50 -30.64
N ALA A 320 34.29 0.60 -31.36
CA ALA A 320 34.23 0.65 -32.80
C ALA A 320 35.49 1.33 -33.35
N GLY A 321 35.86 0.95 -34.56
CA GLY A 321 36.84 1.64 -35.39
C GLY A 321 38.01 0.74 -35.75
N GLY A 322 38.12 0.47 -37.03
CA GLY A 322 39.26 -0.25 -37.60
C GLY A 322 39.49 -1.69 -37.16
N TYR A 323 38.44 -2.32 -36.63
CA TYR A 323 38.63 -3.70 -36.21
C TYR A 323 38.58 -4.69 -37.38
N ASP A 324 39.25 -5.83 -37.17
CA ASP A 324 39.13 -7.01 -38.02
C ASP A 324 38.76 -8.16 -37.09
N ARG A 325 38.83 -9.38 -37.60
CA ARG A 325 38.51 -10.52 -36.77
C ARG A 325 39.58 -10.62 -35.66
N GLU A 326 40.87 -10.48 -35.99
CA GLU A 326 41.89 -10.72 -34.96
C GLU A 326 41.79 -9.66 -33.87
N SER A 327 41.67 -8.38 -34.28
CA SER A 327 41.67 -7.29 -33.31
C SER A 327 40.39 -7.20 -32.50
N GLY A 328 39.28 -7.66 -33.08
CA GLY A 328 38.02 -7.72 -32.37
C GLY A 328 38.10 -8.77 -31.27
N ASN A 329 38.57 -9.98 -31.60
CA ASN A 329 38.75 -10.93 -30.51
C ASN A 329 39.70 -10.40 -29.43
N ALA A 330 40.78 -9.75 -29.86
CA ALA A 330 41.80 -9.24 -28.92
C ALA A 330 41.19 -8.26 -27.92
N VAL A 331 40.40 -7.27 -28.37
CA VAL A 331 39.87 -6.31 -27.44
C VAL A 331 38.90 -6.95 -26.45
N LEU A 332 38.17 -7.98 -26.92
CA LEU A 332 37.34 -8.73 -25.99
C LEU A 332 38.20 -9.51 -24.98
N ALA A 333 39.33 -10.07 -25.46
CA ALA A 333 40.24 -10.81 -24.57
C ALA A 333 40.82 -9.88 -23.53
N SER A 334 41.02 -8.58 -23.89
CA SER A 334 41.73 -7.65 -23.01
C SER A 334 40.78 -7.23 -21.89
N GLY A 335 39.45 -7.41 -22.07
CA GLY A 335 38.49 -6.97 -21.06
C GLY A 335 38.09 -5.48 -21.18
N ASP A 336 38.69 -4.79 -22.15
CA ASP A 336 38.47 -3.34 -22.27
C ASP A 336 37.14 -2.97 -22.93
N ALA A 337 36.51 -3.91 -23.68
CA ALA A 337 35.22 -3.67 -24.30
C ALA A 337 34.42 -4.96 -24.12
N ASP A 338 33.09 -4.90 -24.28
CA ASP A 338 32.13 -5.98 -24.16
C ASP A 338 31.63 -6.42 -25.54
N LEU A 339 31.49 -5.51 -26.50
CA LEU A 339 31.02 -5.79 -27.84
C LEU A 339 31.92 -4.98 -28.74
N VAL A 340 31.94 -5.42 -30.02
CA VAL A 340 32.82 -4.84 -31.03
C VAL A 340 31.98 -4.55 -32.26
N ALA A 341 31.92 -3.26 -32.58
CA ALA A 341 31.18 -2.85 -33.75
C ALA A 341 32.05 -2.78 -34.97
N TYR A 342 31.41 -3.15 -36.10
CA TYR A 342 32.03 -3.22 -37.43
C TYR A 342 31.21 -2.39 -38.42
N GLY A 343 31.90 -1.49 -39.16
CA GLY A 343 31.19 -0.68 -40.13
C GLY A 343 31.42 -1.19 -41.56
N ARG A 344 32.56 -0.75 -42.12
CA ARG A 344 32.81 -1.06 -43.51
C ARG A 344 32.66 -2.55 -43.79
N LEU A 345 33.17 -3.45 -42.93
CA LEU A 345 33.13 -4.86 -43.28
C LEU A 345 31.67 -5.36 -43.31
N PHE A 346 30.80 -4.73 -42.52
CA PHE A 346 29.37 -5.11 -42.59
C PHE A 346 28.72 -4.61 -43.90
N ILE A 347 29.17 -3.46 -44.48
CA ILE A 347 28.67 -3.00 -45.77
C ILE A 347 28.88 -4.14 -46.77
N SER A 348 30.04 -4.73 -46.88
CA SER A 348 30.34 -5.64 -47.96
C SER A 348 30.13 -7.11 -47.56
N ASN A 349 29.87 -7.41 -46.27
CA ASN A 349 29.75 -8.80 -45.84
C ASN A 349 28.52 -8.87 -44.96
N PRO A 350 27.34 -9.12 -45.53
CA PRO A 350 26.14 -9.17 -44.69
C PRO A 350 26.16 -10.28 -43.64
N ASP A 351 26.85 -11.40 -43.97
CA ASP A 351 27.09 -12.45 -43.00
C ASP A 351 28.52 -12.40 -42.41
N LEU A 352 28.99 -11.21 -42.03
CA LEU A 352 30.29 -11.11 -41.39
C LEU A 352 30.52 -12.10 -40.25
N PRO A 353 29.57 -12.32 -39.31
CA PRO A 353 29.80 -13.22 -38.19
C PRO A 353 30.11 -14.64 -38.67
N GLN A 354 29.41 -15.14 -39.70
CA GLN A 354 29.67 -16.52 -40.14
C GLN A 354 31.03 -16.55 -40.84
N ARG A 355 31.34 -15.53 -41.65
CA ARG A 355 32.63 -15.48 -42.32
C ARG A 355 33.76 -15.52 -41.29
N PHE A 356 33.62 -14.71 -40.23
CA PHE A 356 34.62 -14.72 -39.18
C PHE A 356 34.68 -16.10 -38.49
N ALA A 357 33.51 -16.69 -38.20
CA ALA A 357 33.57 -18.00 -37.56
C ALA A 357 34.37 -19.05 -38.35
N LEU A 358 34.10 -19.14 -39.66
CA LEU A 358 34.69 -20.12 -40.55
C LEU A 358 36.04 -19.66 -41.10
N ASN A 359 36.60 -18.55 -40.57
CA ASN A 359 37.81 -17.98 -41.14
C ASN A 359 37.74 -17.96 -42.68
N ALA A 360 36.63 -17.50 -43.25
CA ALA A 360 36.42 -17.34 -44.68
C ALA A 360 36.94 -15.99 -45.16
N GLN A 361 37.16 -15.90 -46.45
CA GLN A 361 37.60 -14.65 -47.11
C GLN A 361 36.40 -13.68 -47.15
N LEU A 362 36.67 -12.40 -47.14
CA LEU A 362 35.58 -11.45 -47.17
C LEU A 362 35.42 -10.84 -48.54
N ASN A 363 34.21 -10.36 -48.85
CA ASN A 363 34.03 -9.56 -50.06
C ASN A 363 34.75 -8.21 -49.88
N PRO A 364 35.42 -7.68 -50.93
CA PRO A 364 35.93 -6.32 -50.89
C PRO A 364 34.79 -5.32 -50.77
N TYR A 365 35.03 -4.20 -50.10
CA TYR A 365 34.03 -3.14 -50.07
C TYR A 365 34.37 -2.05 -51.09
N ASP A 366 33.32 -1.43 -51.63
CA ASP A 366 33.46 -0.43 -52.68
C ASP A 366 33.03 0.90 -52.08
N ARG A 367 34.02 1.69 -51.66
CA ARG A 367 33.75 2.96 -51.00
C ARG A 367 32.93 3.86 -51.92
N SER A 368 33.06 3.66 -53.25
CA SER A 368 32.33 4.58 -54.14
C SER A 368 30.81 4.53 -54.00
N SER A 369 30.26 3.46 -53.43
CA SER A 369 28.81 3.30 -53.26
C SER A 369 28.35 3.28 -51.80
N PHE A 370 29.25 3.74 -50.91
CA PHE A 370 28.86 3.95 -49.51
C PHE A 370 27.72 4.97 -49.40
N TYR A 371 27.83 6.14 -50.03
CA TYR A 371 26.95 7.24 -49.73
C TYR A 371 26.12 7.53 -50.98
N GLY A 372 24.84 7.17 -50.94
CA GLY A 372 23.96 7.47 -52.03
C GLY A 372 23.93 6.40 -53.11
N GLY A 373 22.91 6.52 -53.97
CA GLY A 373 22.73 5.59 -55.06
C GLY A 373 21.53 4.67 -54.80
N ASP A 374 21.63 3.48 -55.34
CA ASP A 374 20.50 2.54 -55.42
C ASP A 374 20.92 1.21 -54.82
N LYS A 375 20.32 0.10 -55.28
CA LYS A 375 20.63 -1.24 -54.75
C LYS A 375 22.11 -1.57 -54.88
N ARG A 376 22.78 -1.07 -55.91
CA ARG A 376 24.17 -1.45 -56.17
C ARG A 376 25.14 -0.97 -55.09
N GLY A 377 25.97 -1.90 -54.58
CA GLY A 377 26.82 -1.62 -53.43
C GLY A 377 26.06 -1.44 -52.11
N TYR A 378 24.81 -1.92 -52.05
CA TYR A 378 23.93 -1.78 -50.89
C TYR A 378 23.37 -3.15 -50.51
N THR A 379 22.57 -3.73 -51.43
CA THR A 379 21.88 -4.99 -51.15
C THR A 379 22.39 -6.12 -52.04
N ASP A 380 23.43 -5.80 -52.83
CA ASP A 380 23.90 -6.82 -53.76
C ASP A 380 25.25 -7.44 -53.39
N TYR A 381 25.72 -7.23 -52.18
CA TYR A 381 26.90 -7.95 -51.71
C TYR A 381 26.46 -9.30 -51.17
N PRO A 382 27.07 -10.42 -51.65
CA PRO A 382 26.54 -11.74 -51.33
C PRO A 382 27.04 -12.33 -50.02
N SER A 383 26.19 -13.15 -49.40
CA SER A 383 26.60 -14.00 -48.29
C SER A 383 27.35 -15.21 -48.86
N LEU A 384 27.89 -16.06 -48.01
CA LEU A 384 28.71 -17.18 -48.48
C LEU A 384 27.84 -18.17 -49.24
N GLU A 385 28.48 -18.94 -50.15
CA GLU A 385 27.78 -20.05 -50.80
C GLU A 385 28.01 -21.38 -50.06
N THR B 23 -36.96 9.41 -25.40
CA THR B 23 -36.92 8.76 -24.05
C THR B 23 -35.67 9.21 -23.30
N ASN B 24 -35.86 9.74 -22.08
CA ASN B 24 -34.71 10.16 -21.29
C ASN B 24 -34.24 9.02 -20.38
N ILE B 25 -33.03 8.55 -20.67
CA ILE B 25 -32.37 7.56 -19.84
C ILE B 25 -31.82 8.21 -18.56
N ASP B 26 -32.02 7.55 -17.42
CA ASP B 26 -31.47 7.94 -16.14
C ASP B 26 -31.13 6.69 -15.36
N LEU B 27 -30.67 6.86 -14.11
CA LEU B 27 -30.15 5.80 -13.27
C LEU B 27 -31.19 4.71 -13.08
N PHE B 28 -32.48 5.05 -13.26
CA PHE B 28 -33.61 4.18 -12.90
C PHE B 28 -34.20 3.49 -14.13
N SER B 29 -33.70 3.84 -15.32
CA SER B 29 -34.20 3.30 -16.58
C SER B 29 -33.64 1.87 -16.72
N PRO B 30 -34.42 0.88 -17.17
CA PRO B 30 -33.87 -0.48 -17.40
C PRO B 30 -32.78 -0.48 -18.46
N VAL B 31 -32.04 -1.60 -18.57
CA VAL B 31 -30.99 -1.69 -19.58
C VAL B 31 -30.74 -3.16 -19.87
N ARG B 32 -30.38 -3.44 -21.11
CA ARG B 32 -29.87 -4.74 -21.52
C ARG B 32 -28.38 -4.85 -21.21
N LEU B 33 -27.99 -5.92 -20.52
CA LEU B 33 -26.58 -6.17 -20.22
C LEU B 33 -26.34 -7.63 -20.57
N GLY B 34 -25.70 -7.81 -21.70
CA GLY B 34 -25.41 -9.14 -22.22
C GLY B 34 -26.73 -9.88 -22.37
N ARG B 35 -26.82 -11.00 -21.71
CA ARG B 35 -28.02 -11.90 -21.77
C ARG B 35 -29.21 -11.35 -20.96
N TYR B 36 -28.98 -10.39 -20.10
CA TYR B 36 -29.97 -10.00 -19.09
C TYR B 36 -30.63 -8.65 -19.34
N GLU B 37 -31.84 -8.58 -18.83
CA GLU B 37 -32.59 -7.31 -18.81
C GLU B 37 -32.54 -6.84 -17.36
N LEU B 38 -31.88 -5.73 -17.10
CA LEU B 38 -31.74 -5.25 -15.72
C LEU B 38 -32.76 -4.13 -15.46
N PRO B 39 -33.28 -4.03 -14.22
CA PRO B 39 -34.31 -3.03 -13.91
C PRO B 39 -33.83 -1.59 -13.74
N ASN B 40 -32.52 -1.39 -13.64
CA ASN B 40 -32.02 -0.05 -13.51
C ASN B 40 -30.57 -0.10 -14.03
N ARG B 41 -29.89 1.03 -13.94
CA ARG B 41 -28.55 1.23 -14.51
C ARG B 41 -27.54 1.47 -13.39
N MET B 42 -27.91 1.15 -12.16
CA MET B 42 -26.99 1.25 -11.04
C MET B 42 -26.30 -0.09 -10.79
N VAL B 43 -24.97 -0.02 -10.69
CA VAL B 43 -24.16 -1.23 -10.44
C VAL B 43 -23.48 -1.08 -9.07
N MET B 44 -23.48 -2.18 -8.29
CA MET B 44 -22.65 -2.16 -7.11
C MET B 44 -21.23 -2.53 -7.55
N ALA B 45 -20.28 -1.58 -7.36
CA ALA B 45 -18.94 -1.82 -7.87
C ALA B 45 -18.29 -2.97 -7.10
N PRO B 46 -17.26 -3.60 -7.68
CA PRO B 46 -16.50 -4.63 -6.96
C PRO B 46 -15.77 -3.98 -5.78
N LEU B 47 -15.99 -4.51 -4.58
CA LEU B 47 -15.43 -3.96 -3.32
C LEU B 47 -14.79 -5.02 -2.41
N THR B 48 -13.47 -5.01 -2.37
CA THR B 48 -12.69 -5.83 -1.45
C THR B 48 -13.03 -5.46 -0.02
N ARG B 49 -13.49 -6.48 0.75
CA ARG B 49 -13.90 -6.21 2.11
C ARG B 49 -13.10 -7.01 3.13
N ASN B 50 -12.34 -8.04 2.70
CA ASN B 50 -11.46 -8.80 3.59
C ASN B 50 -12.24 -9.51 4.71
N ARG B 51 -13.38 -10.13 4.37
CA ARG B 51 -14.23 -10.79 5.41
C ARG B 51 -14.44 -12.28 5.12
N ALA B 52 -13.54 -12.93 4.37
CA ALA B 52 -13.71 -14.36 4.13
C ALA B 52 -13.38 -15.20 5.37
N GLY B 53 -14.03 -16.37 5.40
CA GLY B 53 -13.77 -17.38 6.42
C GLY B 53 -12.53 -18.25 6.16
N GLU B 54 -12.35 -19.25 7.03
CA GLU B 54 -11.24 -20.19 6.96
C GLU B 54 -11.11 -20.74 5.55
N GLY B 55 -9.88 -20.83 5.02
CA GLY B 55 -9.68 -21.36 3.68
C GLY B 55 -10.14 -20.39 2.58
N ASN B 56 -10.34 -19.14 2.96
CA ASN B 56 -10.67 -18.06 2.02
C ASN B 56 -12.06 -18.36 1.46
N VAL B 57 -12.96 -18.90 2.32
CA VAL B 57 -14.26 -19.37 1.85
C VAL B 57 -15.27 -18.31 2.26
N PRO B 58 -16.15 -17.86 1.35
CA PRO B 58 -17.27 -16.99 1.71
C PRO B 58 -18.21 -17.62 2.73
N ARG B 59 -18.79 -16.77 3.59
CA ARG B 59 -19.59 -17.26 4.71
C ARG B 59 -21.00 -16.65 4.68
N GLU B 60 -21.88 -17.09 5.59
CA GLU B 60 -23.25 -16.61 5.56
C GLU B 60 -23.29 -15.12 5.77
N LEU B 61 -22.32 -14.57 6.55
CA LEU B 61 -22.39 -13.13 6.77
C LEU B 61 -22.14 -12.42 5.45
N ASN B 62 -21.35 -13.03 4.53
CA ASN B 62 -21.02 -12.40 3.24
C ASN B 62 -22.27 -12.45 2.36
N ALA B 63 -23.05 -13.53 2.43
CA ALA B 63 -24.30 -13.69 1.70
C ALA B 63 -25.32 -12.64 2.13
N GLU B 64 -25.38 -12.35 3.45
CA GLU B 64 -26.24 -11.32 4.04
C GLU B 64 -25.94 -9.98 3.37
N TYR B 65 -24.65 -9.68 3.30
CA TYR B 65 -24.15 -8.40 2.81
C TYR B 65 -24.62 -8.15 1.37
N TYR B 66 -24.44 -9.15 0.51
CA TYR B 66 -24.84 -9.05 -0.89
C TYR B 66 -26.35 -8.98 -0.99
N ALA B 67 -27.05 -9.81 -0.21
CA ALA B 67 -28.50 -9.82 -0.34
C ALA B 67 -29.13 -8.45 0.03
N GLN B 68 -28.43 -7.64 0.86
CA GLN B 68 -28.89 -6.33 1.34
C GLN B 68 -28.89 -5.36 0.15
N ARG B 69 -28.12 -5.66 -0.91
CA ARG B 69 -27.72 -4.76 -2.01
C ARG B 69 -28.35 -5.16 -3.35
N VAL B 70 -29.41 -5.98 -3.28
CA VAL B 70 -29.93 -6.55 -4.51
C VAL B 70 -30.70 -5.54 -5.34
N SER B 71 -31.05 -4.38 -4.78
CA SER B 71 -31.75 -3.40 -5.60
C SER B 71 -30.84 -2.74 -6.64
N ALA B 72 -29.54 -2.99 -6.56
CA ALA B 72 -28.67 -2.67 -7.67
C ALA B 72 -29.11 -3.53 -8.86
N GLY B 73 -29.14 -2.94 -10.06
CA GLY B 73 -29.47 -3.76 -11.22
C GLY B 73 -28.42 -4.88 -11.42
N LEU B 74 -27.14 -4.61 -11.11
CA LEU B 74 -26.14 -5.67 -11.14
C LEU B 74 -25.23 -5.47 -9.93
N ILE B 75 -24.89 -6.60 -9.28
CA ILE B 75 -23.84 -6.58 -8.24
C ILE B 75 -22.60 -7.23 -8.86
N ILE B 76 -21.43 -6.61 -8.64
CA ILE B 76 -20.16 -7.25 -8.94
C ILE B 76 -19.48 -7.58 -7.62
N THR B 77 -18.98 -8.82 -7.46
CA THR B 77 -18.36 -9.18 -6.18
C THR B 77 -17.04 -8.45 -6.01
N GLU B 78 -16.67 -8.45 -4.72
CA GLU B 78 -15.30 -8.19 -4.35
C GLU B 78 -14.35 -9.01 -5.21
N ALA B 79 -13.15 -8.46 -5.48
CA ALA B 79 -12.15 -9.22 -6.19
C ALA B 79 -11.96 -10.59 -5.53
N THR B 80 -11.86 -11.66 -6.33
CA THR B 80 -11.82 -13.00 -5.75
C THR B 80 -10.71 -13.77 -6.45
N GLN B 81 -9.71 -14.20 -5.68
CA GLN B 81 -8.52 -14.75 -6.37
C GLN B 81 -8.77 -16.13 -7.01
N VAL B 82 -8.19 -16.30 -8.19
CA VAL B 82 -8.27 -17.51 -8.99
C VAL B 82 -7.35 -18.62 -8.49
N SER B 83 -6.46 -18.32 -7.52
CA SER B 83 -5.46 -19.28 -7.04
C SER B 83 -4.85 -18.75 -5.76
N PRO B 84 -4.24 -19.62 -4.94
CA PRO B 84 -3.41 -19.16 -3.85
C PRO B 84 -2.32 -18.20 -4.31
N GLN B 85 -1.73 -18.47 -5.48
CA GLN B 85 -0.68 -17.62 -6.05
C GLN B 85 -1.22 -16.19 -6.20
N GLY B 86 -2.50 -16.10 -6.57
CA GLY B 86 -3.09 -14.80 -6.87
C GLY B 86 -3.68 -14.02 -5.69
N LEU B 87 -3.39 -14.43 -4.45
CA LEU B 87 -3.80 -13.78 -3.22
C LEU B 87 -2.77 -12.72 -2.82
N GLY B 88 -3.28 -11.52 -2.47
CA GLY B 88 -2.40 -10.42 -2.08
C GLY B 88 -2.81 -9.67 -0.81
N TYR B 89 -3.93 -10.04 -0.18
CA TYR B 89 -4.32 -9.36 1.04
C TYR B 89 -4.94 -10.39 1.94
N PRO B 90 -4.76 -10.29 3.27
CA PRO B 90 -5.44 -11.25 4.14
C PRO B 90 -6.96 -11.34 3.93
N PHE B 91 -7.49 -12.55 3.96
CA PHE B 91 -8.92 -12.80 4.12
C PHE B 91 -9.80 -12.39 2.94
N THR B 92 -9.24 -12.33 1.75
CA THR B 92 -10.03 -12.21 0.53
C THR B 92 -10.50 -13.60 0.11
N PRO B 93 -11.74 -13.69 -0.41
CA PRO B 93 -12.25 -15.01 -0.83
C PRO B 93 -11.63 -15.45 -2.15
N GLY B 94 -11.53 -16.79 -2.33
CA GLY B 94 -11.06 -17.30 -3.62
C GLY B 94 -12.17 -18.02 -4.38
N ILE B 95 -11.81 -18.56 -5.56
CA ILE B 95 -12.77 -19.30 -6.40
C ILE B 95 -12.09 -20.54 -6.99
N HIS B 96 -11.04 -21.00 -6.33
CA HIS B 96 -10.23 -22.10 -6.86
C HIS B 96 -10.66 -23.44 -6.23
N SER B 97 -11.19 -23.42 -4.99
CA SER B 97 -11.49 -24.66 -4.31
C SER B 97 -12.99 -25.00 -4.26
N GLN B 98 -13.26 -26.30 -4.09
N GLN B 98 -13.30 -26.30 -4.11
CA GLN B 98 -14.63 -26.78 -3.99
CA GLN B 98 -14.70 -26.67 -4.05
C GLN B 98 -15.30 -26.09 -2.81
C GLN B 98 -15.34 -26.07 -2.79
N GLU B 99 -14.59 -25.97 -1.73
N GLU B 99 -14.57 -25.96 -1.71
CA GLU B 99 -15.15 -25.38 -0.49
CA GLU B 99 -15.13 -25.37 -0.48
C GLU B 99 -15.58 -23.95 -0.82
C GLU B 99 -15.58 -23.95 -0.82
N GLN B 100 -14.70 -23.22 -1.49
CA GLN B 100 -15.05 -21.88 -1.94
C GLN B 100 -16.29 -21.82 -2.84
N VAL B 101 -16.40 -22.73 -3.81
CA VAL B 101 -17.60 -22.86 -4.64
C VAL B 101 -18.86 -22.93 -3.76
N GLU B 102 -18.81 -23.81 -2.75
CA GLU B 102 -19.94 -24.04 -1.88
C GLU B 102 -20.25 -22.78 -1.07
N GLY B 103 -19.20 -22.09 -0.57
CA GLY B 103 -19.51 -20.88 0.17
C GLY B 103 -20.11 -19.82 -0.76
N TRP B 104 -19.60 -19.74 -2.00
CA TRP B 104 -20.18 -18.73 -2.87
C TRP B 104 -21.63 -19.08 -3.22
N ARG B 105 -21.94 -20.37 -3.25
CA ARG B 105 -23.32 -20.73 -3.55
C ARG B 105 -24.29 -20.12 -2.54
N LEU B 106 -23.83 -19.93 -1.30
CA LEU B 106 -24.65 -19.24 -0.30
C LEU B 106 -25.04 -17.84 -0.78
N VAL B 107 -24.05 -17.16 -1.35
CA VAL B 107 -24.18 -15.82 -1.83
C VAL B 107 -25.10 -15.79 -3.05
N THR B 108 -24.83 -16.62 -4.06
CA THR B 108 -25.67 -16.54 -5.26
C THR B 108 -27.12 -16.90 -4.93
N LYS B 109 -27.31 -17.87 -4.03
CA LYS B 109 -28.67 -18.26 -3.65
C LYS B 109 -29.40 -17.12 -2.95
N ALA B 110 -28.71 -16.45 -2.02
CA ALA B 110 -29.25 -15.33 -1.27
C ALA B 110 -29.69 -14.24 -2.24
N VAL B 111 -28.82 -13.92 -3.21
CA VAL B 111 -29.11 -12.84 -4.17
C VAL B 111 -30.27 -13.25 -5.06
N HIS B 112 -30.28 -14.51 -5.53
CA HIS B 112 -31.25 -14.93 -6.53
C HIS B 112 -32.62 -15.09 -5.88
N ASP B 113 -32.61 -15.44 -4.59
CA ASP B 113 -33.85 -15.57 -3.84
C ASP B 113 -34.59 -14.23 -3.88
N ARG B 114 -33.81 -13.14 -4.00
CA ARG B 114 -34.34 -11.79 -3.87
C ARG B 114 -34.41 -11.10 -5.24
N GLY B 115 -34.20 -11.86 -6.33
CA GLY B 115 -34.36 -11.46 -7.73
C GLY B 115 -33.15 -10.70 -8.34
N GLY B 116 -32.01 -10.59 -7.62
CA GLY B 116 -30.91 -9.78 -8.14
C GLY B 116 -30.06 -10.54 -9.13
N LYS B 117 -29.05 -9.82 -9.65
CA LYS B 117 -28.08 -10.36 -10.58
C LYS B 117 -26.69 -10.08 -10.03
N ILE B 118 -25.79 -11.09 -10.17
CA ILE B 118 -24.47 -10.98 -9.55
C ILE B 118 -23.42 -11.62 -10.45
N PHE B 119 -22.31 -10.85 -10.68
CA PHE B 119 -21.15 -11.34 -11.41
C PHE B 119 -19.97 -11.49 -10.45
N LEU B 120 -19.16 -12.55 -10.60
N LEU B 120 -19.22 -12.60 -10.58
CA LEU B 120 -18.00 -12.73 -9.72
CA LEU B 120 -18.03 -12.72 -9.73
C LEU B 120 -16.76 -12.14 -10.38
C LEU B 120 -16.83 -12.04 -10.42
N GLN B 121 -16.02 -11.30 -9.65
CA GLN B 121 -14.84 -10.63 -10.21
C GLN B 121 -13.63 -11.57 -10.04
N LEU B 122 -13.05 -12.00 -11.16
CA LEU B 122 -11.95 -12.97 -11.17
C LEU B 122 -10.62 -12.20 -11.07
N TRP B 123 -9.85 -12.53 -10.00
CA TRP B 123 -8.65 -11.76 -9.64
C TRP B 123 -7.36 -12.56 -9.60
N HIS B 124 -6.24 -11.92 -9.98
CA HIS B 124 -4.91 -12.40 -9.62
C HIS B 124 -4.06 -11.15 -9.33
N VAL B 125 -3.54 -11.05 -8.11
CA VAL B 125 -2.80 -9.83 -7.70
C VAL B 125 -1.44 -9.64 -8.38
N GLY B 126 -0.82 -10.72 -8.96
CA GLY B 126 0.52 -10.55 -9.47
C GLY B 126 1.44 -10.15 -8.33
N ARG B 127 2.27 -9.13 -8.66
CA ARG B 127 3.33 -8.76 -7.72
C ARG B 127 2.78 -8.08 -6.45
N ILE B 128 1.47 -7.76 -6.37
CA ILE B 128 0.93 -7.04 -5.22
C ILE B 128 0.53 -8.09 -4.19
N SER B 129 1.55 -8.67 -3.55
CA SER B 129 1.38 -9.73 -2.58
C SER B 129 2.63 -9.69 -1.68
N HIS B 130 2.92 -10.84 -1.00
CA HIS B 130 4.12 -10.91 -0.18
C HIS B 130 4.38 -12.39 0.06
N PRO B 131 5.63 -12.86 0.25
CA PRO B 131 5.89 -14.26 0.62
C PRO B 131 5.06 -14.71 1.84
N ASP B 132 4.80 -13.84 2.81
CA ASP B 132 4.01 -14.26 4.00
C ASP B 132 2.62 -14.84 3.59
N LEU B 133 2.09 -14.41 2.46
CA LEU B 133 0.71 -14.81 2.04
C LEU B 133 0.77 -15.99 1.08
N GLN B 134 1.96 -16.26 0.59
CA GLN B 134 2.22 -17.30 -0.43
C GLN B 134 2.49 -18.63 0.25
N VAL B 135 2.01 -19.70 -0.39
CA VAL B 135 2.25 -21.03 0.14
C VAL B 135 3.76 -21.28 0.12
N ASP B 136 4.27 -21.72 1.26
CA ASP B 136 5.69 -22.06 1.36
C ASP B 136 6.60 -20.87 1.08
N GLY B 137 6.08 -19.62 1.19
CA GLY B 137 6.94 -18.45 1.06
C GLY B 137 7.40 -18.20 -0.37
N ALA B 138 6.63 -18.75 -1.36
CA ALA B 138 6.89 -18.48 -2.76
C ALA B 138 6.94 -16.99 -3.07
N LEU B 139 7.84 -16.63 -4.01
CA LEU B 139 7.73 -15.23 -4.41
C LEU B 139 6.43 -15.02 -5.19
N PRO B 140 5.77 -13.87 -4.99
CA PRO B 140 4.76 -13.44 -5.93
C PRO B 140 5.28 -13.45 -7.35
N VAL B 141 4.34 -13.65 -8.29
CA VAL B 141 4.63 -13.75 -9.71
C VAL B 141 4.16 -12.51 -10.45
N ALA B 142 4.76 -12.25 -11.65
CA ALA B 142 4.54 -10.96 -12.30
C ALA B 142 5.10 -11.11 -13.71
N PRO B 143 4.83 -10.20 -14.64
CA PRO B 143 5.50 -10.24 -15.93
C PRO B 143 7.02 -10.11 -15.86
N SER B 144 7.49 -9.27 -14.94
CA SER B 144 8.92 -9.00 -14.86
C SER B 144 9.32 -8.87 -13.39
N ALA B 145 10.62 -9.08 -13.11
CA ALA B 145 11.14 -8.98 -11.75
C ALA B 145 11.40 -7.51 -11.35
N ILE B 146 10.31 -6.76 -11.07
CA ILE B 146 10.26 -5.33 -10.78
C ILE B 146 9.33 -5.13 -9.63
N ALA B 147 9.87 -4.68 -8.48
CA ALA B 147 9.00 -4.45 -7.34
C ALA B 147 8.17 -3.19 -7.58
N PRO B 148 6.95 -3.06 -7.04
CA PRO B 148 6.25 -1.74 -7.07
C PRO B 148 7.09 -0.69 -6.36
N SER B 149 7.12 0.53 -6.91
CA SER B 149 8.01 1.59 -6.44
C SER B 149 7.45 2.23 -5.17
N GLU B 150 6.11 2.17 -5.03
CA GLU B 150 5.42 2.84 -3.92
C GLU B 150 4.59 1.82 -3.17
N GLY B 151 4.22 2.16 -1.92
CA GLY B 151 3.31 1.33 -1.16
C GLY B 151 4.07 0.23 -0.40
N MET B 152 3.32 -0.56 0.37
CA MET B 152 3.83 -1.68 1.15
C MET B 152 2.84 -2.81 0.98
N ALA B 153 3.34 -4.02 1.16
CA ALA B 153 2.50 -5.21 1.14
C ALA B 153 1.66 -5.30 2.40
N ALA B 154 0.49 -5.93 2.27
CA ALA B 154 -0.38 -6.16 3.41
C ALA B 154 -0.24 -7.62 3.85
N THR B 155 0.30 -7.83 5.06
CA THR B 155 0.51 -9.21 5.49
C THR B 155 -0.32 -9.50 6.74
N TYR B 156 -0.22 -10.72 7.27
CA TYR B 156 -1.06 -11.01 8.43
C TYR B 156 -0.55 -10.30 9.68
N GLU B 157 0.73 -9.89 9.63
CA GLU B 157 1.37 -9.19 10.72
C GLU B 157 1.47 -7.68 10.42
N GLY B 158 0.66 -7.14 9.50
CA GLY B 158 0.72 -5.74 9.15
C GLY B 158 1.62 -5.47 7.95
N GLU B 159 2.01 -4.19 7.79
CA GLU B 159 2.60 -3.83 6.51
C GLU B 159 4.06 -4.29 6.49
N LYS B 160 4.52 -4.75 5.32
CA LYS B 160 5.92 -5.06 5.15
C LYS B 160 6.38 -4.61 3.77
N PRO B 161 7.68 -4.32 3.51
CA PRO B 161 8.09 -3.96 2.18
C PRO B 161 7.73 -4.99 1.11
N TYR B 162 7.31 -4.50 -0.05
CA TYR B 162 7.21 -5.42 -1.16
C TYR B 162 8.54 -6.06 -1.50
N VAL B 163 8.50 -7.34 -1.87
CA VAL B 163 9.68 -8.01 -2.43
C VAL B 163 9.57 -7.92 -3.94
N THR B 164 10.69 -8.19 -4.64
CA THR B 164 10.70 -8.21 -6.11
C THR B 164 10.03 -9.52 -6.48
N PRO B 165 9.01 -9.47 -7.41
CA PRO B 165 8.37 -10.70 -7.82
C PRO B 165 9.24 -11.52 -8.77
N ARG B 166 8.88 -12.78 -8.96
CA ARG B 166 9.50 -13.68 -9.91
C ARG B 166 8.81 -13.47 -11.27
N ALA B 167 9.57 -13.28 -12.34
CA ALA B 167 9.05 -13.12 -13.69
C ALA B 167 8.60 -14.50 -14.17
N LEU B 168 7.33 -14.60 -14.56
CA LEU B 168 6.83 -15.87 -15.08
C LEU B 168 7.64 -16.29 -16.30
N GLU B 169 7.94 -17.60 -16.35
CA GLU B 169 8.51 -18.13 -17.58
C GLU B 169 7.45 -18.10 -18.67
N THR B 170 7.91 -18.06 -19.91
CA THR B 170 7.00 -18.12 -21.04
C THR B 170 6.08 -19.34 -20.96
N ALA B 171 6.68 -20.51 -20.67
CA ALA B 171 5.90 -21.77 -20.57
C ALA B 171 4.98 -21.79 -19.35
N GLU B 172 5.03 -20.78 -18.50
CA GLU B 172 4.12 -20.72 -17.34
C GLU B 172 2.83 -19.93 -17.69
N ILE B 173 2.82 -19.21 -18.80
CA ILE B 173 1.67 -18.35 -19.20
C ILE B 173 0.40 -19.20 -19.43
N PRO B 174 0.45 -20.38 -20.09
CA PRO B 174 -0.75 -21.21 -20.18
C PRO B 174 -1.35 -21.59 -18.82
N GLY B 175 -0.51 -21.84 -17.82
CA GLY B 175 -0.96 -22.10 -16.44
C GLY B 175 -1.75 -20.93 -15.86
N ILE B 176 -1.31 -19.70 -16.13
CA ILE B 176 -2.07 -18.49 -15.68
C ILE B 176 -3.42 -18.50 -16.38
N VAL B 177 -3.45 -18.71 -17.69
CA VAL B 177 -4.74 -18.70 -18.38
C VAL B 177 -5.61 -19.81 -17.78
N GLU B 178 -5.01 -21.01 -17.52
CA GLU B 178 -5.81 -22.06 -16.90
C GLU B 178 -6.39 -21.70 -15.52
N GLN B 179 -5.68 -20.94 -14.71
CA GLN B 179 -6.24 -20.49 -13.44
C GLN B 179 -7.54 -19.73 -13.72
N TYR B 180 -7.50 -18.86 -14.73
CA TYR B 180 -8.68 -18.06 -15.04
C TYR B 180 -9.78 -18.92 -15.64
N ARG B 181 -9.37 -19.87 -16.48
CA ARG B 181 -10.30 -20.85 -17.10
C ARG B 181 -11.03 -21.62 -15.99
N GLN B 182 -10.30 -22.25 -15.07
CA GLN B 182 -10.94 -23.00 -13.99
C GLN B 182 -11.73 -22.11 -13.03
N GLY B 183 -11.16 -20.93 -12.72
CA GLY B 183 -11.88 -20.00 -11.85
C GLY B 183 -13.23 -19.60 -12.45
N ALA B 184 -13.24 -19.45 -13.78
CA ALA B 184 -14.46 -19.18 -14.51
C ALA B 184 -15.45 -20.36 -14.37
N LYS B 185 -14.92 -21.56 -14.56
CA LYS B 185 -15.78 -22.76 -14.43
C LYS B 185 -16.36 -22.90 -13.03
N ASN B 186 -15.53 -22.62 -12.02
CA ASN B 186 -16.03 -22.73 -10.66
C ASN B 186 -17.06 -21.65 -10.33
N ALA B 187 -16.89 -20.43 -10.87
CA ALA B 187 -17.95 -19.43 -10.72
C ALA B 187 -19.26 -19.86 -11.42
N LEU B 188 -19.12 -20.58 -12.52
CA LEU B 188 -20.33 -21.01 -13.22
C LEU B 188 -21.01 -22.06 -12.33
N ALA B 189 -20.21 -23.00 -11.80
CA ALA B 189 -20.79 -24.05 -10.95
C ALA B 189 -21.41 -23.50 -9.67
N ALA B 190 -20.98 -22.30 -9.22
CA ALA B 190 -21.43 -21.72 -7.96
C ALA B 190 -22.73 -20.93 -8.16
N GLY B 191 -23.20 -20.82 -9.42
CA GLY B 191 -24.46 -20.22 -9.77
C GLY B 191 -24.43 -18.72 -10.04
N PHE B 192 -23.25 -18.16 -10.35
CA PHE B 192 -23.24 -16.74 -10.72
C PHE B 192 -23.95 -16.49 -12.06
N ASP B 193 -24.35 -15.21 -12.29
CA ASP B 193 -24.94 -14.84 -13.56
C ASP B 193 -23.91 -14.56 -14.64
N GLY B 194 -22.62 -14.30 -14.23
CA GLY B 194 -21.52 -14.02 -15.14
C GLY B 194 -20.31 -13.78 -14.26
N VAL B 195 -19.24 -13.36 -14.97
CA VAL B 195 -17.99 -13.00 -14.31
C VAL B 195 -17.42 -11.74 -14.94
N GLU B 196 -16.64 -11.07 -14.08
CA GLU B 196 -15.89 -9.89 -14.55
C GLU B 196 -14.38 -10.19 -14.48
N ILE B 197 -13.64 -10.01 -15.56
CA ILE B 197 -12.21 -10.15 -15.50
C ILE B 197 -11.57 -8.85 -14.97
N HIS B 198 -10.88 -8.96 -13.81
CA HIS B 198 -10.22 -7.75 -13.24
C HIS B 198 -8.86 -7.47 -13.90
N SER B 199 -8.92 -6.57 -14.89
CA SER B 199 -7.73 -6.19 -15.59
C SER B 199 -7.39 -4.74 -15.26
N ALA B 200 -7.64 -4.36 -14.01
CA ALA B 200 -7.50 -2.95 -13.62
C ALA B 200 -6.58 -2.84 -12.38
N ASN B 201 -6.40 -1.58 -11.94
CA ASN B 201 -5.86 -1.31 -10.60
C ASN B 201 -4.51 -1.98 -10.29
N GLY B 202 -3.66 -2.17 -11.30
CA GLY B 202 -2.27 -2.55 -11.05
C GLY B 202 -2.06 -4.03 -10.68
N TYR B 203 -3.09 -4.90 -10.84
CA TYR B 203 -2.95 -6.31 -10.57
C TYR B 203 -2.38 -7.02 -11.78
N LEU B 204 -2.34 -8.38 -11.74
CA LEU B 204 -1.46 -9.11 -12.68
C LEU B 204 -1.68 -8.71 -14.14
N LEU B 205 -2.92 -8.67 -14.61
CA LEU B 205 -3.14 -8.42 -16.03
C LEU B 205 -2.70 -6.99 -16.37
N ASP B 206 -2.99 -6.04 -15.46
CA ASP B 206 -2.62 -4.64 -15.61
C ASP B 206 -1.10 -4.47 -15.51
N GLN B 207 -0.41 -5.36 -14.73
CA GLN B 207 1.05 -5.33 -14.75
C GLN B 207 1.60 -5.72 -16.13
N PHE B 208 1.02 -6.75 -16.78
CA PHE B 208 1.37 -7.03 -18.17
C PHE B 208 1.11 -5.89 -19.14
N LEU B 209 0.03 -5.16 -18.93
CA LEU B 209 -0.29 -4.10 -19.89
C LEU B 209 0.72 -2.95 -19.90
N HIS B 210 1.25 -2.58 -18.74
CA HIS B 210 2.08 -1.37 -18.62
C HIS B 210 3.56 -1.63 -18.87
N ASP B 211 4.19 -0.80 -19.71
CA ASP B 211 5.62 -1.02 -19.97
C ASP B 211 6.54 -0.64 -18.81
N GLY B 212 6.04 0.05 -17.78
CA GLY B 212 6.77 0.26 -16.55
C GLY B 212 6.99 -1.00 -15.75
N SER B 213 5.98 -1.85 -15.78
CA SER B 213 5.97 -3.08 -15.01
C SER B 213 6.34 -4.32 -15.83
N ASN B 214 6.20 -4.23 -17.18
CA ASN B 214 6.42 -5.38 -18.05
C ASN B 214 7.62 -5.05 -18.92
N HIS B 215 8.78 -5.72 -18.70
CA HIS B 215 9.97 -5.56 -19.53
C HIS B 215 10.27 -6.87 -20.22
N ARG B 216 9.26 -7.67 -20.48
CA ARG B 216 9.54 -8.97 -21.10
C ARG B 216 9.93 -8.84 -22.56
N THR B 217 10.66 -9.85 -23.05
CA THR B 217 11.14 -9.86 -24.42
C THR B 217 10.67 -11.09 -25.18
N ASP B 218 9.64 -11.73 -24.62
CA ASP B 218 8.94 -12.80 -25.33
C ASP B 218 7.68 -12.23 -26.00
N GLU B 219 6.72 -13.09 -26.36
CA GLU B 219 5.53 -12.60 -27.03
C GLU B 219 4.51 -11.94 -26.11
N TYR B 220 4.81 -11.84 -24.80
CA TYR B 220 3.96 -11.18 -23.83
C TYR B 220 4.56 -9.83 -23.42
N GLY B 221 5.63 -9.36 -24.05
CA GLY B 221 6.05 -7.99 -23.75
C GLY B 221 6.66 -7.39 -25.01
N GLY B 222 7.06 -6.11 -24.93
CA GLY B 222 7.62 -5.39 -26.06
C GLY B 222 6.56 -4.48 -26.70
N SER B 223 5.96 -4.97 -27.81
CA SER B 223 4.93 -4.20 -28.48
C SER B 223 3.65 -4.06 -27.62
N ILE B 224 2.83 -3.04 -27.92
CA ILE B 224 1.55 -2.92 -27.25
C ILE B 224 0.75 -4.22 -27.40
N GLU B 225 0.70 -4.74 -28.65
CA GLU B 225 -0.09 -5.97 -28.90
C GLU B 225 0.39 -7.07 -27.94
N ASN B 226 1.70 -7.18 -27.76
CA ASN B 226 2.24 -8.27 -26.96
C ASN B 226 1.92 -8.05 -25.47
N ARG B 227 1.92 -6.79 -24.98
CA ARG B 227 1.60 -6.51 -23.59
C ARG B 227 0.11 -6.80 -23.31
N ALA B 228 -0.74 -6.67 -24.36
CA ALA B 228 -2.17 -6.96 -24.19
C ALA B 228 -2.52 -8.43 -24.38
N ARG B 229 -1.55 -9.26 -24.82
CA ARG B 229 -1.78 -10.64 -25.23
C ARG B 229 -2.33 -11.49 -24.10
N LEU B 230 -1.76 -11.32 -22.89
CA LEU B 230 -2.31 -12.11 -21.78
C LEU B 230 -3.78 -11.78 -21.49
N LEU B 231 -4.17 -10.50 -21.44
CA LEU B 231 -5.57 -10.16 -21.28
C LEU B 231 -6.41 -10.81 -22.38
N MET B 232 -5.95 -10.77 -23.63
CA MET B 232 -6.81 -11.29 -24.69
C MET B 232 -6.95 -12.81 -24.59
N GLU B 233 -5.87 -13.53 -24.19
CA GLU B 233 -5.95 -14.96 -23.97
C GLU B 233 -6.83 -15.34 -22.79
N VAL B 234 -6.73 -14.62 -21.65
CA VAL B 234 -7.62 -14.87 -20.55
C VAL B 234 -9.07 -14.60 -20.96
N THR B 235 -9.32 -13.50 -21.69
CA THR B 235 -10.70 -13.19 -22.09
C THR B 235 -11.27 -14.28 -23.00
N GLU B 236 -10.44 -14.81 -23.91
CA GLU B 236 -10.91 -15.86 -24.82
C GLU B 236 -11.25 -17.07 -23.97
N ALA B 237 -10.42 -17.41 -22.99
CA ALA B 237 -10.62 -18.64 -22.25
C ALA B 237 -11.88 -18.54 -21.38
N VAL B 238 -12.11 -17.35 -20.79
CA VAL B 238 -13.27 -17.14 -19.90
C VAL B 238 -14.58 -17.11 -20.73
N VAL B 239 -14.57 -16.48 -21.91
CA VAL B 239 -15.68 -16.45 -22.84
C VAL B 239 -16.03 -17.88 -23.27
N SER B 240 -15.03 -18.72 -23.50
CA SER B 240 -15.26 -20.07 -23.95
C SER B 240 -16.10 -20.82 -22.92
N VAL B 241 -15.84 -20.57 -21.64
CA VAL B 241 -16.61 -21.16 -20.55
C VAL B 241 -18.05 -20.64 -20.47
N TRP B 242 -18.20 -19.32 -20.50
CA TRP B 242 -19.44 -18.65 -20.09
C TRP B 242 -20.39 -18.30 -21.21
N GLY B 243 -19.85 -18.06 -22.38
CA GLY B 243 -20.57 -17.27 -23.38
C GLY B 243 -20.21 -15.78 -23.17
N ALA B 244 -19.97 -15.08 -24.28
CA ALA B 244 -19.45 -13.72 -24.14
C ALA B 244 -20.46 -12.79 -23.47
N ASP B 245 -21.77 -13.05 -23.68
CA ASP B 245 -22.84 -12.25 -23.08
C ASP B 245 -22.95 -12.43 -21.55
N ARG B 246 -22.10 -13.29 -20.95
CA ARG B 246 -22.02 -13.35 -19.50
C ARG B 246 -20.61 -13.00 -19.01
N VAL B 247 -19.86 -12.21 -19.78
CA VAL B 247 -18.50 -11.84 -19.33
C VAL B 247 -18.29 -10.34 -19.50
N GLY B 248 -17.73 -9.71 -18.47
CA GLY B 248 -17.22 -8.35 -18.62
C GLY B 248 -15.74 -8.28 -18.36
N VAL B 249 -15.18 -7.11 -18.72
CA VAL B 249 -13.77 -6.83 -18.46
C VAL B 249 -13.72 -5.49 -17.75
N ARG B 250 -12.86 -5.38 -16.69
CA ARG B 250 -12.66 -4.06 -16.06
C ARG B 250 -11.23 -3.56 -16.28
N LEU B 251 -11.13 -2.28 -16.68
CA LEU B 251 -9.84 -1.60 -16.95
C LEU B 251 -9.87 -0.28 -16.16
N SER B 252 -8.67 0.23 -15.86
CA SER B 252 -8.52 1.56 -15.27
C SER B 252 -7.48 2.34 -16.07
N PRO B 253 -7.84 2.78 -17.30
CA PRO B 253 -6.89 3.37 -18.24
C PRO B 253 -5.96 4.41 -17.61
N SER B 254 -6.53 5.36 -16.86
CA SER B 254 -5.74 6.48 -16.32
C SER B 254 -5.06 6.16 -14.99
N GLY B 255 -5.23 4.94 -14.45
CA GLY B 255 -4.78 4.65 -13.11
C GLY B 255 -3.25 4.53 -13.05
N THR B 256 -2.69 4.83 -11.86
CA THR B 256 -1.33 4.45 -11.50
C THR B 256 -1.27 3.66 -10.19
N PHE B 257 -2.41 3.35 -9.53
CA PHE B 257 -2.42 2.56 -8.30
C PHE B 257 -1.72 1.22 -8.59
N GLY B 258 -0.87 0.79 -7.67
CA GLY B 258 -0.06 -0.39 -7.93
C GLY B 258 1.30 -0.05 -8.54
N SER B 259 1.60 1.28 -8.62
CA SER B 259 2.86 1.69 -9.22
C SER B 259 3.00 1.16 -10.67
N VAL B 260 1.91 1.26 -11.45
CA VAL B 260 1.93 0.93 -12.88
C VAL B 260 1.96 2.20 -13.70
N TYR B 261 3.00 2.29 -14.58
CA TYR B 261 3.18 3.46 -15.42
C TYR B 261 3.47 2.99 -16.84
N ASP B 262 3.11 3.80 -17.82
CA ASP B 262 3.29 3.44 -19.20
C ASP B 262 3.69 4.67 -19.99
N SER B 263 4.54 4.46 -20.99
CA SER B 263 5.09 5.56 -21.80
C SER B 263 4.06 6.18 -22.75
N ASP B 264 2.93 5.47 -23.03
CA ASP B 264 1.87 6.02 -23.87
C ASP B 264 0.52 5.36 -23.50
N LEU B 265 -0.06 5.84 -22.41
CA LEU B 265 -1.31 5.28 -21.94
C LEU B 265 -2.39 5.29 -23.02
N LYS B 266 -2.51 6.45 -23.69
N LYS B 266 -2.51 6.43 -23.70
CA LYS B 266 -3.52 6.63 -24.72
CA LYS B 266 -3.57 6.56 -24.67
C LYS B 266 -3.40 5.52 -25.75
C LYS B 266 -3.41 5.53 -25.78
N ALA B 267 -2.18 5.32 -26.27
CA ALA B 267 -1.97 4.29 -27.30
C ALA B 267 -2.28 2.90 -26.74
N LEU B 268 -1.82 2.63 -25.51
CA LEU B 268 -1.98 1.31 -24.94
C LEU B 268 -3.49 1.02 -24.76
N PHE B 269 -4.25 1.98 -24.19
CA PHE B 269 -5.64 1.66 -23.86
C PHE B 269 -6.53 1.78 -25.11
N THR B 270 -6.22 2.65 -26.07
CA THR B 270 -6.93 2.67 -27.34
C THR B 270 -6.82 1.30 -28.03
N TYR B 271 -5.65 0.69 -27.95
CA TYR B 271 -5.46 -0.64 -28.53
C TYR B 271 -6.29 -1.69 -27.81
N VAL B 272 -6.24 -1.66 -26.48
CA VAL B 272 -6.86 -2.67 -25.67
C VAL B 272 -8.37 -2.59 -25.85
N VAL B 273 -8.92 -1.37 -25.65
CA VAL B 273 -10.37 -1.22 -25.77
C VAL B 273 -10.92 -1.55 -27.16
N ASP B 274 -10.25 -1.12 -28.23
CA ASP B 274 -10.62 -1.54 -29.57
C ASP B 274 -10.55 -3.08 -29.69
N ALA B 275 -9.53 -3.69 -29.11
CA ALA B 275 -9.25 -5.12 -29.24
C ALA B 275 -10.32 -5.91 -28.52
N LEU B 276 -10.93 -5.34 -27.49
CA LEU B 276 -11.95 -6.11 -26.79
C LEU B 276 -13.25 -6.18 -27.59
N ASN B 277 -13.39 -5.37 -28.65
CA ASN B 277 -14.60 -5.38 -29.47
C ASN B 277 -14.87 -6.78 -30.03
N GLN B 278 -13.79 -7.52 -30.35
CA GLN B 278 -13.79 -8.82 -31.02
C GLN B 278 -14.68 -9.79 -30.27
N PHE B 279 -14.73 -9.61 -28.96
CA PHE B 279 -15.35 -10.58 -28.05
C PHE B 279 -16.86 -10.48 -27.94
N GLU B 280 -17.41 -9.31 -28.27
CA GLU B 280 -18.83 -9.05 -28.00
C GLU B 280 -19.25 -9.30 -26.56
N LEU B 281 -18.48 -8.76 -25.61
CA LEU B 281 -18.72 -8.93 -24.19
C LEU B 281 -20.08 -8.39 -23.72
N ALA B 282 -20.52 -8.87 -22.53
CA ALA B 282 -21.65 -8.30 -21.83
C ALA B 282 -21.31 -6.81 -21.58
N TYR B 283 -20.06 -6.45 -21.27
CA TYR B 283 -19.75 -5.05 -21.01
C TYR B 283 -18.24 -4.83 -20.84
N LEU B 284 -17.88 -3.54 -20.92
CA LEU B 284 -16.55 -3.10 -20.53
C LEU B 284 -16.80 -2.13 -19.37
N HIS B 285 -16.01 -2.31 -18.31
CA HIS B 285 -16.18 -1.53 -17.09
C HIS B 285 -14.94 -0.64 -16.94
N LEU B 286 -15.14 0.68 -16.99
CA LEU B 286 -14.00 1.61 -16.92
C LEU B 286 -13.99 2.36 -15.60
N VAL B 287 -12.80 2.47 -14.98
CA VAL B 287 -12.65 3.35 -13.83
C VAL B 287 -12.20 4.68 -14.44
N GLU B 288 -12.99 5.73 -14.16
CA GLU B 288 -12.77 7.06 -14.70
C GLU B 288 -11.53 7.73 -14.10
N PRO B 289 -10.95 8.75 -14.76
CA PRO B 289 -9.78 9.42 -14.18
C PRO B 289 -10.16 10.06 -12.83
N GLU B 303 -9.43 13.38 -20.99
CA GLU B 303 -8.25 12.49 -21.13
C GLU B 303 -8.71 11.08 -21.53
N LEU B 304 -8.53 10.11 -20.63
CA LEU B 304 -8.93 8.73 -20.91
C LEU B 304 -10.17 8.36 -20.10
N SER B 305 -11.23 9.13 -20.30
CA SER B 305 -12.52 8.89 -19.67
C SER B 305 -13.43 8.10 -20.62
N SER B 306 -14.63 7.73 -20.13
CA SER B 306 -15.63 7.14 -21.00
C SER B 306 -15.93 8.02 -22.22
N LYS B 307 -15.78 9.37 -22.10
CA LYS B 307 -16.07 10.21 -23.26
C LYS B 307 -15.14 9.91 -24.42
N TYR B 308 -13.87 9.66 -24.05
CA TYR B 308 -12.88 9.34 -25.04
C TYR B 308 -13.09 7.92 -25.57
N PHE B 309 -13.48 6.97 -24.68
CA PHE B 309 -13.58 5.57 -25.11
C PHE B 309 -14.94 5.22 -25.75
N ARG B 310 -15.97 6.03 -25.55
CA ARG B 310 -17.31 5.70 -26.07
C ARG B 310 -17.32 5.46 -27.59
N PRO B 311 -16.66 6.28 -28.42
CA PRO B 311 -16.56 5.99 -29.86
C PRO B 311 -15.76 4.74 -30.26
N ILE B 312 -14.87 4.34 -29.35
CA ILE B 312 -13.92 3.29 -29.66
C ILE B 312 -14.53 1.93 -29.33
N TYR B 313 -15.14 1.84 -28.16
CA TYR B 313 -15.78 0.61 -27.72
C TYR B 313 -17.19 0.51 -28.29
N LYS B 314 -17.55 -0.66 -28.78
CA LYS B 314 -18.80 -0.82 -29.52
C LYS B 314 -19.94 -1.45 -28.69
N GLY B 315 -19.67 -1.84 -27.46
CA GLY B 315 -20.65 -2.51 -26.63
C GLY B 315 -21.19 -1.66 -25.47
N THR B 316 -21.47 -2.33 -24.34
CA THR B 316 -22.14 -1.70 -23.20
C THR B 316 -20.99 -1.21 -22.32
N LEU B 317 -21.08 0.04 -21.85
CA LEU B 317 -20.05 0.62 -20.98
C LEU B 317 -20.62 0.88 -19.58
N ILE B 318 -19.89 0.36 -18.56
CA ILE B 318 -20.14 0.66 -17.18
C ILE B 318 -19.06 1.64 -16.77
N SER B 319 -19.48 2.80 -16.20
CA SER B 319 -18.51 3.80 -15.77
C SER B 319 -18.52 3.86 -14.25
N ALA B 320 -17.33 3.96 -13.63
CA ALA B 320 -17.20 3.96 -12.18
C ALA B 320 -16.22 5.06 -11.79
N GLY B 321 -16.44 5.67 -10.61
CA GLY B 321 -15.42 6.51 -9.99
C GLY B 321 -16.02 7.88 -9.63
N GLY B 322 -16.19 8.06 -8.33
CA GLY B 322 -16.60 9.33 -7.74
C GLY B 322 -18.00 9.85 -8.14
N TYR B 323 -18.90 8.99 -8.57
CA TYR B 323 -20.21 9.44 -8.98
C TYR B 323 -21.13 9.68 -7.78
N ASP B 324 -22.07 10.62 -7.93
CA ASP B 324 -23.19 10.71 -7.00
C ASP B 324 -24.47 10.63 -7.84
N ARG B 325 -25.62 10.96 -7.25
CA ARG B 325 -26.86 10.88 -8.02
C ARG B 325 -26.79 11.79 -9.24
N GLU B 326 -26.37 13.07 -9.03
CA GLU B 326 -26.46 14.08 -10.07
C GLU B 326 -25.45 13.75 -11.19
N SER B 327 -24.24 13.29 -10.81
CA SER B 327 -23.23 13.06 -11.83
C SER B 327 -23.46 11.73 -12.55
N GLY B 328 -24.18 10.82 -11.87
CA GLY B 328 -24.47 9.56 -12.52
C GLY B 328 -25.58 9.74 -13.54
N ASN B 329 -26.62 10.51 -13.19
CA ASN B 329 -27.66 10.83 -14.16
C ASN B 329 -27.00 11.59 -15.32
N ALA B 330 -26.02 12.46 -15.02
CA ALA B 330 -25.37 13.32 -16.03
C ALA B 330 -24.64 12.46 -17.05
N VAL B 331 -23.85 11.49 -16.55
CA VAL B 331 -23.11 10.73 -17.53
C VAL B 331 -24.04 9.89 -18.41
N LEU B 332 -25.16 9.41 -17.85
CA LEU B 332 -26.17 8.72 -18.65
C LEU B 332 -26.78 9.61 -19.71
N ALA B 333 -27.05 10.85 -19.32
CA ALA B 333 -27.62 11.85 -20.23
C ALA B 333 -26.65 12.19 -21.36
N SER B 334 -25.35 12.20 -21.02
CA SER B 334 -24.32 12.54 -21.97
C SER B 334 -24.22 11.46 -23.07
N GLY B 335 -24.69 10.24 -22.79
CA GLY B 335 -24.48 9.10 -23.70
C GLY B 335 -23.11 8.40 -23.62
N ASP B 336 -22.22 8.84 -22.74
CA ASP B 336 -20.86 8.32 -22.73
C ASP B 336 -20.75 7.00 -21.97
N ALA B 337 -21.72 6.69 -21.12
CA ALA B 337 -21.77 5.37 -20.52
C ALA B 337 -23.22 4.87 -20.52
N ASP B 338 -23.41 3.56 -20.29
CA ASP B 338 -24.72 2.92 -20.24
C ASP B 338 -25.18 2.60 -18.81
N LEU B 339 -24.23 2.30 -17.92
CA LEU B 339 -24.50 2.04 -16.50
C LEU B 339 -23.42 2.74 -15.71
N VAL B 340 -23.79 3.01 -14.46
CA VAL B 340 -22.95 3.73 -13.51
C VAL B 340 -22.74 2.87 -12.28
N ALA B 341 -21.46 2.62 -11.95
CA ALA B 341 -21.12 1.83 -10.77
C ALA B 341 -20.77 2.75 -9.59
N TYR B 342 -21.31 2.39 -8.40
CA TYR B 342 -21.06 3.07 -7.15
C TYR B 342 -20.37 2.09 -6.23
N GLY B 343 -19.24 2.52 -5.68
CA GLY B 343 -18.53 1.74 -4.67
C GLY B 343 -18.87 2.25 -3.28
N ARG B 344 -18.23 3.36 -2.89
CA ARG B 344 -18.27 3.69 -1.48
C ARG B 344 -19.72 3.90 -1.02
N LEU B 345 -20.53 4.58 -1.84
CA LEU B 345 -21.95 4.81 -1.51
C LEU B 345 -22.78 3.53 -1.32
N PHE B 346 -22.40 2.46 -2.03
CA PHE B 346 -23.08 1.18 -1.84
C PHE B 346 -22.66 0.52 -0.51
N ILE B 347 -21.43 0.82 -0.09
CA ILE B 347 -20.98 0.33 1.19
C ILE B 347 -21.91 0.84 2.30
N SER B 348 -22.26 2.13 2.24
CA SER B 348 -22.95 2.77 3.37
C SER B 348 -24.46 2.89 3.12
N ASN B 349 -24.94 2.51 1.92
CA ASN B 349 -26.35 2.62 1.53
C ASN B 349 -26.75 1.34 0.80
N PRO B 350 -27.23 0.29 1.53
CA PRO B 350 -27.65 -0.93 0.87
C PRO B 350 -28.76 -0.68 -0.15
N ASP B 351 -29.58 0.34 0.15
CA ASP B 351 -30.70 0.73 -0.68
C ASP B 351 -30.38 2.00 -1.45
N LEU B 352 -29.14 2.15 -1.90
CA LEU B 352 -28.78 3.32 -2.68
C LEU B 352 -29.80 3.66 -3.74
N PRO B 353 -30.30 2.70 -4.59
CA PRO B 353 -31.23 3.06 -5.67
C PRO B 353 -32.51 3.75 -5.19
N GLN B 354 -33.04 3.32 -4.07
CA GLN B 354 -34.29 3.89 -3.52
C GLN B 354 -34.01 5.27 -2.93
N ARG B 355 -32.89 5.41 -2.29
CA ARG B 355 -32.48 6.69 -1.73
C ARG B 355 -32.34 7.74 -2.83
N PHE B 356 -31.67 7.40 -3.95
CA PHE B 356 -31.51 8.30 -5.09
C PHE B 356 -32.89 8.59 -5.71
N ALA B 357 -33.75 7.58 -5.87
CA ALA B 357 -35.04 7.81 -6.52
C ALA B 357 -35.92 8.77 -5.70
N LEU B 358 -35.81 8.68 -4.37
CA LEU B 358 -36.62 9.46 -3.46
C LEU B 358 -35.94 10.77 -3.09
N ASN B 359 -34.71 11.02 -3.61
CA ASN B 359 -33.93 12.19 -3.21
C ASN B 359 -33.78 12.18 -1.70
N ALA B 360 -33.68 10.98 -1.10
CA ALA B 360 -33.49 10.88 0.33
C ALA B 360 -32.03 11.17 0.69
N GLN B 361 -31.78 11.42 1.98
CA GLN B 361 -30.45 11.57 2.55
C GLN B 361 -29.73 10.24 2.45
N LEU B 362 -28.40 10.28 2.34
CA LEU B 362 -27.58 9.08 2.22
C LEU B 362 -26.81 8.90 3.54
N ASN B 363 -26.56 7.65 3.96
CA ASN B 363 -25.67 7.41 5.09
C ASN B 363 -24.25 7.73 4.65
N PRO B 364 -23.40 8.34 5.51
CA PRO B 364 -21.99 8.57 5.19
C PRO B 364 -21.19 7.28 5.38
N TYR B 365 -20.12 7.11 4.61
CA TYR B 365 -19.30 5.91 4.72
C TYR B 365 -18.10 6.14 5.64
N ASP B 366 -17.73 5.06 6.34
CA ASP B 366 -16.64 5.04 7.30
C ASP B 366 -15.52 4.20 6.71
N ARG B 367 -14.53 4.88 6.15
CA ARG B 367 -13.40 4.24 5.47
C ARG B 367 -12.74 3.24 6.41
N SER B 368 -12.73 3.54 7.71
CA SER B 368 -11.96 2.73 8.64
C SER B 368 -12.42 1.27 8.70
N SER B 369 -13.69 1.01 8.29
CA SER B 369 -14.18 -0.36 8.24
C SER B 369 -14.33 -0.92 6.82
N PHE B 370 -13.66 -0.31 5.84
CA PHE B 370 -13.75 -0.81 4.48
C PHE B 370 -13.02 -2.15 4.35
N TYR B 371 -11.73 -2.16 4.76
CA TYR B 371 -10.80 -3.29 4.60
C TYR B 371 -10.74 -4.13 5.88
N GLY B 372 -11.57 -5.16 5.94
CA GLY B 372 -11.58 -6.05 7.08
C GLY B 372 -12.24 -5.44 8.31
N GLY B 373 -12.19 -6.19 9.41
CA GLY B 373 -12.87 -5.78 10.62
C GLY B 373 -14.14 -6.61 10.79
N ASP B 374 -15.08 -6.10 11.59
CA ASP B 374 -16.28 -6.89 11.90
C ASP B 374 -17.48 -6.33 11.13
N LYS B 375 -18.67 -6.72 11.62
CA LYS B 375 -20.07 -6.46 11.12
C LYS B 375 -20.36 -4.97 10.93
N ARG B 376 -19.85 -4.14 11.85
CA ARG B 376 -19.87 -2.68 11.82
C ARG B 376 -19.16 -2.23 10.54
N GLY B 377 -19.69 -1.18 9.92
CA GLY B 377 -19.25 -0.74 8.60
C GLY B 377 -19.37 -1.82 7.51
N TYR B 378 -20.24 -2.84 7.69
CA TYR B 378 -20.35 -3.87 6.66
C TYR B 378 -21.82 -4.19 6.41
N THR B 379 -22.50 -4.82 7.38
CA THR B 379 -23.91 -5.19 7.22
C THR B 379 -24.82 -4.35 8.12
N ASP B 380 -24.24 -3.50 8.95
CA ASP B 380 -25.04 -2.70 9.92
C ASP B 380 -25.37 -1.29 9.39
N TYR B 381 -25.20 -0.97 8.12
CA TYR B 381 -25.67 0.31 7.62
C TYR B 381 -27.14 0.22 7.24
N PRO B 382 -28.00 1.18 7.69
CA PRO B 382 -29.45 1.05 7.56
C PRO B 382 -30.04 1.35 6.17
N SER B 383 -31.05 0.55 5.79
CA SER B 383 -31.97 0.90 4.71
C SER B 383 -32.95 2.00 5.18
N LEU B 384 -33.60 2.68 4.21
CA LEU B 384 -34.50 3.77 4.54
C LEU B 384 -35.61 3.24 5.47
N GLU B 385 -35.95 4.01 6.50
CA GLU B 385 -37.05 3.69 7.41
C GLU B 385 -38.34 3.46 6.60
N THR C 23 33.00 15.93 12.85
CA THR C 23 32.90 15.40 11.40
C THR C 23 31.76 14.39 11.18
N ASN C 24 31.71 13.35 12.02
N ASN C 24 31.71 13.36 12.04
CA ASN C 24 30.99 12.12 11.72
CA ASN C 24 30.98 12.14 11.76
C ASN C 24 29.63 12.08 12.42
C ASN C 24 29.62 12.12 12.46
N ILE C 25 28.61 12.64 11.75
CA ILE C 25 27.30 12.98 12.31
C ILE C 25 26.27 11.86 12.07
N ASP C 26 25.56 11.47 13.12
CA ASP C 26 24.39 10.59 12.96
C ASP C 26 23.20 11.07 13.79
N LEU C 27 22.18 10.21 13.92
CA LEU C 27 20.93 10.63 14.56
C LEU C 27 21.14 10.94 16.05
N PHE C 28 22.21 10.39 16.65
CA PHE C 28 22.46 10.51 18.08
C PHE C 28 23.46 11.63 18.40
N SER C 29 24.01 12.31 17.37
CA SER C 29 25.06 13.33 17.56
C SER C 29 24.40 14.58 18.11
N PRO C 30 24.96 15.22 19.16
CA PRO C 30 24.39 16.47 19.70
C PRO C 30 24.36 17.48 18.57
N VAL C 31 23.49 18.50 18.68
CA VAL C 31 23.36 19.51 17.65
C VAL C 31 22.97 20.85 18.28
N ARG C 32 23.41 21.94 17.65
CA ARG C 32 22.97 23.26 18.06
C ARG C 32 21.81 23.66 17.16
N LEU C 33 20.66 23.97 17.75
CA LEU C 33 19.52 24.38 16.96
C LEU C 33 19.07 25.74 17.49
N GLY C 34 19.36 26.79 16.76
CA GLY C 34 19.10 28.16 17.23
C GLY C 34 19.89 28.47 18.52
N ARG C 35 19.18 28.88 19.58
CA ARG C 35 19.85 29.19 20.86
C ARG C 35 19.92 27.95 21.76
N TYR C 36 19.65 26.75 21.22
CA TYR C 36 19.73 25.53 22.05
C TYR C 36 20.71 24.46 21.57
N GLU C 37 21.34 23.84 22.56
CA GLU C 37 22.02 22.57 22.33
C GLU C 37 21.03 21.43 22.60
N LEU C 38 20.88 20.49 21.64
CA LEU C 38 19.99 19.35 21.78
C LEU C 38 20.84 18.08 21.85
N PRO C 39 20.35 17.04 22.56
CA PRO C 39 21.18 15.85 22.76
C PRO C 39 21.24 14.93 21.55
N ASN C 40 20.35 15.13 20.59
CA ASN C 40 20.25 14.25 19.42
C ASN C 40 19.58 15.04 18.30
N ARG C 41 19.59 14.44 17.11
CA ARG C 41 19.17 15.08 15.88
C ARG C 41 17.80 14.62 15.41
N MET C 42 17.02 13.99 16.31
CA MET C 42 15.69 13.47 16.00
C MET C 42 14.63 14.44 16.47
N VAL C 43 13.78 14.82 15.53
CA VAL C 43 12.73 15.80 15.76
C VAL C 43 11.40 15.07 15.64
N MET C 44 10.49 15.34 16.60
CA MET C 44 9.10 14.93 16.47
C MET C 44 8.47 15.97 15.54
N ALA C 45 8.09 15.51 14.34
CA ALA C 45 7.49 16.36 13.33
C ALA C 45 6.13 16.89 13.83
N PRO C 46 5.67 18.05 13.31
CA PRO C 46 4.36 18.58 13.73
C PRO C 46 3.24 17.65 13.24
N LEU C 47 2.31 17.22 14.12
CA LEU C 47 1.31 16.19 13.79
C LEU C 47 -0.07 16.59 14.32
N THR C 48 -0.95 16.98 13.41
CA THR C 48 -2.35 17.32 13.74
C THR C 48 -2.99 16.03 14.27
N ARG C 49 -3.59 16.10 15.46
CA ARG C 49 -4.22 14.91 16.12
C ARG C 49 -5.70 15.17 16.46
N ASN C 50 -6.13 16.42 16.42
CA ASN C 50 -7.56 16.80 16.61
C ASN C 50 -8.08 16.39 18.00
N ARG C 51 -7.37 16.77 19.06
CA ARG C 51 -7.76 16.36 20.39
C ARG C 51 -7.75 17.52 21.39
N ALA C 52 -8.07 18.71 20.89
CA ALA C 52 -8.29 19.90 21.72
C ALA C 52 -9.60 19.75 22.52
N GLY C 53 -9.58 20.40 23.69
CA GLY C 53 -10.79 20.56 24.48
C GLY C 53 -11.73 21.62 23.93
N GLU C 54 -12.82 21.87 24.67
CA GLU C 54 -13.80 22.85 24.25
C GLU C 54 -13.11 24.21 24.16
N GLY C 55 -13.47 24.99 23.13
CA GLY C 55 -12.81 26.27 22.89
C GLY C 55 -11.44 26.14 22.22
N ASN C 56 -11.15 24.96 21.67
CA ASN C 56 -9.90 24.65 21.01
C ASN C 56 -8.74 24.84 22.00
N VAL C 57 -8.95 24.41 23.28
CA VAL C 57 -7.94 24.63 24.31
C VAL C 57 -7.20 23.31 24.59
N PRO C 58 -5.84 23.32 24.63
CA PRO C 58 -5.08 22.12 24.98
C PRO C 58 -5.45 21.67 26.40
N ARG C 59 -5.45 20.35 26.63
CA ARG C 59 -5.93 19.78 27.88
C ARG C 59 -4.88 18.82 28.42
N GLU C 60 -5.19 18.17 29.56
CA GLU C 60 -4.17 17.42 30.26
C GLU C 60 -3.73 16.24 29.39
N LEU C 61 -4.67 15.63 28.66
CA LEU C 61 -4.30 14.46 27.83
C LEU C 61 -3.24 14.86 26.81
N ASN C 62 -3.30 16.11 26.34
CA ASN C 62 -2.35 16.57 25.31
C ASN C 62 -0.99 16.77 25.98
N ALA C 63 -0.98 17.22 27.23
CA ALA C 63 0.25 17.37 27.97
C ALA C 63 0.93 16.01 28.17
N GLU C 64 0.13 14.98 28.47
CA GLU C 64 0.64 13.63 28.66
C GLU C 64 1.31 13.13 27.38
N TYR C 65 0.61 13.33 26.26
CA TYR C 65 1.09 12.89 24.96
C TYR C 65 2.45 13.49 24.62
N TYR C 66 2.62 14.80 24.80
CA TYR C 66 3.90 15.43 24.45
C TYR C 66 4.99 14.97 25.42
N ALA C 67 4.57 14.85 26.69
CA ALA C 67 5.47 14.45 27.75
C ALA C 67 6.08 13.07 27.50
N GLN C 68 5.32 12.15 26.89
CA GLN C 68 5.78 10.80 26.55
C GLN C 68 6.90 10.86 25.50
N ARG C 69 6.99 11.97 24.72
CA ARG C 69 7.84 12.06 23.55
C ARG C 69 9.01 13.02 23.75
N VAL C 70 9.31 13.39 25.01
CA VAL C 70 10.42 14.33 25.32
C VAL C 70 11.81 13.82 24.94
N SER C 71 11.99 12.51 24.62
CA SER C 71 13.34 12.10 24.24
C SER C 71 13.69 12.59 22.83
N ALA C 72 12.70 13.10 22.07
CA ALA C 72 13.05 13.83 20.86
C ALA C 72 13.98 15.01 21.20
N GLY C 73 15.05 15.22 20.42
CA GLY C 73 15.83 16.43 20.56
C GLY C 73 14.95 17.67 20.56
N LEU C 74 13.94 17.70 19.68
CA LEU C 74 13.03 18.85 19.57
C LEU C 74 11.67 18.32 19.20
N ILE C 75 10.67 18.79 19.93
CA ILE C 75 9.28 18.53 19.55
C ILE C 75 8.77 19.77 18.81
N ILE C 76 8.09 19.57 17.67
CA ILE C 76 7.30 20.61 17.02
C ILE C 76 5.84 20.24 17.30
N THR C 77 5.04 21.21 17.81
CA THR C 77 3.63 20.87 18.05
C THR C 77 2.87 20.68 16.74
N GLU C 78 1.76 19.96 16.86
CA GLU C 78 0.74 20.02 15.84
C GLU C 78 0.52 21.46 15.43
N ALA C 79 0.06 21.59 14.19
CA ALA C 79 -0.35 22.86 13.63
C ALA C 79 -1.39 23.51 14.57
N THR C 80 -1.20 24.80 14.85
CA THR C 80 -1.99 25.52 15.86
C THR C 80 -2.48 26.89 15.35
N GLN C 81 -3.80 27.03 15.15
CA GLN C 81 -4.34 28.20 14.43
C GLN C 81 -4.15 29.51 15.21
N VAL C 82 -3.74 30.54 14.47
CA VAL C 82 -3.48 31.83 15.09
C VAL C 82 -4.77 32.61 15.26
N SER C 83 -5.92 32.10 14.76
CA SER C 83 -7.15 32.86 14.88
C SER C 83 -8.29 31.89 14.57
N PRO C 84 -9.52 32.17 15.00
CA PRO C 84 -10.67 31.40 14.52
C PRO C 84 -10.76 31.37 12.99
N GLN C 85 -10.35 32.49 12.33
CA GLN C 85 -10.38 32.60 10.87
C GLN C 85 -9.52 31.46 10.29
N GLY C 86 -8.38 31.21 10.93
CA GLY C 86 -7.42 30.21 10.47
C GLY C 86 -7.66 28.75 10.89
N LEU C 87 -8.83 28.41 11.46
CA LEU C 87 -9.27 27.04 11.79
C LEU C 87 -9.80 26.34 10.54
N GLY C 88 -9.40 25.05 10.32
CA GLY C 88 -9.82 24.33 9.13
C GLY C 88 -10.27 22.89 9.42
N TYR C 89 -10.10 22.37 10.62
CA TYR C 89 -10.48 21.01 10.95
C TYR C 89 -10.96 21.01 12.40
N PRO C 90 -12.02 20.22 12.71
CA PRO C 90 -12.55 20.12 14.06
C PRO C 90 -11.42 19.80 15.06
N PHE C 91 -11.37 20.58 16.13
CA PHE C 91 -10.71 20.15 17.36
C PHE C 91 -9.20 20.33 17.31
N THR C 92 -8.73 21.21 16.41
CA THR C 92 -7.34 21.59 16.51
C THR C 92 -7.16 22.67 17.58
N PRO C 93 -6.00 22.73 18.28
CA PRO C 93 -5.84 23.77 19.26
C PRO C 93 -5.47 25.10 18.60
N GLY C 94 -5.82 26.21 19.27
CA GLY C 94 -5.41 27.53 18.82
C GLY C 94 -4.39 28.16 19.77
N ILE C 95 -3.90 29.33 19.36
CA ILE C 95 -2.98 30.10 20.18
C ILE C 95 -3.40 31.58 20.24
N HIS C 96 -4.71 31.83 20.04
CA HIS C 96 -5.20 33.19 20.04
C HIS C 96 -5.85 33.62 21.36
N SER C 97 -6.41 32.70 22.16
CA SER C 97 -7.10 33.15 23.34
C SER C 97 -6.25 32.90 24.58
N GLN C 98 -6.51 33.68 25.63
CA GLN C 98 -5.89 33.41 26.92
C GLN C 98 -6.16 31.98 27.42
N GLU C 99 -7.38 31.44 27.25
CA GLU C 99 -7.65 30.07 27.71
C GLU C 99 -6.76 29.07 26.97
N GLN C 100 -6.46 29.36 25.68
CA GLN C 100 -5.51 28.56 24.93
C GLN C 100 -4.09 28.64 25.49
N VAL C 101 -3.60 29.88 25.73
CA VAL C 101 -2.32 30.12 26.41
C VAL C 101 -2.24 29.24 27.68
N GLU C 102 -3.27 29.27 28.53
CA GLU C 102 -3.24 28.54 29.79
C GLU C 102 -3.15 27.04 29.50
N GLY C 103 -3.93 26.52 28.52
CA GLY C 103 -3.92 25.11 28.18
C GLY C 103 -2.57 24.66 27.64
N TRP C 104 -1.92 25.50 26.82
CA TRP C 104 -0.59 25.16 26.29
C TRP C 104 0.46 25.15 27.39
N ARG C 105 0.27 25.98 28.41
CA ARG C 105 1.21 26.00 29.52
C ARG C 105 1.25 24.65 30.24
N LEU C 106 0.14 23.89 30.24
CA LEU C 106 0.18 22.50 30.72
C LEU C 106 1.22 21.73 29.93
N VAL C 107 1.27 22.01 28.62
CA VAL C 107 2.05 21.17 27.72
C VAL C 107 3.52 21.49 27.95
N THR C 108 3.81 22.80 27.98
CA THR C 108 5.19 23.23 28.10
C THR C 108 5.73 22.92 29.49
N LYS C 109 4.89 23.07 30.52
CA LYS C 109 5.19 22.56 31.86
C LYS C 109 5.66 21.11 31.78
N ALA C 110 4.83 20.21 31.21
CA ALA C 110 5.08 18.77 31.21
C ALA C 110 6.39 18.47 30.50
N VAL C 111 6.60 19.14 29.37
CA VAL C 111 7.76 18.88 28.53
C VAL C 111 9.02 19.35 29.28
N HIS C 112 8.97 20.54 29.85
CA HIS C 112 10.17 21.12 30.46
C HIS C 112 10.44 20.42 31.78
N ASP C 113 9.38 19.93 32.46
CA ASP C 113 9.61 19.23 33.71
C ASP C 113 10.49 18.00 33.47
N ARG C 114 10.42 17.46 32.23
CA ARG C 114 11.15 16.24 31.86
C ARG C 114 12.28 16.53 30.90
N GLY C 115 12.68 17.82 30.79
CA GLY C 115 13.94 18.24 30.17
C GLY C 115 13.87 18.42 28.66
N GLY C 116 12.67 18.40 28.10
CA GLY C 116 12.55 18.47 26.65
C GLY C 116 12.53 19.91 26.11
N LYS C 117 12.44 20.00 24.79
CA LYS C 117 12.31 21.27 24.08
C LYS C 117 11.12 21.16 23.14
N ILE C 118 10.41 22.29 23.01
CA ILE C 118 9.25 22.24 22.17
C ILE C 118 8.98 23.61 21.53
N PHE C 119 8.75 23.57 20.19
CA PHE C 119 8.29 24.72 19.44
C PHE C 119 6.83 24.58 19.01
N LEU C 120 6.09 25.67 19.12
CA LEU C 120 4.73 25.71 18.61
C LEU C 120 4.71 26.06 17.12
N GLN C 121 3.92 25.28 16.38
CA GLN C 121 3.73 25.55 14.96
C GLN C 121 2.56 26.50 14.74
N LEU C 122 2.86 27.72 14.27
CA LEU C 122 1.83 28.73 13.96
C LEU C 122 1.14 28.44 12.63
N TRP C 123 -0.19 28.31 12.64
CA TRP C 123 -0.96 27.87 11.49
C TRP C 123 -2.01 28.93 11.12
N HIS C 124 -2.29 29.04 9.81
CA HIS C 124 -3.55 29.55 9.30
C HIS C 124 -3.92 28.72 8.08
N VAL C 125 -5.11 28.11 8.06
CA VAL C 125 -5.47 27.20 6.97
C VAL C 125 -5.82 27.89 5.65
N GLY C 126 -6.18 29.19 5.71
CA GLY C 126 -6.63 29.82 4.49
C GLY C 126 -7.91 29.19 3.98
N ARG C 127 -7.85 28.82 2.68
CA ARG C 127 -9.04 28.30 2.02
C ARG C 127 -9.39 26.86 2.41
N ILE C 128 -8.52 26.20 3.20
CA ILE C 128 -8.77 24.82 3.58
C ILE C 128 -9.54 24.85 4.90
N SER C 129 -10.86 25.06 4.77
CA SER C 129 -11.74 25.22 5.92
C SER C 129 -13.17 25.08 5.36
N HIS C 130 -14.14 25.60 6.10
CA HIS C 130 -15.54 25.55 5.71
C HIS C 130 -16.32 26.54 6.54
N PRO C 131 -17.40 27.15 6.01
CA PRO C 131 -18.25 28.00 6.87
C PRO C 131 -18.77 27.36 8.16
N ASP C 132 -18.92 26.04 8.20
CA ASP C 132 -19.44 25.40 9.42
C ASP C 132 -18.42 25.56 10.56
N LEU C 133 -17.12 25.72 10.23
CA LEU C 133 -16.02 25.84 11.20
C LEU C 133 -15.79 27.30 11.56
N GLN C 134 -16.41 28.19 10.80
CA GLN C 134 -16.14 29.63 10.91
C GLN C 134 -17.22 30.28 11.75
N VAL C 135 -16.81 31.28 12.53
CA VAL C 135 -17.74 32.09 13.30
C VAL C 135 -18.77 32.77 12.38
N ASP C 136 -20.04 32.55 12.71
CA ASP C 136 -21.16 33.11 11.95
C ASP C 136 -21.17 32.66 10.49
N GLY C 137 -20.58 31.49 10.22
CA GLY C 137 -20.50 31.08 8.83
C GLY C 137 -19.72 31.99 7.87
N ALA C 138 -18.71 32.71 8.37
CA ALA C 138 -17.90 33.53 7.50
C ALA C 138 -17.25 32.64 6.45
N LEU C 139 -17.01 33.22 5.26
CA LEU C 139 -16.25 32.42 4.31
C LEU C 139 -14.80 32.28 4.76
N PRO C 140 -14.13 31.12 4.53
CA PRO C 140 -12.67 31.07 4.65
C PRO C 140 -12.03 32.16 3.78
N VAL C 141 -10.80 32.56 4.12
CA VAL C 141 -10.09 33.56 3.37
C VAL C 141 -8.89 32.94 2.71
N ALA C 142 -8.41 33.67 1.70
CA ALA C 142 -7.32 33.13 0.86
C ALA C 142 -6.72 34.29 0.06
N PRO C 143 -5.64 34.09 -0.70
CA PRO C 143 -5.14 35.14 -1.56
C PRO C 143 -6.13 35.43 -2.68
N SER C 144 -6.82 34.37 -3.16
CA SER C 144 -7.70 34.56 -4.28
C SER C 144 -8.95 33.69 -4.12
N ALA C 145 -10.02 34.10 -4.83
CA ALA C 145 -11.29 33.40 -4.72
C ALA C 145 -11.25 32.19 -5.66
N ILE C 146 -10.48 31.16 -5.29
CA ILE C 146 -10.28 29.91 -6.04
C ILE C 146 -10.44 28.77 -5.06
N ALA C 147 -11.46 27.92 -5.28
CA ALA C 147 -11.67 26.79 -4.39
C ALA C 147 -10.62 25.72 -4.66
N PRO C 148 -10.21 24.90 -3.68
CA PRO C 148 -9.37 23.75 -4.00
C PRO C 148 -10.04 22.82 -5.00
N SER C 149 -9.24 22.22 -5.87
CA SER C 149 -9.87 21.46 -6.95
C SER C 149 -10.18 20.05 -6.49
N GLU C 150 -9.34 19.55 -5.56
CA GLU C 150 -9.40 18.20 -5.05
C GLU C 150 -9.80 18.25 -3.58
N GLY C 151 -10.47 17.20 -3.13
CA GLY C 151 -10.66 16.98 -1.73
C GLY C 151 -11.97 17.57 -1.26
N MET C 152 -12.25 17.35 0.04
CA MET C 152 -13.43 17.92 0.68
C MET C 152 -13.01 18.57 2.00
N ALA C 153 -13.83 19.53 2.43
CA ALA C 153 -13.69 20.09 3.75
C ALA C 153 -14.05 19.09 4.82
N ALA C 154 -13.38 19.16 5.96
CA ALA C 154 -13.74 18.43 7.17
C ALA C 154 -14.55 19.34 8.07
N THR C 155 -15.78 18.92 8.38
CA THR C 155 -16.70 19.67 9.25
C THR C 155 -17.14 18.83 10.44
N TYR C 156 -17.89 19.43 11.36
CA TYR C 156 -18.34 18.69 12.54
C TYR C 156 -19.33 17.61 12.13
N GLU C 157 -19.89 17.73 10.92
CA GLU C 157 -20.88 16.75 10.48
C GLU C 157 -20.27 15.82 9.44
N GLY C 158 -18.95 15.83 9.25
CA GLY C 158 -18.38 14.95 8.24
C GLY C 158 -17.92 15.77 7.04
N GLU C 159 -17.65 15.10 5.92
CA GLU C 159 -17.14 15.79 4.74
C GLU C 159 -18.25 16.64 4.13
N LYS C 160 -17.83 17.81 3.65
CA LYS C 160 -18.66 18.68 2.82
C LYS C 160 -17.78 19.22 1.71
N PRO C 161 -18.35 19.58 0.54
CA PRO C 161 -17.58 20.29 -0.46
C PRO C 161 -16.96 21.59 0.06
N TYR C 162 -15.73 21.83 -0.36
CA TYR C 162 -15.13 23.13 -0.13
C TYR C 162 -16.00 24.21 -0.79
N VAL C 163 -16.16 25.34 -0.12
CA VAL C 163 -16.64 26.56 -0.77
C VAL C 163 -15.46 27.35 -1.32
N THR C 164 -15.80 28.32 -2.17
CA THR C 164 -14.80 29.21 -2.71
C THR C 164 -14.45 30.23 -1.62
N PRO C 165 -13.14 30.42 -1.32
CA PRO C 165 -12.82 31.38 -0.25
C PRO C 165 -13.08 32.80 -0.72
N ARG C 166 -13.06 33.72 0.24
CA ARG C 166 -13.08 35.15 -0.05
C ARG C 166 -11.63 35.64 -0.21
N ALA C 167 -11.33 36.38 -1.27
CA ALA C 167 -10.00 36.94 -1.45
C ALA C 167 -9.77 38.07 -0.44
N LEU C 168 -8.64 38.02 0.28
CA LEU C 168 -8.36 39.09 1.23
C LEU C 168 -8.16 40.39 0.48
N GLU C 169 -8.69 41.49 1.02
CA GLU C 169 -8.41 42.80 0.49
C GLU C 169 -6.98 43.18 0.87
N THR C 170 -6.36 44.03 0.08
CA THR C 170 -5.00 44.50 0.33
C THR C 170 -4.88 45.03 1.76
N ALA C 171 -5.80 45.92 2.18
CA ALA C 171 -5.75 46.46 3.52
C ALA C 171 -6.06 45.46 4.63
N GLU C 172 -6.49 44.23 4.32
CA GLU C 172 -6.59 43.19 5.33
C GLU C 172 -5.28 42.45 5.56
N ILE C 173 -4.25 42.65 4.71
CA ILE C 173 -3.04 41.84 4.89
C ILE C 173 -2.31 42.21 6.19
N PRO C 174 -2.26 43.50 6.61
CA PRO C 174 -1.57 43.78 7.86
C PRO C 174 -2.23 43.09 9.04
N GLY C 175 -3.55 42.87 8.99
CA GLY C 175 -4.28 42.12 9.99
C GLY C 175 -3.83 40.64 10.03
N ILE C 176 -3.56 40.06 8.87
CA ILE C 176 -3.02 38.70 8.84
C ILE C 176 -1.66 38.64 9.56
N VAL C 177 -0.75 39.55 9.17
CA VAL C 177 0.52 39.66 9.86
C VAL C 177 0.33 39.78 11.38
N GLU C 178 -0.61 40.63 11.83
CA GLU C 178 -0.85 40.79 13.26
C GLU C 178 -1.34 39.50 13.92
N GLN C 179 -2.16 38.69 13.23
CA GLN C 179 -2.57 37.42 13.83
C GLN C 179 -1.32 36.59 14.12
N TYR C 180 -0.33 36.63 13.23
CA TYR C 180 0.86 35.79 13.45
C TYR C 180 1.69 36.44 14.55
N ARG C 181 1.78 37.77 14.56
CA ARG C 181 2.57 38.47 15.59
C ARG C 181 2.04 38.20 16.98
N GLN C 182 0.70 38.28 17.16
CA GLN C 182 0.04 38.07 18.43
C GLN C 182 0.17 36.58 18.82
N GLY C 183 0.00 35.71 17.82
CA GLY C 183 0.12 34.29 18.04
C GLY C 183 1.52 33.96 18.55
N ALA C 184 2.54 34.56 17.90
CA ALA C 184 3.90 34.40 18.42
C ALA C 184 4.06 34.89 19.87
N LYS C 185 3.51 36.08 20.19
CA LYS C 185 3.58 36.61 21.56
C LYS C 185 2.91 35.62 22.52
N ASN C 186 1.75 35.11 22.12
CA ASN C 186 0.99 34.17 22.94
C ASN C 186 1.76 32.86 23.20
N ALA C 187 2.45 32.38 22.16
CA ALA C 187 3.31 31.22 22.27
C ALA C 187 4.41 31.48 23.30
N LEU C 188 4.99 32.68 23.24
CA LEU C 188 6.06 33.04 24.15
C LEU C 188 5.51 33.06 25.57
N ALA C 189 4.28 33.59 25.76
CA ALA C 189 3.64 33.66 27.06
C ALA C 189 3.31 32.28 27.61
N ALA C 190 3.19 31.32 26.71
CA ALA C 190 2.85 29.94 27.03
C ALA C 190 4.10 29.16 27.43
N GLY C 191 5.28 29.76 27.22
CA GLY C 191 6.58 29.25 27.68
C GLY C 191 7.19 28.27 26.68
N PHE C 192 6.84 28.36 25.39
CA PHE C 192 7.48 27.57 24.37
C PHE C 192 8.93 28.00 24.21
N ASP C 193 9.74 27.07 23.71
CA ASP C 193 11.11 27.42 23.37
C ASP C 193 11.30 28.22 22.07
N GLY C 194 10.28 28.17 21.21
CA GLY C 194 10.28 28.83 19.92
C GLY C 194 9.00 28.51 19.18
N VAL C 195 9.05 28.91 17.93
CA VAL C 195 7.89 28.78 17.07
C VAL C 195 8.37 28.41 15.68
N GLU C 196 7.48 27.72 15.00
CA GLU C 196 7.71 27.30 13.62
C GLU C 196 6.58 27.89 12.78
N ILE C 197 6.93 28.67 11.76
CA ILE C 197 5.89 29.20 10.91
C ILE C 197 5.52 28.17 9.85
N HIS C 198 4.25 27.75 9.86
CA HIS C 198 3.83 26.74 8.89
C HIS C 198 3.54 27.35 7.50
N SER C 199 4.55 27.32 6.59
CA SER C 199 4.37 27.83 5.25
C SER C 199 4.34 26.66 4.25
N ALA C 200 3.74 25.53 4.68
CA ALA C 200 3.80 24.33 3.88
C ALA C 200 2.40 23.77 3.62
N ASN C 201 2.36 22.67 2.86
CA ASN C 201 1.20 21.80 2.81
C ASN C 201 -0.11 22.50 2.38
N GLY C 202 -0.02 23.56 1.57
CA GLY C 202 -1.21 24.09 0.93
C GLY C 202 -2.05 25.05 1.80
N TYR C 203 -1.53 25.45 2.97
CA TYR C 203 -2.28 26.34 3.87
C TYR C 203 -2.04 27.80 3.45
N LEU C 204 -2.48 28.78 4.25
CA LEU C 204 -2.59 30.15 3.76
C LEU C 204 -1.27 30.62 3.13
N LEU C 205 -0.16 30.55 3.88
CA LEU C 205 1.05 31.13 3.33
C LEU C 205 1.43 30.45 2.02
N ASP C 206 1.30 29.12 1.95
CA ASP C 206 1.59 28.34 0.77
C ASP C 206 0.65 28.72 -0.36
N GLN C 207 -0.63 29.03 -0.07
CA GLN C 207 -1.55 29.45 -1.13
C GLN C 207 -1.08 30.77 -1.74
N PHE C 208 -0.54 31.70 -0.92
CA PHE C 208 0.10 32.92 -1.44
C PHE C 208 1.29 32.56 -2.33
N LEU C 209 2.12 31.57 -1.92
CA LEU C 209 3.32 31.27 -2.68
C LEU C 209 3.01 30.78 -4.10
N HIS C 210 1.96 29.93 -4.28
CA HIS C 210 1.76 29.29 -5.58
C HIS C 210 0.89 30.12 -6.54
N ASP C 211 1.37 30.24 -7.78
CA ASP C 211 0.67 31.04 -8.79
C ASP C 211 -0.63 30.37 -9.27
N GLY C 212 -0.81 29.08 -8.97
CA GLY C 212 -2.07 28.44 -9.26
C GLY C 212 -3.17 28.91 -8.30
N SER C 213 -2.80 29.29 -7.07
CA SER C 213 -3.79 29.62 -6.03
C SER C 213 -3.76 31.13 -5.76
N ASN C 214 -2.72 31.81 -6.29
CA ASN C 214 -2.58 33.24 -6.04
C ASN C 214 -2.64 33.95 -7.39
N HIS C 215 -3.77 34.66 -7.64
CA HIS C 215 -3.94 35.43 -8.87
C HIS C 215 -4.12 36.92 -8.55
N ARG C 216 -3.55 37.33 -7.41
CA ARG C 216 -3.72 38.72 -6.95
C ARG C 216 -3.09 39.74 -7.89
N THR C 217 -3.60 40.98 -7.82
CA THR C 217 -3.04 42.04 -8.65
C THR C 217 -2.39 43.15 -7.85
N ASP C 218 -2.31 42.97 -6.54
CA ASP C 218 -1.66 43.93 -5.64
C ASP C 218 -0.22 43.49 -5.42
N GLU C 219 0.49 44.06 -4.41
CA GLU C 219 1.90 43.78 -4.23
C GLU C 219 2.13 42.36 -3.66
N TYR C 220 1.04 41.61 -3.47
CA TYR C 220 1.12 40.24 -2.95
C TYR C 220 0.86 39.18 -4.04
N GLY C 221 0.70 39.61 -5.29
CA GLY C 221 0.54 38.72 -6.44
C GLY C 221 1.46 39.16 -7.58
N GLY C 222 1.64 38.23 -8.53
CA GLY C 222 2.41 38.55 -9.71
C GLY C 222 3.77 37.87 -9.66
N SER C 223 4.84 38.66 -9.55
CA SER C 223 6.18 38.12 -9.41
C SER C 223 6.29 37.14 -8.25
N ILE C 224 7.28 36.25 -8.36
CA ILE C 224 7.75 35.44 -7.25
C ILE C 224 7.97 36.31 -6.02
N GLU C 225 8.72 37.44 -6.15
CA GLU C 225 8.94 38.31 -4.98
C GLU C 225 7.63 38.74 -4.33
N ASN C 226 6.59 39.02 -5.13
CA ASN C 226 5.32 39.48 -4.57
C ASN C 226 4.61 38.30 -3.89
N ARG C 227 4.68 37.10 -4.49
CA ARG C 227 3.93 35.97 -3.93
C ARG C 227 4.59 35.51 -2.62
N ALA C 228 5.91 35.78 -2.42
CA ALA C 228 6.59 35.40 -1.19
C ALA C 228 6.47 36.49 -0.14
N ARG C 229 5.95 37.66 -0.52
CA ARG C 229 6.04 38.84 0.35
C ARG C 229 5.33 38.61 1.68
N LEU C 230 4.15 37.97 1.65
CA LEU C 230 3.46 37.71 2.91
C LEU C 230 4.33 36.83 3.82
N LEU C 231 4.90 35.76 3.25
CA LEU C 231 5.75 34.81 4.02
C LEU C 231 6.93 35.57 4.64
N MET C 232 7.49 36.53 3.91
CA MET C 232 8.65 37.33 4.40
C MET C 232 8.19 38.28 5.51
N GLU C 233 7.08 38.98 5.30
CA GLU C 233 6.54 39.94 6.30
C GLU C 233 6.14 39.19 7.57
N VAL C 234 5.58 37.99 7.43
CA VAL C 234 5.13 37.17 8.59
C VAL C 234 6.36 36.70 9.39
N THR C 235 7.46 36.39 8.70
CA THR C 235 8.66 35.93 9.35
C THR C 235 9.33 37.08 10.10
N GLU C 236 9.45 38.24 9.45
CA GLU C 236 10.03 39.40 10.12
C GLU C 236 9.26 39.76 11.42
N ALA C 237 7.92 39.70 11.41
CA ALA C 237 7.14 40.05 12.59
C ALA C 237 7.40 39.05 13.75
N VAL C 238 7.48 37.78 13.39
CA VAL C 238 7.63 36.68 14.35
C VAL C 238 9.04 36.72 14.92
N VAL C 239 10.06 36.95 14.04
CA VAL C 239 11.44 37.11 14.55
C VAL C 239 11.55 38.30 15.51
N SER C 240 10.81 39.37 15.22
CA SER C 240 10.88 40.56 16.11
C SER C 240 10.42 40.21 17.52
N VAL C 241 9.41 39.37 17.65
CA VAL C 241 8.92 38.90 18.94
C VAL C 241 9.97 38.02 19.62
N TRP C 242 10.53 37.02 18.90
CA TRP C 242 11.18 35.88 19.55
C TRP C 242 12.70 36.02 19.59
N GLY C 243 13.24 36.73 18.60
CA GLY C 243 14.64 36.66 18.21
C GLY C 243 14.72 35.49 17.23
N ALA C 244 15.50 35.68 16.14
CA ALA C 244 15.55 34.75 15.02
C ALA C 244 16.01 33.36 15.44
N ASP C 245 16.84 33.26 16.48
CA ASP C 245 17.39 31.97 16.90
C ASP C 245 16.35 31.17 17.68
N ARG C 246 15.07 31.63 17.69
CA ARG C 246 13.98 30.84 18.28
C ARG C 246 12.84 30.65 17.29
N VAL C 247 13.16 30.88 16.02
CA VAL C 247 12.16 30.79 14.95
C VAL C 247 12.65 29.88 13.84
N GLY C 248 11.71 29.00 13.40
CA GLY C 248 11.92 28.18 12.22
C GLY C 248 10.79 28.42 11.20
N VAL C 249 11.04 28.01 9.97
CA VAL C 249 10.02 28.12 8.89
C VAL C 249 9.90 26.75 8.25
N ARG C 250 8.66 26.29 8.01
CA ARG C 250 8.54 25.01 7.29
C ARG C 250 8.02 25.25 5.86
N LEU C 251 8.63 24.57 4.90
CA LEU C 251 8.14 24.60 3.51
C LEU C 251 7.98 23.18 2.99
N SER C 252 7.16 23.03 1.97
CA SER C 252 7.01 21.75 1.26
C SER C 252 7.20 22.01 -0.23
N PRO C 253 8.43 22.30 -0.71
CA PRO C 253 8.62 22.78 -2.10
C PRO C 253 7.98 21.92 -3.20
N SER C 254 7.98 20.59 -3.03
CA SER C 254 7.51 19.70 -4.09
C SER C 254 6.04 19.33 -3.88
N GLY C 255 5.44 19.76 -2.78
CA GLY C 255 4.12 19.28 -2.42
C GLY C 255 3.02 19.76 -3.38
N THR C 256 1.90 19.02 -3.45
CA THR C 256 0.75 19.60 -4.16
C THR C 256 -0.48 19.55 -3.27
N PHE C 257 -0.32 18.93 -2.08
CA PHE C 257 -1.41 18.78 -1.13
C PHE C 257 -2.07 20.15 -0.88
N GLY C 258 -3.42 20.18 -0.90
CA GLY C 258 -4.16 21.43 -0.84
C GLY C 258 -4.46 21.97 -2.22
N SER C 259 -4.14 21.18 -3.28
CA SER C 259 -4.38 21.59 -4.67
C SER C 259 -3.62 22.88 -4.97
N VAL C 260 -2.38 22.96 -4.50
CA VAL C 260 -1.55 24.11 -4.78
C VAL C 260 -0.58 23.70 -5.89
N TYR C 261 -0.57 24.50 -6.96
CA TYR C 261 0.24 24.21 -8.14
C TYR C 261 0.93 25.51 -8.53
N ASP C 262 2.10 25.41 -9.15
CA ASP C 262 2.86 26.57 -9.59
C ASP C 262 3.47 26.28 -10.94
N SER C 263 3.58 27.32 -11.78
CA SER C 263 4.11 27.19 -13.14
C SER C 263 5.61 26.91 -13.11
N ASP C 264 6.30 27.21 -12.01
CA ASP C 264 7.74 26.96 -11.95
C ASP C 264 8.17 26.82 -10.48
N LEU C 265 7.93 25.63 -9.89
CA LEU C 265 8.22 25.39 -8.48
C LEU C 265 9.69 25.60 -8.13
N LYS C 266 10.58 25.23 -9.06
CA LYS C 266 12.00 25.40 -8.76
C LYS C 266 12.35 26.87 -8.56
N ALA C 267 11.83 27.70 -9.46
CA ALA C 267 12.14 29.13 -9.45
C ALA C 267 11.51 29.73 -8.18
N LEU C 268 10.25 29.32 -7.90
CA LEU C 268 9.58 29.83 -6.72
C LEU C 268 10.37 29.43 -5.45
N PHE C 269 10.75 28.15 -5.32
CA PHE C 269 11.27 27.74 -4.01
C PHE C 269 12.76 28.06 -3.89
N THR C 270 13.45 28.21 -5.02
CA THR C 270 14.83 28.71 -4.95
C THR C 270 14.86 30.13 -4.38
N TYR C 271 14.01 31.00 -4.94
CA TYR C 271 13.85 32.34 -4.43
C TYR C 271 13.49 32.35 -2.95
N VAL C 272 12.48 31.57 -2.54
CA VAL C 272 12.03 31.58 -1.15
C VAL C 272 13.15 31.15 -0.21
N VAL C 273 13.78 30.00 -0.55
CA VAL C 273 14.80 29.49 0.37
C VAL C 273 15.93 30.50 0.51
N ASP C 274 16.44 31.07 -0.60
CA ASP C 274 17.50 32.07 -0.55
C ASP C 274 17.05 33.31 0.23
N ALA C 275 15.79 33.72 0.06
CA ALA C 275 15.30 34.93 0.74
C ALA C 275 15.22 34.73 2.24
N LEU C 276 15.13 33.47 2.72
CA LEU C 276 14.99 33.28 4.16
C LEU C 276 16.33 33.42 4.85
N ASN C 277 17.42 33.40 4.07
CA ASN C 277 18.78 33.51 4.59
C ASN C 277 18.92 34.81 5.39
N GLN C 278 18.20 35.86 4.93
CA GLN C 278 18.30 37.18 5.56
C GLN C 278 17.97 37.19 7.06
N PHE C 279 17.18 36.21 7.50
CA PHE C 279 16.56 36.21 8.82
C PHE C 279 17.43 35.50 9.85
N GLU C 280 18.35 34.62 9.42
CA GLU C 280 19.28 33.99 10.37
C GLU C 280 18.43 33.18 11.37
N LEU C 281 17.43 32.48 10.85
CA LEU C 281 16.50 31.66 11.60
C LEU C 281 17.22 30.56 12.39
N ALA C 282 16.50 30.00 13.38
CA ALA C 282 16.94 28.76 14.05
C ALA C 282 17.05 27.66 13.01
N TYR C 283 16.04 27.56 12.12
CA TYR C 283 16.11 26.47 11.14
C TYR C 283 15.20 26.74 9.95
N LEU C 284 15.47 25.96 8.89
CA LEU C 284 14.49 25.76 7.84
C LEU C 284 14.17 24.25 7.77
N HIS C 285 12.86 23.98 7.72
CA HIS C 285 12.26 22.65 7.82
C HIS C 285 11.60 22.32 6.49
N LEU C 286 12.14 21.28 5.83
CA LEU C 286 11.67 20.92 4.50
C LEU C 286 11.00 19.57 4.54
N VAL C 287 9.84 19.50 3.90
CA VAL C 287 9.16 18.25 3.57
C VAL C 287 9.78 17.78 2.25
N GLU C 288 10.37 16.58 2.23
CA GLU C 288 11.03 16.05 1.05
C GLU C 288 10.02 15.56 0.01
N PRO C 289 10.43 15.43 -1.30
CA PRO C 289 9.57 14.88 -2.34
C PRO C 289 9.09 13.44 -2.09
N GLU C 303 15.18 17.32 -8.68
CA GLU C 303 14.03 17.42 -7.75
C GLU C 303 14.38 18.29 -6.54
N LEU C 304 13.35 18.84 -5.91
CA LEU C 304 13.55 19.88 -4.90
C LEU C 304 13.65 19.24 -3.51
N SER C 305 14.74 18.54 -3.28
CA SER C 305 15.01 17.82 -2.04
C SER C 305 15.97 18.67 -1.22
N SER C 306 16.29 18.23 0.00
CA SER C 306 17.27 18.99 0.75
C SER C 306 18.64 18.93 0.04
N LYS C 307 18.86 17.91 -0.83
CA LYS C 307 20.10 17.93 -1.58
C LYS C 307 20.23 19.16 -2.48
N TYR C 308 19.13 19.57 -3.10
CA TYR C 308 19.14 20.69 -4.01
C TYR C 308 19.28 21.97 -3.18
N PHE C 309 18.60 21.99 -2.01
CA PHE C 309 18.52 23.22 -1.24
C PHE C 309 19.69 23.51 -0.29
N ARG C 310 20.49 22.47 0.02
CA ARG C 310 21.56 22.58 0.99
C ARG C 310 22.55 23.67 0.55
N PRO C 311 22.99 23.77 -0.72
CA PRO C 311 23.89 24.87 -1.05
C PRO C 311 23.23 26.25 -1.10
N ILE C 312 21.88 26.26 -1.15
CA ILE C 312 21.13 27.52 -1.25
C ILE C 312 20.89 28.11 0.14
N TYR C 313 20.45 27.29 1.09
CA TYR C 313 20.20 27.72 2.45
C TYR C 313 21.48 27.76 3.27
N LYS C 314 21.66 28.79 4.12
CA LYS C 314 22.96 28.85 4.79
C LYS C 314 23.00 28.26 6.19
N GLY C 315 21.84 28.01 6.77
CA GLY C 315 21.72 27.66 8.18
C GLY C 315 21.40 26.19 8.43
N THR C 316 20.64 25.94 9.49
CA THR C 316 20.28 24.60 9.96
C THR C 316 19.08 24.10 9.17
N LEU C 317 19.21 22.88 8.58
CA LEU C 317 18.13 22.30 7.78
C LEU C 317 17.56 21.09 8.54
N ILE C 318 16.24 21.06 8.79
CA ILE C 318 15.52 19.90 9.28
C ILE C 318 14.86 19.25 8.05
N SER C 319 15.05 17.94 7.86
CA SER C 319 14.42 17.27 6.73
C SER C 319 13.41 16.26 7.26
N ALA C 320 12.27 16.17 6.57
CA ALA C 320 11.16 15.31 7.01
C ALA C 320 10.58 14.54 5.81
N GLY C 321 10.00 13.37 6.12
CA GLY C 321 9.16 12.66 5.14
C GLY C 321 9.74 11.31 4.76
N GLY C 322 9.08 10.27 5.24
CA GLY C 322 9.38 8.92 4.80
C GLY C 322 10.64 8.32 5.41
N TYR C 323 11.19 8.92 6.48
CA TYR C 323 12.48 8.46 6.95
C TYR C 323 12.29 7.29 7.91
N ASP C 324 13.33 6.44 7.97
CA ASP C 324 13.43 5.46 9.05
C ASP C 324 14.82 5.57 9.64
N ARG C 325 15.23 4.59 10.44
CA ARG C 325 16.51 4.69 11.11
C ARG C 325 17.63 4.75 10.06
N GLU C 326 17.62 3.82 9.10
CA GLU C 326 18.72 3.72 8.16
C GLU C 326 18.78 4.94 7.24
N SER C 327 17.62 5.41 6.78
CA SER C 327 17.65 6.53 5.86
C SER C 327 17.88 7.85 6.60
N GLY C 328 17.52 7.93 7.88
CA GLY C 328 17.77 9.15 8.65
C GLY C 328 19.28 9.30 8.92
N ASN C 329 19.90 8.20 9.34
CA ASN C 329 21.36 8.21 9.44
C ASN C 329 21.98 8.54 8.10
N ALA C 330 21.42 8.08 6.98
CA ALA C 330 22.04 8.35 5.69
C ALA C 330 22.00 9.82 5.34
N VAL C 331 20.84 10.47 5.50
CA VAL C 331 20.79 11.87 5.11
C VAL C 331 21.79 12.70 5.93
N LEU C 332 21.96 12.36 7.22
CA LEU C 332 22.90 13.10 8.03
C LEU C 332 24.33 12.85 7.58
N ALA C 333 24.65 11.59 7.19
CA ALA C 333 25.96 11.27 6.61
C ALA C 333 26.21 12.04 5.31
N SER C 334 25.16 12.20 4.48
CA SER C 334 25.28 12.89 3.21
C SER C 334 25.64 14.38 3.38
N GLY C 335 25.31 14.95 4.55
CA GLY C 335 25.52 16.38 4.80
C GLY C 335 24.37 17.27 4.32
N ASP C 336 23.36 16.65 3.71
CA ASP C 336 22.26 17.39 3.10
C ASP C 336 21.28 17.97 4.10
N ALA C 337 21.18 17.36 5.31
CA ALA C 337 20.38 17.92 6.40
C ALA C 337 21.13 17.85 7.72
N ASP C 338 20.69 18.64 8.70
CA ASP C 338 21.34 18.60 10.01
C ASP C 338 20.53 17.88 11.09
N LEU C 339 19.22 17.77 10.88
CA LEU C 339 18.31 17.09 11.79
C LEU C 339 17.27 16.37 10.93
N VAL C 340 16.67 15.32 11.50
CA VAL C 340 15.68 14.51 10.78
C VAL C 340 14.42 14.48 11.61
N ALA C 341 13.30 14.89 10.98
CA ALA C 341 11.99 14.80 11.58
C ALA C 341 11.28 13.48 11.25
N TYR C 342 10.67 12.87 12.28
CA TYR C 342 9.82 11.71 12.12
C TYR C 342 8.40 12.07 12.55
N GLY C 343 7.41 11.67 11.76
CA GLY C 343 6.02 11.84 12.12
C GLY C 343 5.35 10.57 12.63
N ARG C 344 4.95 9.71 11.67
CA ARG C 344 4.14 8.53 11.99
C ARG C 344 4.85 7.64 13.02
N LEU C 345 6.18 7.55 12.94
CA LEU C 345 6.88 6.69 13.90
C LEU C 345 6.89 7.26 15.32
N PHE C 346 6.81 8.61 15.46
CA PHE C 346 6.69 9.14 16.82
C PHE C 346 5.27 8.97 17.38
N ILE C 347 4.29 8.95 16.48
CA ILE C 347 2.93 8.59 16.90
C ILE C 347 2.91 7.25 17.64
N SER C 348 3.53 6.21 17.08
CA SER C 348 3.42 4.89 17.69
C SER C 348 4.61 4.55 18.61
N ASN C 349 5.69 5.33 18.54
CA ASN C 349 6.90 5.00 19.31
C ASN C 349 7.33 6.22 20.12
N PRO C 350 6.80 6.38 21.35
CA PRO C 350 7.03 7.62 22.10
C PRO C 350 8.51 7.70 22.44
N ASP C 351 9.17 6.51 22.55
CA ASP C 351 10.60 6.49 22.81
C ASP C 351 11.44 6.12 21.57
N LEU C 352 11.09 6.68 20.38
CA LEU C 352 11.75 6.34 19.13
C LEU C 352 13.27 6.45 19.22
N PRO C 353 13.85 7.50 19.84
CA PRO C 353 15.31 7.63 19.94
C PRO C 353 16.03 6.45 20.60
N GLN C 354 15.43 5.94 21.67
CA GLN C 354 16.00 4.82 22.40
C GLN C 354 15.87 3.56 21.56
N ARG C 355 14.70 3.38 20.91
CA ARG C 355 14.52 2.20 20.06
C ARG C 355 15.55 2.19 18.92
N PHE C 356 15.81 3.36 18.32
CA PHE C 356 16.79 3.48 17.26
C PHE C 356 18.20 3.21 17.78
N ALA C 357 18.61 3.86 18.87
CA ALA C 357 19.93 3.65 19.45
C ALA C 357 20.15 2.16 19.76
N LEU C 358 19.12 1.50 20.29
CA LEU C 358 19.34 0.16 20.77
C LEU C 358 19.13 -0.82 19.62
N ASN C 359 18.78 -0.25 18.47
CA ASN C 359 18.40 -1.01 17.28
C ASN C 359 17.31 -2.04 17.60
N ALA C 360 16.21 -1.58 18.22
CA ALA C 360 15.07 -2.37 18.65
C ALA C 360 13.89 -2.26 17.67
N GLN C 361 12.97 -3.22 17.82
CA GLN C 361 11.74 -3.29 17.06
C GLN C 361 10.84 -2.07 17.34
N LEU C 362 10.10 -1.65 16.32
CA LEU C 362 9.20 -0.52 16.42
C LEU C 362 7.74 -0.97 16.52
N ASN C 363 6.91 -0.21 17.26
CA ASN C 363 5.46 -0.38 17.26
C ASN C 363 4.94 0.14 15.93
N PRO C 364 4.03 -0.59 15.27
CA PRO C 364 3.37 -0.08 14.08
C PRO C 364 2.40 1.04 14.48
N TYR C 365 2.04 1.84 13.49
CA TYR C 365 1.08 2.90 13.72
C TYR C 365 -0.29 2.55 13.14
N ASP C 366 -1.33 3.00 13.84
CA ASP C 366 -2.73 2.82 13.47
C ASP C 366 -3.28 4.11 12.89
N ARG C 367 -3.31 4.21 11.56
CA ARG C 367 -3.71 5.43 10.86
C ARG C 367 -5.14 5.81 11.23
N SER C 368 -5.92 4.82 11.70
CA SER C 368 -7.33 5.05 12.00
C SER C 368 -7.52 5.91 13.24
N SER C 369 -6.48 6.06 14.08
CA SER C 369 -6.65 6.95 15.23
C SER C 369 -5.73 8.15 15.17
N PHE C 370 -5.27 8.48 13.96
CA PHE C 370 -4.45 9.66 13.78
C PHE C 370 -5.26 10.91 14.09
N TYR C 371 -6.34 11.15 13.33
CA TYR C 371 -7.11 12.43 13.45
C TYR C 371 -8.38 12.31 14.29
N GLY C 372 -8.35 12.85 15.52
CA GLY C 372 -9.42 12.88 16.47
C GLY C 372 -9.49 11.58 17.27
N GLY C 373 -10.42 11.56 18.24
CA GLY C 373 -10.62 10.45 19.15
C GLY C 373 -10.18 10.77 20.56
N ASP C 374 -9.69 9.73 21.24
CA ASP C 374 -9.45 9.81 22.67
C ASP C 374 -8.02 9.35 22.98
N LYS C 375 -7.81 8.80 24.16
CA LYS C 375 -6.50 8.34 24.55
C LYS C 375 -6.07 7.16 23.66
N ARG C 376 -7.04 6.48 23.03
CA ARG C 376 -6.70 5.31 22.24
C ARG C 376 -5.97 5.76 20.97
N GLY C 377 -4.81 5.13 20.70
CA GLY C 377 -3.99 5.49 19.54
C GLY C 377 -3.33 6.86 19.73
N TYR C 378 -3.22 7.30 20.99
CA TYR C 378 -2.67 8.63 21.26
C TYR C 378 -1.68 8.55 22.43
N THR C 379 -2.15 8.13 23.61
CA THR C 379 -1.29 8.09 24.78
C THR C 379 -1.03 6.66 25.23
N ASP C 380 -1.55 5.68 24.48
CA ASP C 380 -1.52 4.30 24.92
C ASP C 380 -0.58 3.41 24.10
N TYR C 381 0.36 4.04 23.38
CA TYR C 381 1.43 3.32 22.72
C TYR C 381 2.56 3.22 23.74
N PRO C 382 3.04 1.99 24.07
CA PRO C 382 4.01 1.83 25.15
C PRO C 382 5.44 2.14 24.71
N SER C 383 6.28 2.53 25.69
CA SER C 383 7.71 2.58 25.57
C SER C 383 8.32 1.19 25.72
N LEU C 384 9.61 1.05 25.42
CA LEU C 384 10.22 -0.28 25.44
C LEU C 384 9.69 -1.13 26.61
N MET D 21 7.36 -34.75 53.34
CA MET D 21 6.00 -35.04 52.82
C MET D 21 6.12 -35.86 51.53
N ASN D 22 5.30 -36.92 51.41
CA ASN D 22 5.31 -37.78 50.24
C ASN D 22 5.14 -36.93 48.97
N THR D 23 6.03 -37.15 47.98
CA THR D 23 6.04 -36.52 46.68
C THR D 23 5.50 -37.46 45.59
N ASN D 24 5.40 -38.75 45.91
CA ASN D 24 5.07 -39.76 44.90
C ASN D 24 3.54 -39.83 44.70
N ILE D 25 3.03 -38.81 43.99
CA ILE D 25 1.65 -38.40 43.71
C ILE D 25 1.26 -38.86 42.30
N ASP D 26 0.13 -39.56 42.19
CA ASP D 26 -0.45 -39.95 40.91
C ASP D 26 -1.96 -39.66 40.95
N LEU D 27 -2.71 -40.07 39.92
CA LEU D 27 -4.13 -39.72 39.78
C LEU D 27 -5.02 -40.20 40.92
N PHE D 28 -4.56 -41.22 41.64
CA PHE D 28 -5.38 -41.86 42.66
C PHE D 28 -5.00 -41.35 44.06
N SER D 29 -4.07 -40.37 44.14
CA SER D 29 -3.59 -39.95 45.45
C SER D 29 -4.53 -38.93 46.06
N PRO D 30 -4.84 -39.02 47.37
CA PRO D 30 -5.66 -37.98 48.04
C PRO D 30 -5.07 -36.59 47.81
N VAL D 31 -5.92 -35.58 47.93
CA VAL D 31 -5.49 -34.17 47.71
C VAL D 31 -6.43 -33.25 48.49
N ARG D 32 -5.90 -32.11 48.91
CA ARG D 32 -6.70 -31.09 49.59
C ARG D 32 -7.07 -30.03 48.54
N LEU D 33 -8.37 -29.86 48.33
CA LEU D 33 -8.87 -28.82 47.41
C LEU D 33 -9.72 -27.84 48.19
N GLY D 34 -9.17 -26.66 48.42
CA GLY D 34 -9.85 -25.67 49.25
C GLY D 34 -10.19 -26.24 50.62
N ARG D 35 -11.45 -26.30 50.93
CA ARG D 35 -11.94 -26.75 52.25
C ARG D 35 -11.95 -28.27 52.36
N TYR D 36 -11.78 -28.97 51.25
CA TYR D 36 -12.09 -30.42 51.21
C TYR D 36 -10.90 -31.33 50.90
N GLU D 37 -10.79 -32.41 51.67
CA GLU D 37 -9.93 -33.53 51.28
C GLU D 37 -10.73 -34.40 50.31
N LEU D 38 -10.10 -34.73 49.18
CA LEU D 38 -10.71 -35.52 48.11
C LEU D 38 -9.90 -36.81 47.99
N PRO D 39 -10.58 -37.92 47.64
CA PRO D 39 -9.92 -39.24 47.59
C PRO D 39 -9.03 -39.50 46.38
N ASN D 40 -9.13 -38.66 45.35
CA ASN D 40 -8.26 -38.78 44.19
C ASN D 40 -8.08 -37.42 43.51
N ARG D 41 -7.23 -37.37 42.47
CA ARG D 41 -6.88 -36.12 41.80
C ARG D 41 -7.52 -36.02 40.41
N MET D 42 -8.56 -36.81 40.14
CA MET D 42 -9.26 -36.74 38.87
C MET D 42 -10.47 -35.83 39.01
N VAL D 43 -10.55 -34.89 38.06
CA VAL D 43 -11.69 -33.98 38.08
C VAL D 43 -12.52 -34.21 36.81
N MET D 44 -13.84 -34.23 36.92
CA MET D 44 -14.69 -34.21 35.74
C MET D 44 -14.77 -32.76 35.33
N ALA D 45 -14.30 -32.50 34.11
CA ALA D 45 -14.23 -31.14 33.59
C ALA D 45 -15.64 -30.60 33.38
N PRO D 46 -15.83 -29.26 33.40
CA PRO D 46 -17.16 -28.72 33.08
C PRO D 46 -17.55 -28.99 31.62
N LEU D 47 -18.78 -29.49 31.41
CA LEU D 47 -19.16 -29.95 30.07
C LEU D 47 -20.59 -29.56 29.74
N THR D 48 -20.72 -28.58 28.85
CA THR D 48 -22.01 -28.18 28.34
C THR D 48 -22.63 -29.34 27.56
N ARG D 49 -23.86 -29.73 27.93
CA ARG D 49 -24.55 -30.88 27.34
C ARG D 49 -25.93 -30.51 26.78
N ASN D 50 -26.37 -29.29 27.08
CA ASN D 50 -27.63 -28.74 26.50
C ASN D 50 -28.80 -29.69 26.76
N ARG D 51 -28.96 -30.13 28.00
CA ARG D 51 -30.04 -31.07 28.38
C ARG D 51 -30.90 -30.55 29.55
N ALA D 52 -31.07 -29.26 29.61
CA ALA D 52 -31.91 -28.69 30.65
C ALA D 52 -33.40 -28.82 30.24
N GLY D 53 -34.27 -28.68 31.22
CA GLY D 53 -35.70 -28.68 30.98
C GLY D 53 -36.25 -27.27 30.82
N GLU D 54 -37.58 -27.17 30.83
CA GLU D 54 -38.24 -25.88 30.60
C GLU D 54 -37.71 -24.84 31.58
N GLY D 55 -37.38 -23.66 31.03
CA GLY D 55 -37.03 -22.55 31.91
C GLY D 55 -35.58 -22.69 32.35
N ASN D 56 -34.80 -23.45 31.60
CA ASN D 56 -33.37 -23.71 31.83
C ASN D 56 -33.15 -24.39 33.18
N VAL D 57 -34.13 -25.24 33.57
CA VAL D 57 -34.11 -25.83 34.91
C VAL D 57 -33.50 -27.24 34.84
N PRO D 58 -32.48 -27.61 35.66
CA PRO D 58 -32.03 -29.01 35.67
C PRO D 58 -33.16 -29.96 36.09
N ARG D 59 -33.03 -31.24 35.68
CA ARG D 59 -34.07 -32.24 35.81
C ARG D 59 -33.48 -33.58 36.26
N GLU D 60 -34.34 -34.55 36.46
CA GLU D 60 -33.92 -35.83 37.02
C GLU D 60 -32.84 -36.48 36.14
N LEU D 61 -32.95 -36.33 34.83
CA LEU D 61 -31.93 -36.91 33.93
C LEU D 61 -30.54 -36.35 34.19
N ASN D 62 -30.49 -35.07 34.51
CA ASN D 62 -29.23 -34.40 34.77
C ASN D 62 -28.63 -34.93 36.09
N ALA D 63 -29.48 -35.12 37.11
CA ALA D 63 -29.05 -35.64 38.40
C ALA D 63 -28.44 -37.04 38.21
N GLU D 64 -29.07 -37.84 37.36
CA GLU D 64 -28.60 -39.20 37.12
C GLU D 64 -27.24 -39.18 36.44
N TYR D 65 -27.10 -38.36 35.42
CA TYR D 65 -25.83 -38.20 34.71
C TYR D 65 -24.72 -37.85 35.70
N TYR D 66 -24.97 -36.87 36.57
CA TYR D 66 -23.89 -36.47 37.49
C TYR D 66 -23.60 -37.55 38.55
N ALA D 67 -24.64 -38.23 38.98
CA ALA D 67 -24.48 -39.24 40.01
C ALA D 67 -23.70 -40.45 39.49
N GLN D 68 -23.80 -40.71 38.18
CA GLN D 68 -23.03 -41.80 37.58
C GLN D 68 -21.51 -41.53 37.63
N ARG D 69 -21.13 -40.26 37.86
CA ARG D 69 -19.75 -39.78 37.68
C ARG D 69 -19.09 -39.37 39.00
N VAL D 70 -19.77 -39.76 40.10
CA VAL D 70 -19.39 -39.38 41.47
C VAL D 70 -18.00 -39.91 41.88
N SER D 71 -17.42 -40.87 41.13
CA SER D 71 -16.11 -41.39 41.51
C SER D 71 -15.00 -40.39 41.15
N ALA D 72 -15.35 -39.32 40.41
CA ALA D 72 -14.39 -38.22 40.26
C ALA D 72 -14.15 -37.61 41.65
N GLY D 73 -12.92 -37.17 41.95
CA GLY D 73 -12.66 -36.50 43.22
C GLY D 73 -13.48 -35.20 43.33
N LEU D 74 -13.60 -34.50 42.22
CA LEU D 74 -14.41 -33.30 42.08
C LEU D 74 -15.12 -33.27 40.74
N ILE D 75 -16.45 -33.01 40.78
CA ILE D 75 -17.16 -32.69 39.54
C ILE D 75 -17.33 -31.19 39.44
N ILE D 76 -17.10 -30.64 38.25
CA ILE D 76 -17.47 -29.26 37.96
C ILE D 76 -18.62 -29.36 36.98
N THR D 77 -19.73 -28.65 37.27
CA THR D 77 -20.87 -28.69 36.37
C THR D 77 -20.52 -28.07 35.01
N GLU D 78 -21.38 -28.44 34.04
CA GLU D 78 -21.54 -27.65 32.82
C GLU D 78 -21.68 -26.18 33.21
N ALA D 79 -21.15 -25.34 32.33
CA ALA D 79 -21.37 -23.90 32.41
C ALA D 79 -22.86 -23.59 32.60
N THR D 80 -23.16 -22.64 33.53
CA THR D 80 -24.53 -22.37 33.96
C THR D 80 -24.74 -20.87 34.05
N GLN D 81 -25.63 -20.37 33.21
CA GLN D 81 -25.78 -18.93 33.08
C GLN D 81 -26.32 -18.28 34.35
N VAL D 82 -25.68 -17.14 34.70
CA VAL D 82 -26.15 -16.34 35.85
C VAL D 82 -27.36 -15.45 35.52
N SER D 83 -27.78 -15.40 34.25
CA SER D 83 -28.91 -14.56 33.83
C SER D 83 -29.35 -14.96 32.43
N PRO D 84 -30.64 -14.78 32.07
CA PRO D 84 -31.08 -15.00 30.70
C PRO D 84 -30.18 -14.26 29.69
N GLN D 85 -29.72 -13.04 30.03
CA GLN D 85 -28.81 -12.24 29.21
C GLN D 85 -27.58 -13.08 28.86
N GLY D 86 -27.12 -13.83 29.86
CA GLY D 86 -25.89 -14.57 29.76
C GLY D 86 -26.03 -15.93 29.08
N LEU D 87 -27.19 -16.25 28.47
CA LEU D 87 -27.37 -17.49 27.71
C LEU D 87 -26.87 -17.34 26.27
N GLY D 88 -26.25 -18.39 25.73
CA GLY D 88 -25.89 -18.29 24.31
C GLY D 88 -26.01 -19.61 23.53
N TYR D 89 -26.60 -20.64 24.15
CA TYR D 89 -26.85 -21.92 23.47
C TYR D 89 -28.18 -22.49 23.96
N PRO D 90 -28.96 -23.19 23.10
CA PRO D 90 -30.19 -23.85 23.56
C PRO D 90 -30.00 -24.82 24.74
N PHE D 91 -31.00 -24.86 25.62
CA PHE D 91 -31.13 -25.89 26.64
C PHE D 91 -30.01 -25.92 27.69
N THR D 92 -29.29 -24.81 27.95
CA THR D 92 -28.31 -24.84 29.02
C THR D 92 -28.99 -24.42 30.32
N PRO D 93 -28.56 -24.92 31.49
CA PRO D 93 -29.23 -24.59 32.74
C PRO D 93 -28.69 -23.25 33.26
N GLY D 94 -29.54 -22.61 34.05
CA GLY D 94 -29.18 -21.36 34.69
C GLY D 94 -29.10 -21.48 36.20
N ILE D 95 -28.75 -20.37 36.86
CA ILE D 95 -28.70 -20.39 38.33
C ILE D 95 -29.29 -19.07 38.86
N HIS D 96 -30.14 -18.40 38.09
CA HIS D 96 -30.75 -17.14 38.50
C HIS D 96 -32.13 -17.26 39.16
N SER D 97 -32.90 -18.29 38.78
CA SER D 97 -34.27 -18.41 39.24
C SER D 97 -34.40 -19.40 40.40
N GLN D 98 -35.49 -19.25 41.20
CA GLN D 98 -35.77 -20.20 42.28
C GLN D 98 -36.03 -21.62 41.73
N GLU D 99 -36.66 -21.71 40.55
CA GLU D 99 -36.97 -23.04 40.01
C GLU D 99 -35.68 -23.73 39.65
N GLN D 100 -34.71 -22.94 39.16
CA GLN D 100 -33.42 -23.49 38.80
C GLN D 100 -32.69 -23.98 40.05
N VAL D 101 -32.72 -23.18 41.13
CA VAL D 101 -32.20 -23.65 42.42
C VAL D 101 -32.78 -25.02 42.78
N GLU D 102 -34.10 -25.18 42.68
CA GLU D 102 -34.76 -26.41 43.07
C GLU D 102 -34.31 -27.56 42.17
N GLY D 103 -34.19 -27.28 40.86
CA GLY D 103 -33.67 -28.24 39.89
C GLY D 103 -32.25 -28.73 40.27
N TRP D 104 -31.38 -27.79 40.62
CA TRP D 104 -30.00 -28.06 40.95
C TRP D 104 -29.86 -28.89 42.23
N ARG D 105 -30.87 -28.75 43.10
CA ARG D 105 -31.00 -29.49 44.35
C ARG D 105 -31.12 -30.98 44.06
N LEU D 106 -31.73 -31.33 42.91
CA LEU D 106 -31.84 -32.73 42.54
C LEU D 106 -30.42 -33.25 42.32
N VAL D 107 -29.58 -32.44 41.66
CA VAL D 107 -28.23 -32.84 41.28
C VAL D 107 -27.33 -32.94 42.51
N THR D 108 -27.37 -31.89 43.35
CA THR D 108 -26.48 -31.90 44.49
C THR D 108 -26.87 -33.03 45.46
N LYS D 109 -28.18 -33.28 45.64
CA LYS D 109 -28.63 -34.35 46.51
C LYS D 109 -28.05 -35.66 45.97
N ALA D 110 -28.20 -35.90 44.65
CA ALA D 110 -27.85 -37.20 44.09
C ALA D 110 -26.36 -37.44 44.23
N VAL D 111 -25.54 -36.39 44.04
CA VAL D 111 -24.10 -36.54 44.14
C VAL D 111 -23.71 -36.75 45.61
N HIS D 112 -24.38 -36.03 46.49
CA HIS D 112 -23.98 -36.12 47.88
C HIS D 112 -24.42 -37.44 48.50
N ASP D 113 -25.52 -37.98 48.01
CA ASP D 113 -26.08 -39.23 48.51
C ASP D 113 -25.05 -40.32 48.24
N ARG D 114 -24.24 -40.09 47.19
CA ARG D 114 -23.24 -41.07 46.76
C ARG D 114 -21.82 -40.65 47.15
N GLY D 115 -21.69 -39.61 48.00
CA GLY D 115 -20.38 -39.29 48.60
C GLY D 115 -19.46 -38.45 47.71
N GLY D 116 -20.00 -37.78 46.67
CA GLY D 116 -19.19 -36.98 45.76
C GLY D 116 -19.10 -35.50 46.16
N LYS D 117 -18.32 -34.76 45.38
CA LYS D 117 -18.14 -33.31 45.53
C LYS D 117 -18.43 -32.64 44.19
N ILE D 118 -19.06 -31.47 44.21
CA ILE D 118 -19.52 -30.84 42.98
C ILE D 118 -19.53 -29.32 43.18
N PHE D 119 -18.87 -28.64 42.21
CA PHE D 119 -18.90 -27.20 42.13
C PHE D 119 -19.70 -26.77 40.92
N LEU D 120 -20.45 -25.67 41.06
CA LEU D 120 -21.22 -25.13 39.95
C LEU D 120 -20.40 -24.10 39.18
N GLN D 121 -20.41 -24.23 37.84
CA GLN D 121 -19.60 -23.33 37.01
C GLN D 121 -20.45 -22.14 36.58
N LEU D 122 -20.14 -20.94 37.12
CA LEU D 122 -20.94 -19.73 36.90
C LEU D 122 -20.55 -19.07 35.58
N TRP D 123 -21.54 -18.88 34.68
CA TRP D 123 -21.30 -18.50 33.29
C TRP D 123 -22.00 -17.20 32.89
N HIS D 124 -21.38 -16.47 31.98
CA HIS D 124 -22.05 -15.47 31.15
C HIS D 124 -21.38 -15.50 29.79
N VAL D 125 -22.17 -15.67 28.72
CA VAL D 125 -21.62 -15.87 27.39
C VAL D 125 -21.18 -14.57 26.74
N GLY D 126 -21.65 -13.41 27.28
CA GLY D 126 -21.26 -12.21 26.58
C GLY D 126 -21.80 -12.20 25.15
N ARG D 127 -20.92 -11.85 24.20
CA ARG D 127 -21.32 -11.67 22.80
C ARG D 127 -21.56 -13.02 22.09
N ILE D 128 -21.21 -14.14 22.75
CA ILE D 128 -21.37 -15.46 22.14
C ILE D 128 -22.81 -15.94 22.40
N SER D 129 -23.72 -15.30 21.64
CA SER D 129 -25.14 -15.51 21.76
C SER D 129 -25.78 -14.99 20.46
N HIS D 130 -27.13 -14.82 20.47
CA HIS D 130 -27.83 -14.31 19.32
C HIS D 130 -29.09 -13.64 19.83
N PRO D 131 -29.64 -12.60 19.18
CA PRO D 131 -30.95 -12.08 19.60
C PRO D 131 -32.04 -13.17 19.67
N ASP D 132 -31.95 -14.20 18.83
CA ASP D 132 -32.92 -15.28 18.87
C ASP D 132 -32.99 -15.95 20.25
N LEU D 133 -31.86 -15.96 21.00
CA LEU D 133 -31.76 -16.65 22.29
C LEU D 133 -32.11 -15.68 23.41
N GLN D 134 -32.26 -14.40 23.07
CA GLN D 134 -32.48 -13.36 24.08
C GLN D 134 -33.96 -13.05 24.21
N VAL D 135 -34.38 -12.69 25.44
CA VAL D 135 -35.74 -12.19 25.68
C VAL D 135 -35.97 -10.90 24.87
N ASP D 136 -36.96 -10.97 23.97
CA ASP D 136 -37.49 -9.83 23.22
C ASP D 136 -36.47 -9.34 22.19
N GLY D 137 -35.61 -10.26 21.72
CA GLY D 137 -34.68 -9.95 20.65
C GLY D 137 -33.58 -8.98 21.08
N ALA D 138 -33.27 -8.91 22.38
CA ALA D 138 -32.26 -7.97 22.84
C ALA D 138 -30.91 -8.38 22.26
N LEU D 139 -30.01 -7.40 22.03
CA LEU D 139 -28.67 -7.74 21.57
C LEU D 139 -27.92 -8.38 22.73
N PRO D 140 -27.18 -9.48 22.46
CA PRO D 140 -26.16 -9.91 23.44
C PRO D 140 -25.30 -8.71 23.89
N VAL D 141 -24.75 -8.76 25.11
CA VAL D 141 -23.91 -7.70 25.67
C VAL D 141 -22.44 -8.15 25.74
N ALA D 142 -21.52 -7.17 25.79
CA ALA D 142 -20.09 -7.42 25.62
C ALA D 142 -19.33 -6.23 26.15
N PRO D 143 -17.99 -6.31 26.37
CA PRO D 143 -17.25 -5.11 26.70
C PRO D 143 -17.32 -4.09 25.56
N SER D 144 -17.34 -4.57 24.28
CA SER D 144 -17.34 -3.63 23.17
C SER D 144 -18.25 -4.15 22.06
N ALA D 145 -18.68 -3.26 21.16
CA ALA D 145 -19.53 -3.62 20.05
C ALA D 145 -18.70 -4.22 18.90
N ILE D 146 -18.23 -5.47 19.14
CA ILE D 146 -17.42 -6.16 18.14
C ILE D 146 -17.95 -7.59 18.08
N ALA D 147 -18.37 -8.02 16.89
CA ALA D 147 -18.83 -9.38 16.69
C ALA D 147 -17.62 -10.33 16.57
N PRO D 148 -17.73 -11.60 17.01
CA PRO D 148 -16.70 -12.61 16.76
C PRO D 148 -16.39 -12.67 15.26
N SER D 149 -15.09 -12.71 14.97
CA SER D 149 -14.45 -12.79 13.65
C SER D 149 -14.74 -14.12 12.96
N GLU D 150 -14.91 -15.17 13.78
CA GLU D 150 -15.00 -16.54 13.30
C GLU D 150 -16.26 -17.15 13.90
N GLY D 151 -16.76 -18.23 13.29
CA GLY D 151 -17.84 -19.00 13.92
C GLY D 151 -19.22 -18.39 13.73
N MET D 152 -20.22 -19.14 14.20
CA MET D 152 -21.62 -18.76 14.07
C MET D 152 -22.36 -19.03 15.38
N ALA D 153 -23.39 -18.22 15.64
CA ALA D 153 -24.26 -18.44 16.79
C ALA D 153 -25.13 -19.68 16.65
N ALA D 154 -25.31 -20.36 17.79
CA ALA D 154 -26.11 -21.57 17.91
C ALA D 154 -27.53 -21.21 18.38
N THR D 155 -28.50 -21.16 17.46
CA THR D 155 -29.85 -20.73 17.83
C THR D 155 -30.78 -21.94 17.92
N TYR D 156 -32.00 -21.69 18.33
CA TYR D 156 -33.00 -22.73 18.38
C TYR D 156 -33.18 -23.33 16.99
N GLU D 157 -33.12 -22.49 15.95
CA GLU D 157 -33.44 -22.94 14.61
C GLU D 157 -32.23 -23.55 13.92
N GLY D 158 -31.03 -23.26 14.45
CA GLY D 158 -29.78 -23.72 13.83
C GLY D 158 -28.72 -22.63 13.87
N GLU D 159 -27.59 -22.81 13.16
CA GLU D 159 -26.55 -21.78 13.24
C GLU D 159 -26.91 -20.59 12.36
N LYS D 160 -26.67 -19.40 12.90
CA LYS D 160 -26.97 -18.12 12.26
C LYS D 160 -25.77 -17.19 12.49
N PRO D 161 -25.42 -16.27 11.56
CA PRO D 161 -24.33 -15.31 11.83
C PRO D 161 -24.48 -14.60 13.18
N TYR D 162 -23.35 -14.29 13.82
CA TYR D 162 -23.36 -13.45 15.00
C TYR D 162 -23.84 -12.08 14.54
N VAL D 163 -24.47 -11.31 15.41
CA VAL D 163 -24.66 -9.87 15.24
C VAL D 163 -23.66 -9.13 16.13
N THR D 164 -23.54 -7.83 15.87
CA THR D 164 -22.67 -7.02 16.70
C THR D 164 -23.35 -6.87 18.06
N PRO D 165 -22.63 -7.15 19.17
CA PRO D 165 -23.24 -7.03 20.48
C PRO D 165 -23.36 -5.55 20.87
N ARG D 166 -24.03 -5.32 21.98
CA ARG D 166 -24.15 -4.01 22.58
C ARG D 166 -23.09 -3.90 23.66
N ALA D 167 -22.33 -2.79 23.63
CA ALA D 167 -21.32 -2.58 24.65
C ALA D 167 -21.99 -2.16 25.93
N LEU D 168 -21.62 -2.82 27.02
CA LEU D 168 -22.20 -2.51 28.32
C LEU D 168 -21.81 -1.09 28.73
N GLU D 169 -22.75 -0.32 29.29
CA GLU D 169 -22.37 1.01 29.76
C GLU D 169 -21.60 0.84 31.08
N THR D 170 -20.78 1.87 31.46
CA THR D 170 -20.03 1.79 32.71
C THR D 170 -20.96 1.49 33.89
N ALA D 171 -22.10 2.17 33.99
CA ALA D 171 -23.08 2.01 35.07
C ALA D 171 -23.81 0.67 35.03
N GLU D 172 -23.56 -0.14 33.98
CA GLU D 172 -24.08 -1.49 33.90
C GLU D 172 -23.16 -2.52 34.55
N ILE D 173 -21.89 -2.15 34.77
CA ILE D 173 -20.95 -3.17 35.25
C ILE D 173 -21.36 -3.64 36.65
N PRO D 174 -21.80 -2.78 37.60
CA PRO D 174 -22.24 -3.31 38.90
C PRO D 174 -23.35 -4.32 38.80
N GLY D 175 -24.23 -4.15 37.80
CA GLY D 175 -25.34 -5.07 37.57
C GLY D 175 -24.81 -6.45 37.11
N ILE D 176 -23.69 -6.46 36.35
CA ILE D 176 -23.03 -7.71 35.96
C ILE D 176 -22.45 -8.40 37.20
N VAL D 177 -21.66 -7.67 37.98
CA VAL D 177 -21.16 -8.24 39.23
C VAL D 177 -22.32 -8.81 40.07
N GLU D 178 -23.45 -8.09 40.16
CA GLU D 178 -24.56 -8.55 40.96
C GLU D 178 -25.16 -9.84 40.39
N GLN D 179 -25.18 -10.02 39.06
CA GLN D 179 -25.59 -11.32 38.52
C GLN D 179 -24.72 -12.44 39.11
N TYR D 180 -23.41 -12.22 39.13
CA TYR D 180 -22.55 -13.27 39.65
C TYR D 180 -22.77 -13.48 41.15
N ARG D 181 -22.84 -12.38 41.91
CA ARG D 181 -23.07 -12.46 43.34
C ARG D 181 -24.36 -13.22 43.66
N GLN D 182 -25.48 -12.90 42.99
CA GLN D 182 -26.73 -13.60 43.24
C GLN D 182 -26.63 -15.07 42.77
N GLY D 183 -25.98 -15.27 41.60
CA GLY D 183 -25.67 -16.60 41.08
C GLY D 183 -24.99 -17.46 42.14
N ALA D 184 -23.96 -16.86 42.75
CA ALA D 184 -23.22 -17.55 43.78
C ALA D 184 -24.07 -17.85 45.02
N LYS D 185 -24.94 -16.91 45.44
CA LYS D 185 -25.85 -17.21 46.54
C LYS D 185 -26.82 -18.33 46.21
N ASN D 186 -27.31 -18.30 44.98
CA ASN D 186 -28.27 -19.32 44.54
C ASN D 186 -27.64 -20.73 44.47
N ALA D 187 -26.37 -20.82 44.02
CA ALA D 187 -25.58 -22.06 44.03
C ALA D 187 -25.34 -22.55 45.46
N LEU D 188 -25.12 -21.64 46.44
CA LEU D 188 -25.00 -22.04 47.84
C LEU D 188 -26.34 -22.60 48.34
N ALA D 189 -27.43 -21.90 48.04
CA ALA D 189 -28.77 -22.37 48.39
C ALA D 189 -29.11 -23.76 47.81
N ALA D 190 -28.59 -24.03 46.62
CA ALA D 190 -28.81 -25.29 45.90
C ALA D 190 -28.03 -26.43 46.51
N GLY D 191 -27.05 -26.11 47.40
CA GLY D 191 -26.32 -27.15 48.12
C GLY D 191 -24.98 -27.56 47.49
N PHE D 192 -24.42 -26.75 46.58
CA PHE D 192 -23.12 -27.00 46.00
C PHE D 192 -22.02 -26.92 47.03
N ASP D 193 -20.96 -27.69 46.76
CA ASP D 193 -19.77 -27.59 47.59
C ASP D 193 -18.96 -26.31 47.35
N GLY D 194 -19.20 -25.65 46.22
CA GLY D 194 -18.40 -24.54 45.78
C GLY D 194 -18.85 -24.10 44.40
N VAL D 195 -18.15 -23.09 43.87
CA VAL D 195 -18.42 -22.55 42.55
C VAL D 195 -17.11 -22.29 41.82
N GLU D 196 -17.16 -22.47 40.48
CA GLU D 196 -16.05 -22.12 39.60
C GLU D 196 -16.50 -20.90 38.80
N ILE D 197 -15.66 -19.88 38.75
CA ILE D 197 -15.94 -18.74 37.90
C ILE D 197 -15.41 -19.08 36.50
N HIS D 198 -16.30 -19.11 35.51
CA HIS D 198 -15.86 -19.35 34.14
C HIS D 198 -15.27 -18.08 33.53
N SER D 199 -13.93 -17.98 33.53
CA SER D 199 -13.32 -16.83 32.87
C SER D 199 -12.48 -17.28 31.68
N ALA D 200 -12.96 -18.35 31.02
CA ALA D 200 -12.24 -18.95 29.90
C ALA D 200 -13.08 -18.96 28.60
N ASN D 201 -12.41 -19.42 27.53
CA ASN D 201 -13.01 -19.94 26.31
C ASN D 201 -13.85 -18.85 25.62
N GLY D 202 -13.46 -17.58 25.80
CA GLY D 202 -14.02 -16.52 24.96
C GLY D 202 -15.37 -15.96 25.43
N TYR D 203 -15.81 -16.35 26.65
CA TYR D 203 -17.08 -15.84 27.20
C TYR D 203 -16.91 -14.44 27.80
N LEU D 204 -17.93 -13.92 28.50
CA LEU D 204 -17.96 -12.50 28.84
C LEU D 204 -16.64 -12.08 29.54
N LEU D 205 -16.24 -12.75 30.65
CA LEU D 205 -15.09 -12.27 31.40
C LEU D 205 -13.84 -12.36 30.52
N ASP D 206 -13.72 -13.45 29.70
CA ASP D 206 -12.60 -13.57 28.78
C ASP D 206 -12.59 -12.47 27.70
N GLN D 207 -13.79 -12.06 27.27
CA GLN D 207 -13.92 -10.97 26.31
C GLN D 207 -13.35 -9.69 26.91
N PHE D 208 -13.64 -9.45 28.20
CA PHE D 208 -13.07 -8.27 28.85
C PHE D 208 -11.55 -8.39 28.95
N LEU D 209 -11.03 -9.63 29.20
CA LEU D 209 -9.58 -9.77 29.33
C LEU D 209 -8.79 -9.41 28.06
N HIS D 210 -9.32 -9.68 26.85
CA HIS D 210 -8.54 -9.58 25.63
C HIS D 210 -8.59 -8.20 24.97
N ASP D 211 -7.45 -7.65 24.53
CA ASP D 211 -7.50 -6.34 23.89
C ASP D 211 -8.01 -6.33 22.46
N GLY D 212 -8.22 -7.50 21.82
CA GLY D 212 -8.93 -7.60 20.55
C GLY D 212 -10.46 -7.53 20.70
N SER D 213 -11.00 -7.88 21.88
CA SER D 213 -12.43 -7.85 22.12
C SER D 213 -12.86 -6.73 23.07
N ASN D 214 -11.89 -6.09 23.75
CA ASN D 214 -12.19 -5.04 24.71
C ASN D 214 -11.47 -3.75 24.28
N HIS D 215 -12.23 -2.83 23.67
CA HIS D 215 -11.71 -1.52 23.28
C HIS D 215 -12.24 -0.40 24.16
N ARG D 216 -12.57 -0.73 25.40
CA ARG D 216 -13.26 0.21 26.28
C ARG D 216 -12.32 1.34 26.71
N THR D 217 -12.91 2.48 27.11
CA THR D 217 -12.15 3.67 27.45
C THR D 217 -12.28 3.98 28.95
N ASP D 218 -13.16 3.21 29.64
CA ASP D 218 -13.39 3.39 31.07
C ASP D 218 -12.44 2.51 31.90
N GLU D 219 -12.73 2.34 33.20
CA GLU D 219 -11.77 1.65 34.06
C GLU D 219 -11.71 0.16 33.74
N TYR D 220 -12.57 -0.29 32.81
CA TYR D 220 -12.68 -1.70 32.48
C TYR D 220 -11.97 -2.04 31.16
N GLY D 221 -11.24 -1.07 30.62
CA GLY D 221 -10.51 -1.27 29.38
C GLY D 221 -9.18 -0.55 29.38
N GLY D 222 -8.38 -0.79 28.34
CA GLY D 222 -7.10 -0.12 28.20
C GLY D 222 -5.99 -0.97 28.82
N SER D 223 -5.47 -0.57 29.99
CA SER D 223 -4.40 -1.30 30.66
C SER D 223 -4.81 -2.75 30.93
N ILE D 224 -3.79 -3.60 31.15
CA ILE D 224 -4.06 -4.99 31.51
C ILE D 224 -4.89 -5.03 32.80
N GLU D 225 -4.46 -4.27 33.81
CA GLU D 225 -5.18 -4.24 35.08
C GLU D 225 -6.66 -3.89 34.88
N ASN D 226 -6.95 -2.93 33.99
CA ASN D 226 -8.32 -2.53 33.77
C ASN D 226 -9.10 -3.65 33.09
N ARG D 227 -8.40 -4.31 32.15
CA ARG D 227 -9.02 -5.41 31.43
C ARG D 227 -9.32 -6.59 32.36
N ALA D 228 -8.49 -6.81 33.39
CA ALA D 228 -8.76 -7.85 34.39
C ALA D 228 -9.71 -7.40 35.51
N ARG D 229 -10.12 -6.13 35.50
CA ARG D 229 -10.84 -5.56 36.63
C ARG D 229 -12.17 -6.29 36.87
N LEU D 230 -12.92 -6.60 35.80
CA LEU D 230 -14.20 -7.22 36.03
C LEU D 230 -14.03 -8.58 36.70
N LEU D 231 -13.09 -9.38 36.17
CA LEU D 231 -12.77 -10.67 36.76
C LEU D 231 -12.42 -10.52 38.23
N MET D 232 -11.59 -9.52 38.57
CA MET D 232 -11.26 -9.35 39.99
C MET D 232 -12.47 -8.92 40.80
N GLU D 233 -13.37 -8.10 40.24
CA GLU D 233 -14.53 -7.68 41.03
C GLU D 233 -15.53 -8.82 41.21
N VAL D 234 -15.73 -9.59 40.14
CA VAL D 234 -16.56 -10.78 40.25
C VAL D 234 -16.01 -11.76 41.31
N THR D 235 -14.72 -12.04 41.22
CA THR D 235 -14.07 -12.98 42.15
C THR D 235 -14.26 -12.47 43.59
N GLU D 236 -14.07 -11.17 43.87
CA GLU D 236 -14.24 -10.65 45.20
C GLU D 236 -15.68 -10.85 45.69
N ALA D 237 -16.63 -10.70 44.80
CA ALA D 237 -18.03 -10.80 45.19
C ALA D 237 -18.45 -12.22 45.51
N VAL D 238 -17.99 -13.16 44.65
CA VAL D 238 -18.23 -14.58 44.83
C VAL D 238 -17.57 -15.09 46.12
N VAL D 239 -16.30 -14.71 46.35
CA VAL D 239 -15.57 -15.02 47.59
C VAL D 239 -16.32 -14.57 48.85
N SER D 240 -16.97 -13.42 48.80
CA SER D 240 -17.63 -12.89 49.98
C SER D 240 -18.85 -13.75 50.35
N VAL D 241 -19.46 -14.36 49.33
CA VAL D 241 -20.55 -15.28 49.54
C VAL D 241 -20.09 -16.61 50.15
N TRP D 242 -19.09 -17.24 49.50
CA TRP D 242 -18.74 -18.64 49.73
C TRP D 242 -17.66 -18.85 50.76
N GLY D 243 -16.77 -17.86 50.94
CA GLY D 243 -15.46 -18.12 51.52
C GLY D 243 -14.50 -18.54 50.41
N ALA D 244 -13.26 -18.02 50.44
CA ALA D 244 -12.33 -18.29 49.36
C ALA D 244 -12.06 -19.78 49.12
N ASP D 245 -12.09 -20.61 50.17
CA ASP D 245 -11.74 -22.02 50.04
C ASP D 245 -12.90 -22.84 49.43
N ARG D 246 -13.88 -22.13 48.86
CA ARG D 246 -15.03 -22.78 48.17
C ARG D 246 -15.20 -22.13 46.79
N VAL D 247 -14.15 -21.47 46.28
CA VAL D 247 -14.21 -20.80 44.97
C VAL D 247 -13.00 -21.12 44.09
N GLY D 248 -13.24 -21.49 42.82
CA GLY D 248 -12.18 -21.61 41.83
C GLY D 248 -12.41 -20.68 40.65
N VAL D 249 -11.34 -20.41 39.91
CA VAL D 249 -11.44 -19.60 38.71
C VAL D 249 -10.89 -20.44 37.54
N ARG D 250 -11.54 -20.42 36.36
CA ARG D 250 -11.01 -21.17 35.22
C ARG D 250 -10.59 -20.18 34.13
N LEU D 251 -9.38 -20.35 33.59
CA LEU D 251 -8.82 -19.54 32.50
C LEU D 251 -8.32 -20.45 31.37
N SER D 252 -8.19 -19.88 30.18
N SER D 252 -8.20 -19.88 30.15
CA SER D 252 -7.68 -20.61 29.04
CA SER D 252 -7.68 -20.57 28.99
C SER D 252 -6.60 -19.74 28.39
C SER D 252 -6.61 -19.66 28.40
N PRO D 253 -5.44 -19.51 29.06
CA PRO D 253 -4.47 -18.51 28.55
C PRO D 253 -4.13 -18.53 27.07
N SER D 254 -3.83 -19.72 26.52
CA SER D 254 -3.46 -19.82 25.11
C SER D 254 -4.64 -19.80 24.14
N GLY D 255 -5.88 -19.85 24.66
CA GLY D 255 -7.09 -20.04 23.86
C GLY D 255 -7.38 -18.88 22.92
N THR D 256 -7.88 -19.18 21.71
CA THR D 256 -8.41 -18.12 20.85
C THR D 256 -9.90 -18.35 20.53
N PHE D 257 -10.44 -19.48 21.00
CA PHE D 257 -11.82 -19.89 20.79
C PHE D 257 -12.69 -18.72 21.23
N GLY D 258 -13.74 -18.48 20.43
CA GLY D 258 -14.60 -17.32 20.63
C GLY D 258 -14.04 -16.09 19.91
N SER D 259 -13.01 -16.28 19.09
CA SER D 259 -12.34 -15.21 18.37
C SER D 259 -11.81 -14.16 19.34
N VAL D 260 -11.21 -14.61 20.44
CA VAL D 260 -10.59 -13.65 21.40
C VAL D 260 -9.09 -13.61 21.14
N TYR D 261 -8.59 -12.43 20.89
CA TYR D 261 -7.17 -12.26 20.56
C TYR D 261 -6.61 -11.15 21.44
N ASP D 262 -5.31 -11.23 21.74
CA ASP D 262 -4.65 -10.26 22.60
C ASP D 262 -3.26 -9.99 22.01
N SER D 263 -2.82 -8.74 22.04
CA SER D 263 -1.51 -8.36 21.51
C SER D 263 -0.34 -8.99 22.30
N ASP D 264 -0.58 -9.32 23.58
CA ASP D 264 0.46 -9.86 24.46
C ASP D 264 -0.20 -10.78 25.48
N LEU D 265 -0.53 -12.02 25.04
CA LEU D 265 -1.14 -13.03 25.90
C LEU D 265 -0.23 -13.31 27.11
N LYS D 266 1.10 -13.37 26.93
CA LYS D 266 1.97 -13.68 28.07
C LYS D 266 1.83 -12.60 29.15
N ALA D 267 1.84 -11.32 28.74
CA ALA D 267 1.76 -10.25 29.73
C ALA D 267 0.40 -10.27 30.42
N LEU D 268 -0.66 -10.45 29.62
CA LEU D 268 -2.02 -10.47 30.13
C LEU D 268 -2.22 -11.55 31.21
N PHE D 269 -1.97 -12.82 30.84
CA PHE D 269 -2.26 -13.90 31.77
C PHE D 269 -1.22 -14.04 32.88
N THR D 270 0.02 -13.56 32.69
CA THR D 270 0.95 -13.48 33.81
C THR D 270 0.38 -12.52 34.84
N TYR D 271 -0.17 -11.39 34.39
CA TYR D 271 -0.76 -10.49 35.38
C TYR D 271 -1.92 -11.18 36.09
N VAL D 272 -2.81 -11.77 35.30
CA VAL D 272 -4.05 -12.31 35.81
C VAL D 272 -3.76 -13.39 36.85
N VAL D 273 -2.92 -14.36 36.48
CA VAL D 273 -2.65 -15.47 37.42
C VAL D 273 -2.01 -14.89 38.69
N ASP D 274 -1.05 -13.98 38.55
CA ASP D 274 -0.47 -13.36 39.74
C ASP D 274 -1.55 -12.65 40.58
N ALA D 275 -2.37 -11.81 39.95
CA ALA D 275 -3.39 -11.11 40.70
C ALA D 275 -4.37 -12.04 41.43
N LEU D 276 -4.65 -13.25 40.91
CA LEU D 276 -5.57 -14.14 41.59
C LEU D 276 -5.03 -14.64 42.94
N ASN D 277 -3.73 -14.47 43.18
CA ASN D 277 -3.12 -14.98 44.41
C ASN D 277 -3.76 -14.32 45.63
N GLN D 278 -4.19 -13.05 45.47
CA GLN D 278 -4.75 -12.25 46.55
C GLN D 278 -5.95 -12.93 47.21
N PHE D 279 -6.64 -13.81 46.48
CA PHE D 279 -7.94 -14.30 46.92
C PHE D 279 -7.82 -15.60 47.69
N GLU D 280 -6.68 -16.28 47.53
CA GLU D 280 -6.44 -17.53 48.25
C GLU D 280 -7.58 -18.51 47.98
N LEU D 281 -7.85 -18.66 46.69
CA LEU D 281 -8.92 -19.50 46.17
C LEU D 281 -8.69 -20.99 46.47
N ALA D 282 -9.79 -21.76 46.31
CA ALA D 282 -9.70 -23.22 46.36
C ALA D 282 -8.76 -23.71 45.26
N TYR D 283 -8.87 -23.13 44.07
CA TYR D 283 -7.95 -23.51 43.00
C TYR D 283 -8.01 -22.50 41.84
N LEU D 284 -6.96 -22.57 41.00
CA LEU D 284 -7.00 -22.09 39.63
C LEU D 284 -7.03 -23.29 38.66
N HIS D 285 -7.92 -23.22 37.67
CA HIS D 285 -8.14 -24.27 36.67
C HIS D 285 -7.74 -23.72 35.32
N LEU D 286 -6.71 -24.36 34.73
CA LEU D 286 -6.15 -23.94 33.45
C LEU D 286 -6.44 -24.95 32.34
N VAL D 287 -6.91 -24.41 31.23
CA VAL D 287 -7.00 -25.15 29.96
C VAL D 287 -5.60 -25.02 29.32
N GLU D 288 -4.93 -26.15 29.14
CA GLU D 288 -3.59 -26.19 28.53
C GLU D 288 -3.62 -25.93 27.01
N PRO D 289 -2.45 -25.55 26.43
CA PRO D 289 -2.31 -25.46 24.99
C PRO D 289 -2.47 -26.81 24.27
N ARG D 290 -2.25 -27.93 24.94
CA ARG D 290 -2.37 -29.27 24.30
C ARG D 290 -2.68 -30.32 25.38
N GLU D 303 3.60 -21.69 24.94
CA GLU D 303 4.42 -21.70 26.17
C GLU D 303 3.57 -21.44 27.41
N LEU D 304 2.34 -20.95 27.25
CA LEU D 304 1.47 -20.61 28.37
C LEU D 304 0.79 -21.84 28.98
N SER D 305 1.58 -22.82 29.42
CA SER D 305 1.07 -24.03 30.06
C SER D 305 1.21 -23.87 31.56
N SER D 306 0.66 -24.84 32.32
CA SER D 306 0.88 -24.95 33.75
C SER D 306 2.38 -24.97 34.12
N LYS D 307 3.23 -25.51 33.23
CA LYS D 307 4.67 -25.43 33.50
C LYS D 307 5.10 -23.98 33.73
N TYR D 308 4.58 -23.08 32.89
CA TYR D 308 4.85 -21.65 32.97
C TYR D 308 4.21 -21.04 34.22
N PHE D 309 2.97 -21.45 34.53
CA PHE D 309 2.22 -20.74 35.54
C PHE D 309 2.47 -21.29 36.94
N ARG D 310 2.99 -22.53 37.04
CA ARG D 310 3.16 -23.15 38.35
C ARG D 310 3.94 -22.26 39.29
N PRO D 311 5.07 -21.61 38.91
CA PRO D 311 5.80 -20.75 39.85
C PRO D 311 5.06 -19.45 40.17
N ILE D 312 4.12 -19.04 39.30
CA ILE D 312 3.43 -17.76 39.43
C ILE D 312 2.29 -17.87 40.42
N TYR D 313 1.47 -18.92 40.27
CA TYR D 313 0.29 -19.12 41.10
C TYR D 313 0.69 -19.89 42.34
N LYS D 314 0.24 -19.43 43.52
CA LYS D 314 0.76 -19.99 44.75
C LYS D 314 0.05 -21.27 45.23
N GLY D 315 -1.25 -21.37 44.92
CA GLY D 315 -2.18 -22.37 45.44
C GLY D 315 -2.32 -23.64 44.59
N THR D 316 -3.53 -24.21 44.59
CA THR D 316 -3.85 -25.48 43.94
C THR D 316 -4.18 -25.27 42.46
N LEU D 317 -3.56 -26.06 41.58
CA LEU D 317 -3.81 -25.94 40.13
C LEU D 317 -4.42 -27.22 39.61
N ILE D 318 -5.53 -27.02 38.87
CA ILE D 318 -6.18 -28.06 38.11
C ILE D 318 -5.79 -27.83 36.66
N SER D 319 -5.31 -28.89 35.99
CA SER D 319 -4.94 -28.77 34.59
C SER D 319 -5.88 -29.62 33.72
N ALA D 320 -6.31 -29.07 32.56
CA ALA D 320 -7.28 -29.70 31.66
C ALA D 320 -6.80 -29.64 30.22
N GLY D 321 -7.04 -30.76 29.49
CA GLY D 321 -7.00 -30.77 28.05
C GLY D 321 -6.09 -31.86 27.50
N GLY D 322 -6.73 -32.77 26.76
CA GLY D 322 -6.04 -33.78 25.99
C GLY D 322 -5.43 -34.87 26.86
N TYR D 323 -5.69 -34.88 28.18
CA TYR D 323 -5.00 -35.87 28.99
C TYR D 323 -5.57 -37.28 28.78
N ASP D 324 -4.74 -38.26 29.12
CA ASP D 324 -5.12 -39.66 29.29
C ASP D 324 -4.52 -40.14 30.62
N ARG D 325 -4.50 -41.46 30.84
CA ARG D 325 -3.97 -41.95 32.10
C ARG D 325 -2.49 -41.62 32.18
N GLU D 326 -1.77 -41.98 31.10
CA GLU D 326 -0.32 -41.77 31.10
C GLU D 326 0.06 -40.30 31.32
N SER D 327 -0.61 -39.37 30.63
CA SER D 327 -0.13 -37.98 30.61
C SER D 327 -0.65 -37.26 31.84
N GLY D 328 -1.80 -37.74 32.35
CA GLY D 328 -2.31 -37.26 33.64
C GLY D 328 -1.33 -37.58 34.77
N ASN D 329 -0.88 -38.83 34.81
CA ASN D 329 0.09 -39.21 35.82
C ASN D 329 1.39 -38.43 35.60
N ALA D 330 1.81 -38.18 34.34
CA ALA D 330 3.05 -37.42 34.11
C ALA D 330 3.01 -35.98 34.65
N VAL D 331 1.94 -35.22 34.34
CA VAL D 331 1.82 -33.85 34.81
C VAL D 331 1.83 -33.81 36.35
N LEU D 332 1.24 -34.84 36.99
CA LEU D 332 1.28 -34.87 38.46
C LEU D 332 2.70 -35.12 38.93
N ALA D 333 3.41 -36.02 38.25
CA ALA D 333 4.79 -36.32 38.61
C ALA D 333 5.68 -35.10 38.46
N SER D 334 5.33 -34.26 37.47
CA SER D 334 6.16 -33.12 37.08
C SER D 334 6.10 -32.01 38.14
N GLY D 335 5.01 -32.01 38.92
CA GLY D 335 4.81 -30.95 39.91
C GLY D 335 4.05 -29.74 39.36
N ASP D 336 3.76 -29.77 38.05
CA ASP D 336 3.23 -28.59 37.40
C ASP D 336 1.72 -28.41 37.64
N ALA D 337 1.05 -29.48 38.08
CA ALA D 337 -0.35 -29.40 38.45
C ALA D 337 -0.63 -30.34 39.61
N ASP D 338 -1.76 -30.13 40.30
CA ASP D 338 -2.13 -30.85 41.49
C ASP D 338 -3.35 -31.76 41.26
N LEU D 339 -4.18 -31.39 40.28
CA LEU D 339 -5.32 -32.17 39.86
C LEU D 339 -5.35 -32.17 38.34
N VAL D 340 -5.96 -33.20 37.75
CA VAL D 340 -6.07 -33.27 36.29
C VAL D 340 -7.55 -33.45 35.96
N ALA D 341 -8.09 -32.56 35.09
CA ALA D 341 -9.49 -32.68 34.66
C ALA D 341 -9.57 -33.41 33.31
N TYR D 342 -10.63 -34.19 33.20
CA TYR D 342 -10.95 -34.92 31.98
C TYR D 342 -12.37 -34.55 31.59
N GLY D 343 -12.47 -34.15 30.32
CA GLY D 343 -13.78 -33.88 29.71
C GLY D 343 -14.34 -35.08 28.93
N ARG D 344 -13.93 -35.17 27.69
CA ARG D 344 -14.44 -36.15 26.74
C ARG D 344 -14.44 -37.58 27.28
N LEU D 345 -13.38 -37.98 27.97
CA LEU D 345 -13.34 -39.36 28.47
C LEU D 345 -14.38 -39.57 29.59
N PHE D 346 -14.72 -38.51 30.37
CA PHE D 346 -15.79 -38.63 31.35
C PHE D 346 -17.16 -38.69 30.69
N ILE D 347 -17.34 -38.08 29.50
CA ILE D 347 -18.61 -38.24 28.81
C ILE D 347 -18.91 -39.74 28.62
N SER D 348 -17.91 -40.50 28.13
CA SER D 348 -18.15 -41.88 27.69
C SER D 348 -17.77 -42.91 28.74
N ASN D 349 -17.16 -42.48 29.87
CA ASN D 349 -16.65 -43.40 30.88
C ASN D 349 -17.05 -42.86 32.23
N PRO D 350 -18.25 -43.18 32.73
CA PRO D 350 -18.71 -42.57 33.98
C PRO D 350 -17.78 -43.01 35.09
N ASP D 351 -17.16 -44.20 34.94
CA ASP D 351 -16.26 -44.80 35.92
C ASP D 351 -14.81 -44.69 35.48
N LEU D 352 -14.44 -43.56 34.88
CA LEU D 352 -13.10 -43.37 34.37
C LEU D 352 -12.03 -43.62 35.44
N PRO D 353 -12.18 -43.23 36.74
CA PRO D 353 -11.18 -43.56 37.76
C PRO D 353 -10.91 -45.06 37.87
N GLN D 354 -12.00 -45.83 37.93
CA GLN D 354 -11.84 -47.26 38.11
C GLN D 354 -11.11 -47.84 36.90
N ARG D 355 -11.55 -47.38 35.75
CA ARG D 355 -11.02 -47.85 34.45
C ARG D 355 -9.54 -47.55 34.36
N PHE D 356 -9.08 -46.38 34.76
CA PHE D 356 -7.64 -46.12 34.69
C PHE D 356 -6.94 -47.02 35.73
N ALA D 357 -7.56 -47.18 36.90
CA ALA D 357 -6.88 -47.93 37.98
C ALA D 357 -6.57 -49.34 37.52
N LEU D 358 -7.43 -49.85 36.67
CA LEU D 358 -7.40 -51.26 36.28
C LEU D 358 -6.82 -51.40 34.87
N ASN D 359 -6.43 -50.27 34.25
CA ASN D 359 -5.87 -50.25 32.91
C ASN D 359 -6.86 -50.91 31.94
N ALA D 360 -8.16 -50.70 32.19
CA ALA D 360 -9.16 -51.28 31.31
C ALA D 360 -9.31 -50.43 30.06
N GLN D 361 -9.84 -51.07 29.02
CA GLN D 361 -10.29 -50.40 27.81
C GLN D 361 -11.40 -49.41 28.13
N LEU D 362 -11.49 -48.36 27.31
CA LEU D 362 -12.41 -47.26 27.56
C LEU D 362 -13.50 -47.31 26.51
N ASN D 363 -14.74 -46.92 26.87
CA ASN D 363 -15.82 -46.83 25.87
C ASN D 363 -15.49 -45.69 24.92
N PRO D 364 -15.77 -45.84 23.60
CA PRO D 364 -15.61 -44.74 22.65
C PRO D 364 -16.61 -43.64 23.02
N TYR D 365 -16.21 -42.37 22.82
CA TYR D 365 -17.20 -41.31 22.93
C TYR D 365 -17.79 -41.02 21.56
N ASP D 366 -19.07 -40.60 21.54
CA ASP D 366 -19.76 -40.29 20.31
C ASP D 366 -20.06 -38.79 20.26
N ARG D 367 -19.21 -38.04 19.55
CA ARG D 367 -19.29 -36.59 19.49
C ARG D 367 -20.67 -36.08 19.07
N SER D 368 -21.41 -36.87 18.29
CA SER D 368 -22.63 -36.39 17.69
C SER D 368 -23.69 -36.14 18.76
N SER D 369 -23.51 -36.74 19.96
CA SER D 369 -24.49 -36.51 21.03
C SER D 369 -23.92 -35.73 22.23
N PHE D 370 -22.85 -34.99 21.97
CA PHE D 370 -22.30 -34.14 23.02
C PHE D 370 -23.29 -33.03 23.36
N TYR D 371 -23.76 -32.30 22.34
CA TYR D 371 -24.50 -31.06 22.52
C TYR D 371 -25.97 -31.26 22.15
N GLY D 372 -26.81 -31.45 23.17
CA GLY D 372 -28.25 -31.58 23.00
C GLY D 372 -28.69 -33.04 22.83
N GLY D 373 -30.02 -33.23 22.88
CA GLY D 373 -30.63 -34.55 22.73
C GLY D 373 -31.33 -35.03 23.99
N ASP D 374 -31.39 -36.36 24.13
CA ASP D 374 -32.04 -37.00 25.27
C ASP D 374 -31.03 -37.84 26.08
N LYS D 375 -31.53 -38.86 26.76
CA LYS D 375 -30.64 -39.79 27.44
C LYS D 375 -29.56 -40.40 26.54
N ARG D 376 -29.80 -40.51 25.24
CA ARG D 376 -28.88 -41.27 24.40
C ARG D 376 -27.56 -40.49 24.30
N GLY D 377 -26.44 -41.14 24.60
CA GLY D 377 -25.16 -40.43 24.56
C GLY D 377 -24.92 -39.57 25.81
N TYR D 378 -25.73 -39.78 26.85
CA TYR D 378 -25.67 -38.92 28.02
C TYR D 378 -25.64 -39.79 29.29
N THR D 379 -26.73 -40.52 29.56
CA THR D 379 -26.81 -41.41 30.71
C THR D 379 -26.67 -42.88 30.31
N ASP D 380 -26.47 -43.18 29.02
CA ASP D 380 -26.46 -44.59 28.62
C ASP D 380 -25.07 -45.16 28.31
N TYR D 381 -24.01 -44.46 28.70
CA TYR D 381 -22.68 -45.04 28.53
C TYR D 381 -22.37 -45.88 29.75
N PRO D 382 -22.00 -47.17 29.58
CA PRO D 382 -21.90 -48.09 30.73
C PRO D 382 -20.64 -47.97 31.56
N SER D 383 -20.77 -48.25 32.86
CA SER D 383 -19.62 -48.61 33.68
C SER D 383 -19.26 -50.08 33.45
N LEU D 384 -18.07 -50.47 33.95
CA LEU D 384 -17.50 -51.80 33.80
C LEU D 384 -18.54 -52.85 34.22
C ACT E . 28.48 10.01 -38.99
O ACT E . 29.52 9.68 -39.75
OXT ACT E . 28.45 9.96 -37.76
CH3 ACT E . 27.18 10.32 -39.64
C1 BEN F . 11.83 5.97 -53.85
C2 BEN F . 13.17 5.65 -53.84
C3 BEN F . 14.12 6.65 -53.90
C4 BEN F . 13.74 7.97 -54.01
C5 BEN F . 12.40 8.29 -54.00
C6 BEN F . 11.44 7.31 -53.92
C BEN F . 10.82 4.90 -53.70
N1 BEN F . 11.15 3.69 -54.05
N2 BEN F . 9.65 5.14 -53.23
H1 BEN F . 11.00 3.02 -53.50
H2 BEN F . 13.44 4.75 -53.77
H3 BEN F . 15.05 6.42 -53.91
H4 BEN F . 14.39 8.65 -54.07
H5 BEN F . 12.14 9.20 -54.07
H6 BEN F . 10.53 7.55 -53.91
HN1 BEN F . 11.51 3.54 -54.84
HN21 BEN F . 9.45 4.92 -52.40
HN22 BEN F . 9.04 5.53 -53.74
N1 FMN G . 28.83 6.79 -37.36
C2 FMN G . 27.71 7.16 -36.73
O2 FMN G . 27.71 7.34 -35.52
N3 FMN G . 26.58 7.32 -37.47
C4 FMN G . 26.53 7.19 -38.81
O4 FMN G . 25.45 7.30 -39.42
C4A FMN G . 27.71 6.71 -39.52
N5 FMN G . 27.77 6.68 -40.89
C5A FMN G . 28.85 6.07 -41.45
C6 FMN G . 28.82 5.80 -42.80
C7 FMN G . 29.94 5.22 -43.44
C7M FMN G . 29.94 4.89 -44.93
C8 FMN G . 31.12 4.91 -42.68
C8M FMN G . 32.33 4.35 -43.40
C9 FMN G . 31.16 5.19 -41.33
C9A FMN G . 30.08 5.74 -40.68
N10 FMN G . 30.04 6.00 -39.30
C10 FMN G . 28.86 6.53 -38.70
C1' FMN G . 31.16 5.58 -38.43
C2' FMN G . 30.94 4.07 -38.18
O2' FMN G . 29.78 3.85 -37.31
C3' FMN G . 32.06 3.26 -37.59
O3' FMN G . 32.47 3.83 -36.41
C4' FMN G . 33.21 2.86 -38.48
O4' FMN G . 32.68 2.49 -39.75
C5' FMN G . 33.85 1.67 -37.73
O5' FMN G . 35.02 1.52 -38.31
P FMN G . 35.19 0.40 -39.42
O1P FMN G . 34.53 -0.85 -38.83
O2P FMN G . 34.52 0.82 -40.74
O3P FMN G . 36.68 0.37 -39.56
C ACT H . -8.94 -3.33 -6.06
O ACT H . -9.07 -3.44 -7.26
OXT ACT H . -8.98 -2.22 -5.43
CH3 ACT H . -8.75 -4.62 -5.25
N1 FMN I . -12.09 -2.31 -7.64
C2 FMN I . -11.95 -3.57 -8.17
O2 FMN I . -11.88 -3.68 -9.41
N3 FMN I . -12.00 -4.68 -7.36
C4 FMN I . -12.02 -4.63 -6.01
O4 FMN I . -12.11 -5.65 -5.22
C4A FMN I . -12.17 -3.29 -5.40
N5 FMN I . -12.17 -3.20 -4.06
C5A FMN I . -12.40 -1.99 -3.46
C6 FMN I . -12.52 -1.82 -2.07
C7 FMN I . -12.72 -0.55 -1.52
C7M FMN I . -12.88 -0.41 -0.04
C8 FMN I . -12.78 0.60 -2.43
C8M FMN I . -12.99 2.04 -1.92
C9 FMN I . -12.67 0.48 -3.80
C9A FMN I . -12.41 -0.79 -4.35
N10 FMN I . -12.38 -0.90 -5.75
C10 FMN I . -12.18 -2.17 -6.33
C1' FMN I . -12.58 0.22 -6.65
C2' FMN I . -14.14 0.38 -6.62
O2' FMN I . -14.69 -0.69 -7.52
C3' FMN I . -14.57 1.89 -6.72
O3' FMN I . -15.15 2.53 -5.49
C4' FMN I . -15.21 2.19 -8.03
O4' FMN I . -14.07 1.79 -8.80
C5' FMN I . -15.84 3.66 -8.10
O5' FMN I . -15.70 4.63 -7.03
P FMN I . -16.65 5.35 -5.85
O1P FMN I . -16.23 4.81 -4.51
O2P FMN I . -16.40 6.86 -5.86
O3P FMN I . -18.13 4.99 -6.14
C ACT J . -0.75 19.52 7.88
O ACT J . -0.78 18.29 7.46
OXT ACT J . 0.14 20.31 7.56
CH3 ACT J . -1.84 20.02 8.86
N1 FMN K . 2.72 18.66 8.93
C2 FMN K . 2.64 19.96 9.45
O2 FMN K . 3.41 20.82 8.99
N3 FMN K . 1.76 20.26 10.45
C4 FMN K . 0.84 19.39 10.91
O4 FMN K . 0.02 19.65 11.86
C4A FMN K . 0.86 18.02 10.39
N5 FMN K . 0.00 17.07 10.80
C5A FMN K . 0.16 15.79 10.43
C6 FMN K . -0.70 14.81 10.98
C7 FMN K . -0.53 13.49 10.60
C7M FMN K . -1.49 12.53 11.26
C8 FMN K . 0.46 13.15 9.61
C8M FMN K . 0.62 11.75 9.14
C9 FMN K . 1.32 14.12 9.10
C9A FMN K . 1.20 15.47 9.45
N10 FMN K . 2.06 16.44 8.97
C10 FMN K . 1.89 17.74 9.40
C1' FMN K . 3.20 16.17 8.12
C2' FMN K . 4.30 15.61 9.12
O2' FMN K . 4.84 16.73 9.90
C3' FMN K . 5.57 14.98 8.54
O3' FMN K . 6.18 15.81 7.50
C4' FMN K . 5.41 13.52 8.10
O4' FMN K . 4.61 12.80 9.08
C5' FMN K . 6.83 12.91 8.05
O5' FMN K . 6.86 11.68 7.36
P FMN K . 6.76 10.40 8.21
O1P FMN K . 7.12 9.33 7.26
O2P FMN K . 7.88 10.52 9.24
O3P FMN K . 5.43 10.21 8.83
C ACT L . -17.34 -23.89 26.99
O ACT L . -16.93 -24.65 26.10
OXT ACT L . -16.58 -23.29 27.74
CH3 ACT L . -18.83 -23.83 27.23
N1 FMN M . -15.32 -25.92 29.32
C2 FMN M . -15.93 -25.06 30.19
O2 FMN M . -15.20 -24.35 30.90
N3 FMN M . -17.26 -25.11 30.39
C4 FMN M . -18.13 -25.85 29.69
O4 FMN M . -19.31 -25.83 29.91
C4A FMN M . -17.59 -26.79 28.71
N5 FMN M . -18.37 -27.52 27.86
C5A FMN M . -17.74 -28.50 27.10
C6 FMN M . -18.58 -29.33 26.40
C7 FMN M . -18.00 -30.31 25.60
C7M FMN M . -18.95 -31.18 24.84
C8 FMN M . -16.51 -30.35 25.44
C8M FMN M . -15.84 -31.36 24.55
C9 FMN M . -15.65 -29.54 26.14
C9A FMN M . -16.27 -28.54 26.92
N10 FMN M . -15.53 -27.67 27.72
C10 FMN M . -16.15 -26.78 28.60
C1' FMN M . -14.07 -27.79 27.70
C2' FMN M . -13.81 -28.94 28.71
O2' FMN M . -13.97 -28.54 30.05
C3' FMN M . -12.40 -29.43 28.87
O3' FMN M . -11.43 -28.39 29.03
C4' FMN M . -11.95 -30.31 27.70
O4' FMN M . -13.03 -31.04 27.10
C5' FMN M . -10.99 -31.26 28.37
O5' FMN M . -10.17 -31.75 27.44
P FMN M . -10.45 -33.30 27.18
O1P FMN M . -9.44 -33.74 26.15
O2P FMN M . -10.18 -33.85 28.56
O3P FMN M . -11.90 -33.55 26.66
#